data_6MK7
#
_entry.id   6MK7
#
_entity_poly.entity_id   1
_entity_poly.type   'polypeptide(L)'
_entity_poly.pdbx_seq_one_letter_code
;GAMATAKLATDIENNVRVVVYIRKDVEDNSQTIEKEGQTVTNNDYHKVYDSLKNMSTVKSVTFSSKEEQYEKLTEIMGDN
WKIFEGDANPLYDAYIVEANAPNDVKTIAEDAKKIEGVSEVQDGGA
;
_entity_poly.pdbx_strand_id   A
#
# COMPACT_ATOMS: atom_id res chain seq x y z
N ASN A 15 -6.02 6.51 16.19
CA ASN A 15 -5.54 5.30 16.84
C ASN A 15 -5.88 4.07 16.01
N VAL A 16 -6.35 4.29 14.78
CA VAL A 16 -6.70 3.20 13.90
C VAL A 16 -5.91 3.27 12.60
N ARG A 17 -4.59 3.44 12.73
CA ARG A 17 -3.73 3.52 11.56
C ARG A 17 -3.35 2.13 11.06
N VAL A 18 -3.85 1.77 9.88
CA VAL A 18 -3.55 0.47 9.30
C VAL A 18 -2.94 0.67 7.92
N VAL A 19 -1.87 -0.05 7.63
CA VAL A 19 -1.20 0.05 6.34
C VAL A 19 -1.15 -1.30 5.64
N VAL A 20 -1.62 -1.33 4.40
CA VAL A 20 -1.61 -2.57 3.63
C VAL A 20 -0.57 -2.46 2.50
N TYR A 21 0.45 -3.29 2.57
CA TYR A 21 1.51 -3.30 1.57
C TYR A 21 1.10 -4.18 0.39
N ILE A 22 1.34 -3.68 -0.79
CA ILE A 22 1.00 -4.41 -2.02
C ILE A 22 2.25 -4.94 -2.69
N ARG A 23 2.09 -5.97 -3.53
CA ARG A 23 3.22 -6.57 -4.23
C ARG A 23 4.16 -5.49 -4.73
N LYS A 24 5.44 -5.87 -4.92
CA LYS A 24 6.46 -4.92 -5.36
C LYS A 24 5.87 -3.83 -6.26
N ASP A 25 5.82 -4.09 -7.56
CA ASP A 25 5.27 -3.12 -8.49
C ASP A 25 3.95 -3.61 -9.06
N VAL A 26 3.03 -3.98 -8.16
CA VAL A 26 1.72 -4.45 -8.60
C VAL A 26 1.00 -3.38 -9.41
N GLU A 27 1.33 -2.12 -9.15
CA GLU A 27 0.69 -1.02 -9.86
C GLU A 27 -0.82 -1.07 -9.68
N ASP A 28 -1.26 -1.50 -8.51
CA ASP A 28 -2.70 -1.59 -8.23
C ASP A 28 -3.37 -0.24 -8.47
N ASN A 29 -2.76 0.83 -7.98
CA ASN A 29 -3.32 2.16 -8.14
C ASN A 29 -2.61 2.92 -9.26
N SER A 30 -2.33 2.21 -10.36
CA SER A 30 -1.65 2.82 -11.49
C SER A 30 -2.44 2.60 -12.78
N GLN A 31 -1.80 2.04 -13.81
CA GLN A 31 -2.46 1.77 -15.07
C GLN A 31 -1.48 1.16 -16.04
N THR A 32 -1.94 0.17 -16.80
CA THR A 32 -1.09 -0.49 -17.80
C THR A 32 0.15 -1.09 -17.13
N ILE A 33 0.20 -2.42 -17.06
CA ILE A 33 1.33 -3.09 -16.41
C ILE A 33 2.22 -3.74 -17.46
N GLU A 34 3.52 -3.56 -17.32
CA GLU A 34 4.48 -4.11 -18.26
C GLU A 34 4.79 -5.56 -17.91
N LYS A 35 4.14 -6.47 -18.64
CA LYS A 35 4.34 -7.90 -18.41
C LYS A 35 3.83 -8.70 -19.59
N GLU A 36 4.50 -9.82 -19.86
CA GLU A 36 4.13 -10.70 -20.96
C GLU A 36 4.36 -10.01 -22.30
N GLY A 37 3.47 -9.10 -22.66
CA GLY A 37 3.58 -8.37 -23.91
C GLY A 37 3.42 -6.87 -23.72
N GLN A 38 4.52 -6.21 -23.36
CA GLN A 38 4.50 -4.77 -23.15
C GLN A 38 3.52 -4.40 -22.04
N THR A 39 3.07 -3.14 -22.04
CA THR A 39 2.15 -2.68 -21.03
C THR A 39 0.72 -3.12 -21.37
N VAL A 40 0.04 -3.68 -20.39
CA VAL A 40 -1.32 -4.15 -20.56
C VAL A 40 -2.22 -3.57 -19.49
N THR A 41 -3.40 -3.09 -19.89
CA THR A 41 -4.35 -2.50 -18.95
C THR A 41 -4.41 -3.30 -17.66
N ASN A 42 -4.30 -2.60 -16.53
CA ASN A 42 -4.32 -3.25 -15.24
C ASN A 42 -5.75 -3.48 -14.77
N ASN A 43 -6.15 -4.74 -14.73
CA ASN A 43 -7.50 -5.08 -14.28
C ASN A 43 -7.64 -4.87 -12.77
N ASP A 44 -6.53 -4.52 -12.12
CA ASP A 44 -6.55 -4.27 -10.69
C ASP A 44 -6.59 -2.78 -10.40
N TYR A 45 -6.95 -1.99 -11.40
CA TYR A 45 -7.01 -0.56 -11.23
C TYR A 45 -8.01 -0.18 -10.13
N HIS A 46 -7.50 0.40 -9.05
CA HIS A 46 -8.35 0.80 -7.94
C HIS A 46 -9.11 -0.40 -7.38
N LYS A 47 -8.65 -1.60 -7.72
CA LYS A 47 -9.29 -2.81 -7.24
C LYS A 47 -9.08 -2.97 -5.75
N VAL A 48 -7.85 -2.74 -5.31
CA VAL A 48 -7.51 -2.85 -3.90
C VAL A 48 -8.16 -1.71 -3.11
N TYR A 49 -8.19 -0.53 -3.71
CA TYR A 49 -8.79 0.63 -3.09
C TYR A 49 -10.27 0.40 -2.87
N ASP A 50 -10.92 -0.14 -3.89
CA ASP A 50 -12.36 -0.41 -3.81
C ASP A 50 -12.66 -1.46 -2.76
N SER A 51 -11.79 -2.48 -2.70
CA SER A 51 -11.97 -3.55 -1.74
C SER A 51 -11.75 -3.04 -0.32
N LEU A 52 -10.81 -2.12 -0.17
CA LEU A 52 -10.51 -1.55 1.14
C LEU A 52 -11.54 -0.49 1.50
N LYS A 53 -12.27 -0.01 0.50
CA LYS A 53 -13.28 1.01 0.74
C LYS A 53 -14.61 0.38 1.13
N ASN A 54 -14.91 -0.77 0.54
CA ASN A 54 -16.15 -1.47 0.85
C ASN A 54 -15.97 -2.38 2.06
N MET A 55 -14.81 -2.29 2.72
CA MET A 55 -14.53 -3.11 3.87
C MET A 55 -15.65 -3.02 4.89
N SER A 56 -16.47 -1.96 4.81
CA SER A 56 -17.59 -1.76 5.71
C SER A 56 -17.10 -1.23 7.05
N THR A 57 -16.13 -1.93 7.64
CA THR A 57 -15.57 -1.51 8.91
C THR A 57 -14.44 -0.50 8.68
N VAL A 58 -14.35 0.03 7.48
CA VAL A 58 -13.30 0.99 7.15
C VAL A 58 -13.84 2.41 7.23
N LYS A 59 -12.97 3.34 7.61
CA LYS A 59 -13.36 4.74 7.71
C LYS A 59 -12.85 5.54 6.52
N SER A 60 -11.60 5.27 6.13
CA SER A 60 -10.99 5.96 5.01
C SER A 60 -9.81 5.17 4.47
N VAL A 61 -9.60 5.25 3.16
CA VAL A 61 -8.48 4.53 2.54
C VAL A 61 -7.65 5.47 1.67
N THR A 62 -6.35 5.51 1.92
CA THR A 62 -5.45 6.37 1.15
C THR A 62 -4.33 5.54 0.54
N PHE A 63 -4.12 5.70 -0.76
CA PHE A 63 -3.07 4.95 -1.45
C PHE A 63 -1.75 5.70 -1.37
N SER A 64 -0.77 5.06 -0.72
CA SER A 64 0.55 5.65 -0.58
C SER A 64 1.53 4.94 -1.51
N SER A 65 2.04 5.65 -2.50
CA SER A 65 2.99 5.08 -3.45
C SER A 65 4.30 4.71 -2.74
N LYS A 66 5.07 3.86 -3.39
CA LYS A 66 6.34 3.41 -2.82
C LYS A 66 7.31 4.57 -2.68
N GLU A 67 7.29 5.46 -3.66
CA GLU A 67 8.18 6.62 -3.63
C GLU A 67 7.84 7.53 -2.46
N GLU A 68 6.55 7.68 -2.21
CA GLU A 68 6.10 8.52 -1.10
C GLU A 68 6.36 7.85 0.23
N GLN A 69 6.27 6.53 0.23
CA GLN A 69 6.52 5.76 1.45
C GLN A 69 7.97 5.87 1.86
N TYR A 70 8.87 5.89 0.88
CA TYR A 70 10.29 6.00 1.15
C TYR A 70 10.60 7.36 1.76
N GLU A 71 9.98 8.38 1.22
CA GLU A 71 10.19 9.74 1.74
C GLU A 71 9.56 9.87 3.13
N LYS A 72 8.42 9.24 3.32
CA LYS A 72 7.72 9.28 4.59
C LYS A 72 8.51 8.51 5.65
N LEU A 73 9.09 7.39 5.23
CA LEU A 73 9.88 6.57 6.15
C LEU A 73 11.13 7.31 6.60
N THR A 74 11.74 8.02 5.67
CA THR A 74 12.95 8.77 5.99
C THR A 74 12.62 10.00 6.82
N GLU A 75 11.42 10.53 6.64
CA GLU A 75 10.97 11.69 7.38
C GLU A 75 10.68 11.33 8.84
N ILE A 76 10.16 10.12 9.05
CA ILE A 76 9.81 9.67 10.38
C ILE A 76 11.03 9.07 11.08
N MET A 77 11.95 8.55 10.29
CA MET A 77 13.15 7.95 10.84
C MET A 77 14.39 8.79 10.52
N GLY A 78 14.72 8.87 9.25
CA GLY A 78 15.88 9.65 8.81
C GLY A 78 16.59 8.96 7.66
N ASP A 79 17.81 9.41 7.39
CA ASP A 79 18.61 8.83 6.31
C ASP A 79 19.61 7.82 6.86
N ASN A 80 19.29 7.26 8.02
CA ASN A 80 20.16 6.27 8.65
C ASN A 80 19.38 5.01 9.02
N TRP A 81 18.39 4.68 8.20
CA TRP A 81 17.58 3.49 8.44
C TRP A 81 17.59 2.58 7.22
N LYS A 82 17.93 3.14 6.06
CA LYS A 82 17.99 2.36 4.83
C LYS A 82 19.42 2.25 4.33
N ILE A 83 19.71 1.18 3.61
CA ILE A 83 21.05 0.95 3.07
C ILE A 83 21.04 -0.20 2.06
N PHE A 84 20.01 -0.25 1.24
CA PHE A 84 19.92 -1.31 0.25
C PHE A 84 20.85 -1.04 -0.91
N GLU A 85 20.60 0.06 -1.62
CA GLU A 85 21.43 0.42 -2.77
C GLU A 85 20.85 1.63 -3.48
N GLY A 86 21.53 2.08 -4.53
CA GLY A 86 21.08 3.23 -5.30
C GLY A 86 19.70 2.95 -5.93
N ASP A 87 18.77 3.86 -5.70
CA ASP A 87 17.41 3.70 -6.25
C ASP A 87 16.81 2.37 -5.80
N ALA A 88 17.20 1.93 -4.61
CA ALA A 88 16.70 0.66 -4.07
C ALA A 88 15.19 0.74 -3.84
N ASN A 89 14.52 -0.40 -3.90
CA ASN A 89 13.08 -0.45 -3.72
C ASN A 89 12.70 -1.47 -2.65
N PRO A 90 13.06 -1.21 -1.43
CA PRO A 90 12.75 -2.12 -0.28
C PRO A 90 11.27 -2.07 0.10
N LEU A 91 10.63 -0.95 -0.19
CA LEU A 91 9.22 -0.77 0.12
C LEU A 91 8.40 -0.72 -1.16
N TYR A 92 7.12 -1.10 -1.06
CA TYR A 92 6.25 -1.10 -2.22
C TYR A 92 5.01 -0.24 -1.96
N ASP A 93 3.98 -0.42 -2.77
CA ASP A 93 2.74 0.33 -2.62
C ASP A 93 2.12 0.05 -1.25
N ALA A 94 1.51 1.06 -0.64
CA ALA A 94 0.90 0.91 0.67
C ALA A 94 -0.50 1.50 0.67
N TYR A 95 -1.39 0.88 1.42
CA TYR A 95 -2.77 1.36 1.50
C TYR A 95 -3.12 1.73 2.94
N ILE A 96 -3.20 3.03 3.21
CA ILE A 96 -3.50 3.51 4.55
C ILE A 96 -5.00 3.42 4.81
N VAL A 97 -5.39 2.53 5.70
CA VAL A 97 -6.79 2.33 6.02
C VAL A 97 -7.06 2.71 7.48
N GLU A 98 -8.13 3.45 7.68
CA GLU A 98 -8.52 3.87 9.02
C GLU A 98 -9.65 3.00 9.56
N ALA A 99 -9.32 2.13 10.51
CA ALA A 99 -10.32 1.25 11.11
C ALA A 99 -11.32 2.04 11.93
N ASN A 100 -12.57 1.58 11.96
CA ASN A 100 -13.61 2.28 12.73
C ASN A 100 -13.20 2.37 14.20
N ALA A 101 -12.60 1.31 14.71
CA ALA A 101 -12.18 1.30 16.11
C ALA A 101 -10.79 0.68 16.23
N PRO A 102 -10.11 0.95 17.32
CA PRO A 102 -8.74 0.40 17.57
C PRO A 102 -8.73 -1.12 17.63
N ASN A 103 -9.88 -1.71 17.93
CA ASN A 103 -10.00 -3.16 17.98
C ASN A 103 -10.35 -3.72 16.60
N ASP A 104 -10.62 -2.83 15.65
CA ASP A 104 -10.97 -3.23 14.31
C ASP A 104 -9.72 -3.27 13.42
N VAL A 105 -8.67 -2.58 13.86
CA VAL A 105 -7.42 -2.54 13.10
C VAL A 105 -6.90 -3.95 12.89
N LYS A 106 -7.23 -4.84 13.82
CA LYS A 106 -6.82 -6.23 13.70
C LYS A 106 -7.69 -6.95 12.67
N THR A 107 -8.98 -6.61 12.66
CA THR A 107 -9.93 -7.22 11.74
C THR A 107 -9.67 -6.70 10.32
N ILE A 108 -9.32 -5.45 10.21
CA ILE A 108 -9.06 -4.83 8.93
C ILE A 108 -7.81 -5.42 8.31
N ALA A 109 -6.80 -5.65 9.14
CA ALA A 109 -5.55 -6.20 8.66
C ALA A 109 -5.72 -7.64 8.20
N GLU A 110 -6.53 -8.39 8.94
CA GLU A 110 -6.76 -9.80 8.62
C GLU A 110 -7.60 -9.92 7.35
N ASP A 111 -8.41 -8.90 7.09
CA ASP A 111 -9.26 -8.90 5.91
C ASP A 111 -8.47 -8.45 4.70
N ALA A 112 -7.60 -7.48 4.90
CA ALA A 112 -6.78 -6.97 3.80
C ALA A 112 -5.72 -8.00 3.40
N LYS A 113 -5.41 -8.90 4.32
CA LYS A 113 -4.41 -9.92 4.05
C LYS A 113 -4.88 -10.88 2.96
N LYS A 114 -6.19 -10.86 2.69
CA LYS A 114 -6.76 -11.73 1.67
C LYS A 114 -7.23 -10.91 0.46
N ILE A 115 -6.92 -9.62 0.47
CA ILE A 115 -7.32 -8.76 -0.63
C ILE A 115 -6.27 -8.78 -1.73
N GLU A 116 -6.72 -9.04 -2.95
CA GLU A 116 -5.84 -9.06 -4.12
C GLU A 116 -4.46 -9.64 -3.75
N GLY A 117 -3.40 -8.91 -4.11
CA GLY A 117 -2.06 -9.34 -3.80
C GLY A 117 -1.44 -8.50 -2.68
N VAL A 118 -1.99 -8.63 -1.49
CA VAL A 118 -1.46 -7.90 -0.34
C VAL A 118 -0.15 -8.52 0.13
N SER A 119 0.95 -7.83 -0.13
CA SER A 119 2.27 -8.34 0.26
C SER A 119 2.35 -8.50 1.77
N GLU A 120 1.88 -7.50 2.50
CA GLU A 120 1.92 -7.54 3.96
C GLU A 120 1.09 -6.43 4.56
N VAL A 121 0.70 -6.58 5.80
CA VAL A 121 -0.10 -5.56 6.48
C VAL A 121 0.53 -5.20 7.82
N GLN A 122 0.64 -3.90 8.10
CA GLN A 122 1.22 -3.43 9.35
C GLN A 122 0.22 -2.61 10.14
N ASP A 123 -0.02 -3.02 11.38
CA ASP A 123 -0.96 -2.30 12.23
C ASP A 123 -0.25 -1.21 13.03
N GLY A 124 -0.61 0.04 12.77
CA GLY A 124 0.00 1.16 13.47
C GLY A 124 -0.28 1.09 14.97
N ASN A 15 -4.39 2.79 20.01
CA ASN A 15 -4.00 2.20 18.74
C ASN A 15 -5.01 2.54 17.66
N VAL A 16 -4.53 2.69 16.43
CA VAL A 16 -5.41 3.02 15.31
C VAL A 16 -4.60 3.10 14.02
N ARG A 17 -5.31 3.19 12.89
CA ARG A 17 -4.66 3.29 11.59
C ARG A 17 -4.03 1.95 11.20
N VAL A 18 -4.11 1.62 9.92
CA VAL A 18 -3.55 0.37 9.41
C VAL A 18 -2.99 0.58 8.00
N VAL A 19 -1.91 -0.11 7.70
CA VAL A 19 -1.29 0.02 6.38
C VAL A 19 -1.24 -1.34 5.68
N VAL A 20 -1.75 -1.39 4.45
CA VAL A 20 -1.73 -2.65 3.69
C VAL A 20 -0.72 -2.53 2.54
N TYR A 21 0.31 -3.37 2.57
CA TYR A 21 1.33 -3.36 1.54
C TYR A 21 0.90 -4.18 0.34
N ILE A 22 1.18 -3.66 -0.83
CA ILE A 22 0.82 -4.33 -2.07
C ILE A 22 2.07 -4.91 -2.71
N ARG A 23 1.87 -5.87 -3.63
CA ARG A 23 2.98 -6.51 -4.33
C ARG A 23 4.02 -5.47 -4.75
N LYS A 24 5.23 -5.94 -5.04
CA LYS A 24 6.32 -5.05 -5.43
C LYS A 24 5.81 -3.93 -6.32
N ASP A 25 5.08 -4.29 -7.37
CA ASP A 25 4.54 -3.28 -8.27
C ASP A 25 3.51 -3.90 -9.20
N VAL A 26 2.25 -3.87 -8.79
CA VAL A 26 1.17 -4.42 -9.59
C VAL A 26 0.18 -3.34 -9.99
N GLU A 27 0.51 -2.08 -9.69
CA GLU A 27 -0.36 -0.96 -10.01
C GLU A 27 -1.68 -1.09 -9.26
N ASP A 28 -2.25 0.06 -8.89
CA ASP A 28 -3.52 0.06 -8.15
C ASP A 28 -4.22 1.40 -8.31
N ASN A 29 -3.70 2.41 -7.63
CA ASN A 29 -4.28 3.75 -7.71
C ASN A 29 -4.03 4.37 -9.08
N SER A 30 -3.10 3.79 -9.83
CA SER A 30 -2.77 4.30 -11.15
C SER A 30 -3.97 4.18 -12.10
N GLN A 31 -3.82 3.44 -13.21
CA GLN A 31 -4.91 3.28 -14.15
C GLN A 31 -4.43 2.47 -15.34
N THR A 32 -3.13 2.58 -15.66
CA THR A 32 -2.56 1.84 -16.78
C THR A 32 -1.21 1.23 -16.38
N ILE A 33 -0.80 0.20 -17.12
CA ILE A 33 0.46 -0.46 -16.84
C ILE A 33 1.41 -0.27 -18.03
N GLU A 34 2.65 0.09 -17.72
CA GLU A 34 3.65 0.31 -18.76
C GLU A 34 4.49 -0.95 -18.99
N LYS A 35 4.49 -1.41 -20.21
CA LYS A 35 5.25 -2.61 -20.59
C LYS A 35 6.04 -2.34 -21.87
N GLU A 36 7.36 -2.46 -21.78
CA GLU A 36 8.23 -2.25 -22.94
C GLU A 36 7.84 -0.96 -23.66
N GLY A 37 7.56 0.08 -22.88
CA GLY A 37 7.18 1.37 -23.45
C GLY A 37 5.78 1.32 -24.04
N GLN A 38 4.95 0.42 -23.51
CA GLN A 38 3.58 0.28 -23.98
C GLN A 38 2.58 0.45 -22.83
N THR A 39 1.78 1.50 -22.90
CA THR A 39 0.80 1.77 -21.86
C THR A 39 -0.48 0.97 -22.13
N VAL A 40 -0.82 0.08 -21.20
CA VAL A 40 -2.00 -0.74 -21.35
C VAL A 40 -2.92 -0.57 -20.14
N THR A 41 -4.20 -0.36 -20.40
CA THR A 41 -5.17 -0.17 -19.33
C THR A 41 -5.03 -1.28 -18.28
N ASN A 42 -5.18 -0.89 -17.01
CA ASN A 42 -5.07 -1.85 -15.91
C ASN A 42 -6.45 -2.35 -15.49
N ASN A 43 -6.69 -3.64 -15.69
CA ASN A 43 -7.96 -4.24 -15.31
C ASN A 43 -8.15 -4.20 -13.80
N ASP A 44 -7.05 -4.23 -13.07
CA ASP A 44 -7.12 -4.22 -11.61
C ASP A 44 -7.04 -2.78 -11.09
N TYR A 45 -7.30 -1.82 -11.96
CA TYR A 45 -7.25 -0.41 -11.57
C TYR A 45 -8.24 -0.14 -10.44
N HIS A 46 -7.73 0.43 -9.35
CA HIS A 46 -8.56 0.74 -8.20
C HIS A 46 -9.26 -0.51 -7.68
N LYS A 47 -8.76 -1.67 -8.07
CA LYS A 47 -9.36 -2.91 -7.61
C LYS A 47 -9.07 -3.14 -6.14
N VAL A 48 -7.82 -2.93 -5.75
CA VAL A 48 -7.41 -3.12 -4.38
C VAL A 48 -8.04 -2.05 -3.49
N TYR A 49 -8.09 -0.83 -4.02
CA TYR A 49 -8.65 0.30 -3.29
C TYR A 49 -10.13 0.08 -3.06
N ASP A 50 -10.81 -0.43 -4.08
CA ASP A 50 -12.25 -0.66 -3.99
C ASP A 50 -12.54 -1.76 -2.97
N SER A 51 -11.70 -2.78 -2.97
CA SER A 51 -11.88 -3.91 -2.04
C SER A 51 -11.69 -3.43 -0.61
N LEU A 52 -10.67 -2.60 -0.41
CA LEU A 52 -10.37 -2.07 0.91
C LEU A 52 -11.40 -1.03 1.33
N LYS A 53 -11.80 -0.21 0.38
CA LYS A 53 -12.77 0.85 0.62
C LYS A 53 -14.14 0.26 0.94
N ASN A 54 -14.49 -0.83 0.27
CA ASN A 54 -15.77 -1.48 0.50
C ASN A 54 -15.62 -2.62 1.49
N MET A 55 -14.43 -2.76 2.07
CA MET A 55 -14.18 -3.82 3.03
C MET A 55 -15.06 -3.64 4.26
N SER A 56 -15.59 -2.42 4.45
CA SER A 56 -16.43 -2.13 5.60
C SER A 56 -15.58 -2.07 6.85
N THR A 57 -16.12 -1.44 7.90
CA THR A 57 -15.40 -1.30 9.16
C THR A 57 -14.25 -0.30 9.03
N VAL A 58 -14.12 0.30 7.85
CA VAL A 58 -13.07 1.28 7.62
C VAL A 58 -13.67 2.67 7.43
N LYS A 59 -13.01 3.66 8.01
CA LYS A 59 -13.47 5.04 7.91
C LYS A 59 -13.06 5.64 6.57
N SER A 60 -11.84 5.34 6.13
CA SER A 60 -11.33 5.86 4.87
C SER A 60 -10.09 5.08 4.44
N VAL A 61 -9.77 5.20 3.16
CA VAL A 61 -8.59 4.52 2.62
C VAL A 61 -7.77 5.47 1.75
N THR A 62 -6.46 5.50 1.98
CA THR A 62 -5.57 6.36 1.21
C THR A 62 -4.42 5.55 0.59
N PHE A 63 -4.12 5.84 -0.66
CA PHE A 63 -3.05 5.14 -1.36
C PHE A 63 -1.73 5.83 -1.10
N SER A 64 -0.78 5.06 -0.60
CA SER A 64 0.56 5.58 -0.31
C SER A 64 1.62 4.89 -1.17
N SER A 65 2.17 5.63 -2.13
CA SER A 65 3.20 5.08 -3.01
C SER A 65 4.42 4.65 -2.20
N LYS A 66 5.29 3.87 -2.83
CA LYS A 66 6.49 3.39 -2.15
C LYS A 66 7.38 4.57 -1.75
N GLU A 67 7.41 5.57 -2.61
CA GLU A 67 8.22 6.76 -2.32
C GLU A 67 7.62 7.53 -1.16
N GLU A 68 6.31 7.63 -1.16
CA GLU A 68 5.61 8.35 -0.09
C GLU A 68 5.69 7.58 1.22
N GLN A 69 5.60 6.26 1.11
CA GLN A 69 5.65 5.39 2.28
C GLN A 69 7.03 5.47 2.92
N TYR A 70 8.05 5.50 2.09
CA TYR A 70 9.42 5.57 2.56
C TYR A 70 9.64 6.87 3.33
N GLU A 71 9.10 7.95 2.79
CA GLU A 71 9.24 9.27 3.40
C GLU A 71 8.57 9.28 4.77
N LYS A 72 7.45 8.60 4.86
CA LYS A 72 6.71 8.53 6.11
C LYS A 72 7.47 7.67 7.11
N LEU A 73 8.07 6.59 6.63
CA LEU A 73 8.81 5.69 7.50
C LEU A 73 10.08 6.34 8.02
N THR A 74 10.75 7.08 7.17
CA THR A 74 11.98 7.73 7.58
C THR A 74 11.68 8.90 8.51
N GLU A 75 10.52 9.52 8.31
CA GLU A 75 10.11 10.64 9.14
C GLU A 75 9.78 10.18 10.55
N ILE A 76 9.15 9.02 10.65
CA ILE A 76 8.77 8.48 11.95
C ILE A 76 9.97 7.84 12.65
N MET A 77 10.92 7.34 11.87
CA MET A 77 12.11 6.72 12.44
C MET A 77 13.23 7.73 12.57
N GLY A 78 13.82 8.11 11.45
CA GLY A 78 14.92 9.08 11.46
C GLY A 78 15.50 9.26 10.08
N ASP A 79 16.60 9.99 9.99
CA ASP A 79 17.25 10.25 8.71
C ASP A 79 18.00 9.00 8.24
N ASN A 80 17.60 8.46 7.09
CA ASN A 80 18.25 7.27 6.54
C ASN A 80 18.34 6.17 7.61
N TRP A 81 17.20 5.86 8.21
CA TRP A 81 17.15 4.82 9.24
C TRP A 81 17.42 3.45 8.64
N LYS A 82 17.11 3.30 7.35
CA LYS A 82 17.31 2.03 6.66
C LYS A 82 18.48 2.12 5.69
N ILE A 83 18.74 1.03 4.97
CA ILE A 83 19.84 1.01 4.01
C ILE A 83 19.28 0.91 2.60
N PHE A 84 19.75 1.82 1.76
CA PHE A 84 19.31 1.85 0.36
C PHE A 84 20.07 0.84 -0.48
N GLU A 85 20.15 -0.39 0.01
CA GLU A 85 20.85 -1.46 -0.70
C GLU A 85 19.89 -2.25 -1.57
N GLY A 86 20.20 -2.32 -2.86
CA GLY A 86 19.36 -3.05 -3.81
C GLY A 86 18.60 -2.10 -4.72
N ASP A 87 18.12 -0.99 -4.16
CA ASP A 87 17.38 -0.01 -4.93
C ASP A 87 17.26 1.30 -4.16
N ALA A 88 16.86 2.35 -4.87
CA ALA A 88 16.69 3.66 -4.24
C ALA A 88 15.24 3.87 -3.80
N ASN A 89 14.38 2.89 -4.11
CA ASN A 89 12.98 2.99 -3.75
C ASN A 89 12.55 1.75 -2.94
N PRO A 90 12.88 1.71 -1.68
CA PRO A 90 12.54 0.58 -0.78
C PRO A 90 11.04 0.49 -0.52
N LEU A 91 10.60 -0.69 -0.14
CA LEU A 91 9.19 -0.93 0.14
C LEU A 91 8.36 -0.76 -1.12
N TYR A 92 7.06 -1.06 -1.04
CA TYR A 92 6.18 -0.93 -2.19
C TYR A 92 4.98 -0.07 -1.84
N ASP A 93 3.92 -0.16 -2.65
CA ASP A 93 2.71 0.62 -2.42
C ASP A 93 2.05 0.18 -1.12
N ALA A 94 1.48 1.14 -0.40
CA ALA A 94 0.82 0.86 0.86
C ALA A 94 -0.54 1.56 0.95
N TYR A 95 -1.54 0.85 1.44
CA TYR A 95 -2.87 1.42 1.58
C TYR A 95 -3.11 1.82 3.03
N ILE A 96 -3.23 3.12 3.27
CA ILE A 96 -3.45 3.61 4.61
C ILE A 96 -4.95 3.67 4.91
N VAL A 97 -5.43 2.79 5.78
CA VAL A 97 -6.83 2.75 6.12
C VAL A 97 -7.01 3.09 7.60
N GLU A 98 -8.14 3.71 7.91
CA GLU A 98 -8.43 4.08 9.29
C GLU A 98 -9.49 3.16 9.86
N ALA A 99 -9.07 2.27 10.76
CA ALA A 99 -10.00 1.33 11.38
C ALA A 99 -11.07 2.08 12.18
N ASN A 100 -12.30 1.58 12.13
CA ASN A 100 -13.39 2.20 12.85
C ASN A 100 -13.03 2.38 14.31
N ALA A 101 -12.14 1.52 14.80
CA ALA A 101 -11.71 1.60 16.19
C ALA A 101 -10.40 0.84 16.39
N PRO A 102 -9.74 1.05 17.50
CA PRO A 102 -8.46 0.37 17.84
C PRO A 102 -8.60 -1.15 17.80
N ASN A 103 -9.79 -1.64 18.11
CA ASN A 103 -10.02 -3.08 18.11
C ASN A 103 -10.37 -3.57 16.70
N ASP A 104 -10.54 -2.65 15.77
CA ASP A 104 -10.87 -3.02 14.39
C ASP A 104 -9.62 -3.05 13.53
N VAL A 105 -8.58 -2.37 13.99
CA VAL A 105 -7.32 -2.30 13.25
C VAL A 105 -6.80 -3.70 12.96
N LYS A 106 -7.11 -4.61 13.87
CA LYS A 106 -6.67 -6.00 13.71
C LYS A 106 -7.57 -6.72 12.73
N THR A 107 -8.84 -6.34 12.73
CA THR A 107 -9.81 -6.96 11.82
C THR A 107 -9.55 -6.50 10.39
N ILE A 108 -9.21 -5.23 10.24
CA ILE A 108 -8.95 -4.66 8.93
C ILE A 108 -7.69 -5.26 8.35
N ALA A 109 -6.68 -5.43 9.18
CA ALA A 109 -5.43 -5.98 8.73
C ALA A 109 -5.62 -7.41 8.24
N GLU A 110 -6.42 -8.16 8.97
CA GLU A 110 -6.69 -9.55 8.61
C GLU A 110 -7.51 -9.63 7.34
N ASP A 111 -8.47 -8.72 7.22
CA ASP A 111 -9.33 -8.67 6.04
C ASP A 111 -8.54 -8.21 4.81
N ALA A 112 -7.61 -7.29 5.05
CA ALA A 112 -6.78 -6.76 3.96
C ALA A 112 -5.94 -7.87 3.34
N LYS A 113 -5.49 -8.80 4.19
CA LYS A 113 -4.66 -9.90 3.71
C LYS A 113 -5.45 -10.80 2.77
N LYS A 114 -6.78 -10.68 2.81
CA LYS A 114 -7.64 -11.50 1.98
C LYS A 114 -8.07 -10.75 0.73
N ILE A 115 -7.50 -9.56 0.51
CA ILE A 115 -7.85 -8.75 -0.64
C ILE A 115 -7.44 -9.46 -1.93
N GLU A 116 -6.19 -9.26 -2.36
CA GLU A 116 -5.70 -9.87 -3.58
C GLU A 116 -4.19 -9.79 -3.65
N GLY A 117 -3.67 -8.61 -4.02
CA GLY A 117 -2.23 -8.42 -4.14
C GLY A 117 -1.64 -7.85 -2.85
N VAL A 118 -2.20 -8.25 -1.72
CA VAL A 118 -1.71 -7.79 -0.42
C VAL A 118 -0.41 -8.49 -0.04
N SER A 119 0.72 -7.88 -0.35
CA SER A 119 2.00 -8.47 -0.03
C SER A 119 2.18 -8.60 1.48
N GLU A 120 1.84 -7.53 2.21
CA GLU A 120 1.99 -7.53 3.67
C GLU A 120 1.03 -6.54 4.30
N VAL A 121 0.84 -6.66 5.59
CA VAL A 121 -0.05 -5.76 6.31
C VAL A 121 0.52 -5.41 7.68
N GLN A 122 0.41 -4.14 8.07
CA GLN A 122 0.91 -3.70 9.37
C GLN A 122 -0.05 -2.69 10.01
N ASP A 123 -0.27 -2.83 11.30
CA ASP A 123 -1.17 -1.93 12.01
C ASP A 123 -0.47 -0.61 12.34
N GLY A 124 -1.21 0.31 12.96
CA GLY A 124 -0.63 1.60 13.33
C GLY A 124 -0.68 1.80 14.84
N ASN A 15 -3.93 5.00 17.86
CA ASN A 15 -3.52 4.98 16.47
C ASN A 15 -4.72 4.79 15.55
N VAL A 16 -5.23 3.56 15.47
CA VAL A 16 -6.37 3.23 14.61
C VAL A 16 -5.97 3.21 13.13
N ARG A 17 -4.71 3.55 12.86
CA ARG A 17 -4.21 3.59 11.51
C ARG A 17 -3.59 2.26 11.12
N VAL A 18 -3.97 1.78 9.94
CA VAL A 18 -3.47 0.52 9.43
C VAL A 18 -2.89 0.71 8.03
N VAL A 19 -1.78 0.05 7.76
CA VAL A 19 -1.11 0.15 6.47
C VAL A 19 -1.03 -1.21 5.79
N VAL A 20 -1.53 -1.29 4.56
CA VAL A 20 -1.51 -2.54 3.81
C VAL A 20 -0.52 -2.45 2.65
N TYR A 21 0.42 -3.37 2.60
CA TYR A 21 1.41 -3.40 1.54
C TYR A 21 0.92 -4.28 0.40
N ILE A 22 1.11 -3.78 -0.81
CA ILE A 22 0.71 -4.50 -2.03
C ILE A 22 1.91 -4.99 -2.82
N ARG A 23 1.78 -6.17 -3.41
CA ARG A 23 2.86 -6.75 -4.21
C ARG A 23 3.25 -5.80 -5.34
N LYS A 24 4.47 -5.95 -5.84
CA LYS A 24 4.96 -5.11 -6.92
C LYS A 24 4.51 -5.64 -8.28
N ASP A 25 4.38 -6.96 -8.37
CA ASP A 25 3.96 -7.61 -9.60
C ASP A 25 2.51 -7.27 -9.92
N VAL A 26 1.75 -6.87 -8.90
CA VAL A 26 0.35 -6.53 -9.08
C VAL A 26 0.17 -5.02 -9.09
N GLU A 27 -0.80 -4.55 -9.86
CA GLU A 27 -1.09 -3.13 -9.95
C GLU A 27 -1.39 -2.55 -8.57
N ASP A 28 -1.63 -1.25 -8.51
CA ASP A 28 -1.92 -0.60 -7.23
C ASP A 28 -2.44 0.82 -7.46
N ASN A 29 -3.74 0.93 -7.68
CA ASN A 29 -4.37 2.22 -7.91
C ASN A 29 -3.64 2.98 -9.00
N SER A 30 -3.31 2.28 -10.08
CA SER A 30 -2.62 2.92 -11.20
C SER A 30 -3.33 2.63 -12.51
N GLN A 31 -3.78 3.70 -13.17
CA GLN A 31 -4.45 3.57 -14.45
C GLN A 31 -3.47 3.18 -15.55
N THR A 32 -2.17 3.31 -15.25
CA THR A 32 -1.14 2.98 -16.23
C THR A 32 0.10 2.44 -15.51
N ILE A 33 0.80 1.53 -16.18
CA ILE A 33 2.00 0.94 -15.62
C ILE A 33 3.17 1.08 -16.60
N GLU A 34 4.37 1.17 -16.05
CA GLU A 34 5.57 1.31 -16.85
C GLU A 34 6.30 -0.02 -16.96
N LYS A 35 6.60 -0.41 -18.18
CA LYS A 35 7.31 -1.68 -18.42
C LYS A 35 8.26 -1.53 -19.62
N GLU A 36 9.50 -1.96 -19.44
CA GLU A 36 10.50 -1.87 -20.50
C GLU A 36 10.61 -0.44 -21.00
N GLY A 37 10.40 0.52 -20.11
CA GLY A 37 10.48 1.93 -20.47
C GLY A 37 9.31 2.34 -21.35
N GLN A 38 8.21 1.60 -21.23
CA GLN A 38 7.01 1.90 -22.02
C GLN A 38 5.79 2.02 -21.12
N THR A 39 5.04 3.10 -21.30
CA THR A 39 3.84 3.33 -20.49
C THR A 39 2.62 2.73 -21.18
N VAL A 40 1.96 1.82 -20.47
CA VAL A 40 0.77 1.17 -21.00
C VAL A 40 -0.37 1.24 -19.98
N THR A 41 -1.59 1.25 -20.49
CA THR A 41 -2.75 1.34 -19.63
C THR A 41 -2.88 0.07 -18.79
N ASN A 42 -3.50 0.20 -17.61
CA ASN A 42 -3.69 -0.93 -16.72
C ASN A 42 -5.03 -1.61 -16.98
N ASN A 43 -5.43 -2.47 -16.05
CA ASN A 43 -6.69 -3.19 -16.19
C ASN A 43 -7.42 -3.25 -14.85
N ASP A 44 -8.74 -3.35 -14.91
CA ASP A 44 -9.56 -3.44 -13.71
C ASP A 44 -9.13 -2.38 -12.70
N TYR A 45 -8.89 -1.17 -13.18
CA TYR A 45 -8.47 -0.08 -12.32
C TYR A 45 -9.35 -0.01 -11.07
N HIS A 46 -8.76 0.42 -9.95
CA HIS A 46 -9.50 0.51 -8.68
C HIS A 46 -9.95 -0.87 -8.22
N LYS A 47 -9.04 -1.56 -7.54
CA LYS A 47 -9.34 -2.90 -7.05
C LYS A 47 -9.14 -2.98 -5.54
N VAL A 48 -7.90 -2.84 -5.12
CA VAL A 48 -7.57 -2.90 -3.71
C VAL A 48 -8.23 -1.72 -3.01
N TYR A 49 -8.27 -0.59 -3.70
CA TYR A 49 -8.87 0.61 -3.15
C TYR A 49 -10.36 0.40 -2.92
N ASP A 50 -11.00 -0.25 -3.88
CA ASP A 50 -12.44 -0.49 -3.78
C ASP A 50 -12.73 -1.50 -2.67
N SER A 51 -11.88 -2.52 -2.58
CA SER A 51 -12.07 -3.54 -1.57
C SER A 51 -11.83 -2.99 -0.18
N LEU A 52 -10.82 -2.13 -0.06
CA LEU A 52 -10.50 -1.53 1.24
C LEU A 52 -11.51 -0.45 1.59
N LYS A 53 -11.90 0.32 0.59
CA LYS A 53 -12.85 1.41 0.78
C LYS A 53 -14.25 0.89 1.08
N ASN A 54 -14.62 -0.20 0.41
CA ASN A 54 -15.95 -0.78 0.58
C ASN A 54 -15.92 -1.91 1.61
N MET A 55 -14.78 -2.08 2.27
CA MET A 55 -14.63 -3.13 3.26
C MET A 55 -15.68 -2.98 4.36
N SER A 56 -16.30 -1.78 4.45
CA SER A 56 -17.33 -1.50 5.46
C SER A 56 -16.69 -1.06 6.77
N THR A 57 -15.90 -1.95 7.36
CA THR A 57 -15.22 -1.64 8.61
C THR A 57 -14.15 -0.56 8.41
N VAL A 58 -13.90 -0.18 7.16
CA VAL A 58 -12.91 0.83 6.86
C VAL A 58 -13.56 2.20 6.69
N LYS A 59 -13.17 3.13 7.54
CA LYS A 59 -13.73 4.48 7.48
C LYS A 59 -13.23 5.22 6.23
N SER A 60 -11.94 5.08 5.95
CA SER A 60 -11.34 5.73 4.79
C SER A 60 -10.10 4.98 4.33
N VAL A 61 -9.72 5.19 3.09
CA VAL A 61 -8.54 4.54 2.53
C VAL A 61 -7.66 5.53 1.77
N THR A 62 -6.36 5.53 2.07
CA THR A 62 -5.44 6.42 1.40
C THR A 62 -4.32 5.59 0.76
N PHE A 63 -4.14 5.76 -0.55
CA PHE A 63 -3.12 5.01 -1.25
C PHE A 63 -1.78 5.74 -1.18
N SER A 64 -0.82 5.14 -0.50
CA SER A 64 0.51 5.71 -0.38
C SER A 64 1.46 5.03 -1.35
N SER A 65 1.80 5.73 -2.42
CA SER A 65 2.70 5.18 -3.43
C SER A 65 4.09 4.96 -2.83
N LYS A 66 4.90 4.17 -3.51
CA LYS A 66 6.24 3.86 -3.04
C LYS A 66 7.07 5.15 -2.98
N GLU A 67 6.78 6.06 -3.89
CA GLU A 67 7.50 7.34 -3.90
C GLU A 67 7.15 8.14 -2.66
N GLU A 68 5.87 8.12 -2.31
CA GLU A 68 5.40 8.85 -1.13
C GLU A 68 5.92 8.19 0.15
N GLN A 69 5.93 6.87 0.14
CA GLN A 69 6.40 6.09 1.28
C GLN A 69 7.91 6.28 1.45
N TYR A 70 8.61 6.36 0.34
CA TYR A 70 10.06 6.54 0.37
C TYR A 70 10.40 7.87 1.03
N GLU A 71 9.62 8.88 0.70
CA GLU A 71 9.85 10.21 1.27
C GLU A 71 9.59 10.20 2.77
N LYS A 72 8.55 9.47 3.16
CA LYS A 72 8.19 9.38 4.57
C LYS A 72 9.26 8.65 5.36
N LEU A 73 9.84 7.63 4.74
CA LEU A 73 10.89 6.86 5.39
C LEU A 73 12.13 7.70 5.59
N THR A 74 12.43 8.56 4.62
CA THR A 74 13.61 9.41 4.71
C THR A 74 13.42 10.47 5.78
N GLU A 75 12.19 10.88 5.98
CA GLU A 75 11.89 11.90 7.01
C GLU A 75 12.06 11.31 8.41
N ILE A 76 11.65 10.06 8.57
CA ILE A 76 11.74 9.40 9.88
C ILE A 76 13.15 8.89 10.15
N MET A 77 13.85 8.48 9.10
CA MET A 77 15.21 7.98 9.24
C MET A 77 16.22 9.10 9.03
N GLY A 78 15.76 10.22 8.49
CA GLY A 78 16.64 11.35 8.23
C GLY A 78 17.51 11.11 7.00
N ASP A 79 18.52 11.94 6.82
CA ASP A 79 19.41 11.80 5.68
C ASP A 79 20.55 10.83 6.01
N ASN A 80 20.21 9.54 6.12
CA ASN A 80 21.21 8.52 6.43
C ASN A 80 20.59 7.14 6.36
N TRP A 81 20.05 6.80 5.21
CA TRP A 81 19.43 5.49 5.02
C TRP A 81 19.01 5.28 3.57
N LYS A 82 18.91 6.38 2.80
CA LYS A 82 18.49 6.31 1.41
C LYS A 82 19.21 5.17 0.70
N ILE A 83 18.43 4.24 0.17
CA ILE A 83 18.99 3.10 -0.53
C ILE A 83 18.17 2.80 -1.78
N PHE A 84 18.86 2.45 -2.86
CA PHE A 84 18.18 2.14 -4.11
C PHE A 84 18.14 0.64 -4.34
N GLU A 85 19.19 -0.06 -3.91
CA GLU A 85 19.26 -1.51 -4.08
C GLU A 85 18.93 -1.91 -5.51
N GLY A 86 19.52 -1.19 -6.47
CA GLY A 86 19.27 -1.48 -7.87
C GLY A 86 19.07 -0.18 -8.66
N ASP A 87 17.83 0.08 -9.04
CA ASP A 87 17.52 1.29 -9.79
C ASP A 87 16.73 2.28 -8.93
N ALA A 88 15.52 1.88 -8.55
CA ALA A 88 14.67 2.73 -7.73
C ALA A 88 13.44 1.95 -7.25
N ASN A 89 12.58 2.63 -6.50
CA ASN A 89 11.38 1.99 -5.98
C ASN A 89 11.72 0.76 -5.13
N PRO A 90 12.44 0.95 -4.06
CA PRO A 90 12.83 -0.16 -3.15
C PRO A 90 11.70 -0.56 -2.20
N LEU A 91 10.76 0.37 -2.00
CA LEU A 91 9.63 0.12 -1.11
C LEU A 91 8.42 -0.34 -1.90
N TYR A 92 7.42 -0.85 -1.18
CA TYR A 92 6.20 -1.34 -1.82
C TYR A 92 5.03 -0.39 -1.54
N ASP A 93 4.02 -0.44 -2.41
CA ASP A 93 2.84 0.40 -2.26
C ASP A 93 2.18 0.12 -0.92
N ALA A 94 1.70 1.18 -0.26
CA ALA A 94 1.06 1.05 1.04
C ALA A 94 -0.35 1.63 1.01
N TYR A 95 -1.26 1.00 1.72
CA TYR A 95 -2.64 1.46 1.78
C TYR A 95 -2.98 1.85 3.22
N ILE A 96 -3.11 3.14 3.47
CA ILE A 96 -3.41 3.62 4.81
C ILE A 96 -4.93 3.68 5.00
N VAL A 97 -5.45 2.81 5.84
CA VAL A 97 -6.88 2.77 6.08
C VAL A 97 -7.17 3.03 7.55
N GLU A 98 -8.33 3.61 7.80
CA GLU A 98 -8.72 3.90 9.17
C GLU A 98 -9.74 2.89 9.65
N ALA A 99 -9.30 1.99 10.54
CA ALA A 99 -10.18 0.97 11.06
C ALA A 99 -11.19 1.56 12.03
N ASN A 100 -12.41 1.02 12.04
CA ASN A 100 -13.44 1.49 12.94
C ASN A 100 -13.10 1.13 14.38
N ALA A 101 -12.28 1.95 15.01
CA ALA A 101 -11.86 1.75 16.39
C ALA A 101 -10.57 0.93 16.44
N PRO A 102 -9.83 1.03 17.51
CA PRO A 102 -8.54 0.27 17.68
C PRO A 102 -8.75 -1.23 17.62
N ASN A 103 -9.96 -1.68 17.93
CA ASN A 103 -10.25 -3.10 17.93
C ASN A 103 -10.52 -3.61 16.52
N ASP A 104 -10.65 -2.70 15.57
CA ASP A 104 -10.91 -3.08 14.18
C ASP A 104 -9.63 -3.11 13.37
N VAL A 105 -8.59 -2.42 13.85
CA VAL A 105 -7.32 -2.37 13.14
C VAL A 105 -6.84 -3.78 12.85
N LYS A 106 -7.18 -4.69 13.74
CA LYS A 106 -6.78 -6.09 13.56
C LYS A 106 -7.66 -6.76 12.51
N THR A 107 -8.91 -6.35 12.46
CA THR A 107 -9.86 -6.89 11.50
C THR A 107 -9.55 -6.40 10.09
N ILE A 108 -9.14 -5.15 10.00
CA ILE A 108 -8.83 -4.57 8.72
C ILE A 108 -7.55 -5.15 8.17
N ALA A 109 -6.57 -5.34 9.05
CA ALA A 109 -5.29 -5.89 8.63
C ALA A 109 -5.44 -7.34 8.21
N GLU A 110 -6.24 -8.08 8.96
CA GLU A 110 -6.43 -9.49 8.66
C GLU A 110 -7.34 -9.67 7.44
N ASP A 111 -8.26 -8.74 7.27
CA ASP A 111 -9.18 -8.79 6.14
C ASP A 111 -8.49 -8.31 4.87
N ALA A 112 -7.63 -7.30 5.03
CA ALA A 112 -6.90 -6.75 3.90
C ALA A 112 -5.93 -7.76 3.33
N LYS A 113 -5.33 -8.56 4.21
CA LYS A 113 -4.36 -9.55 3.78
C LYS A 113 -5.01 -10.58 2.86
N LYS A 114 -6.34 -10.61 2.85
CA LYS A 114 -7.07 -11.54 2.00
C LYS A 114 -7.52 -10.86 0.69
N ILE A 115 -7.07 -9.62 0.48
CA ILE A 115 -7.43 -8.89 -0.72
C ILE A 115 -6.38 -9.07 -1.79
N GLU A 116 -6.84 -9.43 -3.00
CA GLU A 116 -5.93 -9.63 -4.13
C GLU A 116 -4.69 -10.43 -3.71
N GLY A 117 -3.50 -9.85 -3.89
CA GLY A 117 -2.27 -10.52 -3.53
C GLY A 117 -1.43 -9.65 -2.61
N VAL A 118 -2.03 -9.20 -1.50
CA VAL A 118 -1.32 -8.36 -0.55
C VAL A 118 0.07 -8.92 -0.29
N SER A 119 1.04 -8.04 -0.05
CA SER A 119 2.40 -8.49 0.23
C SER A 119 2.65 -8.53 1.73
N GLU A 120 2.06 -7.58 2.47
CA GLU A 120 2.25 -7.54 3.91
C GLU A 120 1.28 -6.54 4.54
N VAL A 121 1.04 -6.70 5.83
CA VAL A 121 0.13 -5.80 6.55
C VAL A 121 0.77 -5.32 7.84
N GLN A 122 0.50 -4.07 8.20
CA GLN A 122 1.05 -3.50 9.43
C GLN A 122 0.02 -2.63 10.12
N ASP A 123 -0.14 -2.83 11.43
CA ASP A 123 -1.11 -2.04 12.20
C ASP A 123 -0.40 -1.24 13.29
N GLY A 124 -0.62 0.07 13.28
CA GLY A 124 0.02 0.93 14.28
C GLY A 124 -0.42 0.55 15.69
N ASN A 15 -2.89 2.95 17.85
CA ASN A 15 -3.87 1.92 17.51
C ASN A 15 -4.50 2.19 16.14
N VAL A 16 -5.47 3.10 16.10
CA VAL A 16 -6.14 3.44 14.86
C VAL A 16 -5.12 3.83 13.82
N ARG A 17 -4.85 2.89 12.89
CA ARG A 17 -3.89 3.08 11.79
C ARG A 17 -3.38 1.74 11.28
N VAL A 18 -3.76 1.39 10.06
CA VAL A 18 -3.31 0.14 9.46
C VAL A 18 -2.74 0.40 8.07
N VAL A 19 -1.63 -0.24 7.76
CA VAL A 19 -0.99 -0.06 6.47
C VAL A 19 -0.89 -1.38 5.72
N VAL A 20 -1.40 -1.41 4.49
CA VAL A 20 -1.35 -2.63 3.68
C VAL A 20 -0.39 -2.45 2.51
N TYR A 21 0.65 -3.28 2.47
CA TYR A 21 1.63 -3.22 1.41
C TYR A 21 1.17 -4.04 0.22
N ILE A 22 1.29 -3.45 -0.96
CA ILE A 22 0.88 -4.10 -2.19
C ILE A 22 2.08 -4.67 -2.93
N ARG A 23 1.86 -5.77 -3.66
CA ARG A 23 2.93 -6.41 -4.42
C ARG A 23 3.63 -5.38 -5.32
N LYS A 24 4.91 -5.62 -5.57
CA LYS A 24 5.70 -4.72 -6.41
C LYS A 24 5.11 -4.65 -7.81
N ASP A 25 4.44 -5.72 -8.23
CA ASP A 25 3.83 -5.76 -9.55
C ASP A 25 2.38 -5.31 -9.48
N VAL A 26 1.97 -4.75 -8.34
CA VAL A 26 0.60 -4.27 -8.19
C VAL A 26 0.60 -2.87 -7.60
N GLU A 27 -0.09 -1.95 -8.27
CA GLU A 27 -0.17 -0.57 -7.80
C GLU A 27 -1.61 -0.17 -7.55
N ASP A 28 -2.55 -0.88 -8.20
CA ASP A 28 -3.97 -0.59 -8.04
C ASP A 28 -4.31 0.83 -8.51
N ASN A 29 -4.01 1.81 -7.66
CA ASN A 29 -4.26 3.20 -7.98
C ASN A 29 -3.23 3.72 -8.97
N SER A 30 -3.21 3.12 -10.15
CA SER A 30 -2.27 3.52 -11.19
C SER A 30 -2.96 3.50 -12.56
N GLN A 31 -2.25 3.05 -13.60
CA GLN A 31 -2.82 2.98 -14.92
C GLN A 31 -1.83 2.32 -15.87
N THR A 32 -0.54 2.51 -15.61
CA THR A 32 0.51 1.91 -16.44
C THR A 32 1.81 1.77 -15.66
N ILE A 33 2.61 0.77 -16.03
CA ILE A 33 3.88 0.54 -15.37
C ILE A 33 4.99 0.46 -16.40
N GLU A 34 6.21 0.72 -15.94
CA GLU A 34 7.37 0.69 -16.81
C GLU A 34 7.91 -0.74 -16.96
N LYS A 35 7.88 -1.23 -18.19
CA LYS A 35 8.37 -2.57 -18.49
C LYS A 35 9.28 -2.56 -19.70
N GLU A 36 10.44 -3.19 -19.56
CA GLU A 36 11.41 -3.26 -20.66
C GLU A 36 11.61 -1.88 -21.28
N GLY A 37 11.42 -0.84 -20.48
CA GLY A 37 11.58 0.52 -20.95
C GLY A 37 10.24 1.16 -21.29
N GLN A 38 9.42 0.46 -22.08
CA GLN A 38 8.13 0.97 -22.48
C GLN A 38 7.16 0.96 -21.30
N THR A 39 5.97 1.49 -21.51
CA THR A 39 4.96 1.53 -20.45
C THR A 39 3.75 0.68 -20.84
N VAL A 40 3.35 -0.21 -19.94
CA VAL A 40 2.21 -1.09 -20.21
C VAL A 40 1.12 -0.84 -19.18
N THR A 41 -0.11 -0.87 -19.64
CA THR A 41 -1.25 -0.64 -18.76
C THR A 41 -1.30 -1.68 -17.65
N ASN A 42 -1.48 -1.22 -16.41
CA ASN A 42 -1.53 -2.12 -15.27
C ASN A 42 -2.92 -2.75 -15.14
N ASN A 43 -2.99 -3.86 -14.42
CA ASN A 43 -4.26 -4.54 -14.23
C ASN A 43 -4.80 -4.28 -12.83
N ASP A 44 -6.04 -4.70 -12.59
CA ASP A 44 -6.66 -4.52 -11.29
C ASP A 44 -6.61 -3.05 -10.87
N TYR A 45 -6.98 -2.17 -11.79
CA TYR A 45 -6.98 -0.74 -11.51
C TYR A 45 -8.05 -0.39 -10.47
N HIS A 46 -7.63 0.22 -9.37
CA HIS A 46 -8.56 0.60 -8.31
C HIS A 46 -9.33 -0.61 -7.79
N LYS A 47 -8.79 -1.80 -8.02
CA LYS A 47 -9.43 -3.02 -7.56
C LYS A 47 -9.22 -3.21 -6.06
N VAL A 48 -7.97 -3.07 -5.64
CA VAL A 48 -7.62 -3.21 -4.24
C VAL A 48 -8.23 -2.08 -3.43
N TYR A 49 -8.24 -0.89 -4.02
CA TYR A 49 -8.79 0.27 -3.35
C TYR A 49 -10.28 0.08 -3.11
N ASP A 50 -10.96 -0.43 -4.12
CA ASP A 50 -12.40 -0.64 -4.01
C ASP A 50 -12.71 -1.66 -2.93
N SER A 51 -11.90 -2.70 -2.87
CA SER A 51 -12.09 -3.75 -1.88
C SER A 51 -11.75 -3.23 -0.49
N LEU A 52 -10.71 -2.43 -0.41
CA LEU A 52 -10.29 -1.85 0.87
C LEU A 52 -11.20 -0.71 1.27
N LYS A 53 -11.91 -0.14 0.30
CA LYS A 53 -12.82 0.97 0.56
C LYS A 53 -14.21 0.46 0.91
N ASN A 54 -14.60 -0.64 0.29
CA ASN A 54 -15.91 -1.23 0.52
C ASN A 54 -15.87 -2.20 1.68
N MET A 55 -14.74 -2.26 2.37
CA MET A 55 -14.58 -3.16 3.49
C MET A 55 -15.66 -2.93 4.54
N SER A 56 -16.33 -1.76 4.47
CA SER A 56 -17.39 -1.43 5.42
C SER A 56 -16.80 -0.99 6.76
N THR A 57 -16.20 -1.94 7.46
CA THR A 57 -15.59 -1.65 8.75
C THR A 57 -14.54 -0.55 8.62
N VAL A 58 -14.06 -0.34 7.40
CA VAL A 58 -13.04 0.67 7.14
C VAL A 58 -13.68 2.07 7.10
N LYS A 59 -13.04 3.01 7.78
CA LYS A 59 -13.54 4.38 7.80
C LYS A 59 -13.09 5.11 6.54
N SER A 60 -11.83 4.93 6.18
CA SER A 60 -11.25 5.58 5.00
C SER A 60 -10.01 4.85 4.54
N VAL A 61 -9.65 5.06 3.29
CA VAL A 61 -8.47 4.42 2.71
C VAL A 61 -7.61 5.43 1.94
N THR A 62 -6.32 5.48 2.25
CA THR A 62 -5.41 6.39 1.58
C THR A 62 -4.29 5.61 0.90
N PHE A 63 -4.12 5.84 -0.39
CA PHE A 63 -3.08 5.14 -1.14
C PHE A 63 -1.76 5.89 -1.01
N SER A 64 -0.79 5.25 -0.40
CA SER A 64 0.53 5.84 -0.22
C SER A 64 1.53 5.21 -1.19
N SER A 65 1.94 5.97 -2.20
CA SER A 65 2.90 5.47 -3.18
C SER A 65 4.21 5.08 -2.50
N LYS A 66 5.00 4.26 -3.18
CA LYS A 66 6.27 3.80 -2.61
C LYS A 66 7.20 4.99 -2.41
N GLU A 67 7.11 5.95 -3.32
CA GLU A 67 7.95 7.15 -3.23
C GLU A 67 7.50 8.01 -2.06
N GLU A 68 6.19 8.11 -1.90
CA GLU A 68 5.61 8.91 -0.82
C GLU A 68 5.88 8.25 0.53
N GLN A 69 5.76 6.93 0.55
CA GLN A 69 5.99 6.17 1.77
C GLN A 69 7.45 6.24 2.18
N TYR A 70 8.32 6.19 1.19
CA TYR A 70 9.75 6.24 1.44
C TYR A 70 10.13 7.59 2.04
N GLU A 71 9.48 8.64 1.54
CA GLU A 71 9.74 9.99 2.03
C GLU A 71 9.30 10.12 3.48
N LYS A 72 8.18 9.48 3.80
CA LYS A 72 7.64 9.53 5.15
C LYS A 72 8.57 8.80 6.11
N LEU A 73 9.14 7.70 5.64
CA LEU A 73 10.04 6.90 6.47
C LEU A 73 11.35 7.66 6.71
N THR A 74 11.79 8.41 5.72
CA THR A 74 13.02 9.16 5.83
C THR A 74 12.86 10.32 6.81
N GLU A 75 11.66 10.88 6.85
CA GLU A 75 11.39 11.99 7.76
C GLU A 75 11.38 11.53 9.21
N ILE A 76 10.81 10.34 9.43
CA ILE A 76 10.73 9.79 10.78
C ILE A 76 12.08 9.22 11.22
N MET A 77 12.80 8.62 10.28
CA MET A 77 14.10 8.04 10.57
C MET A 77 15.11 9.14 10.90
N GLY A 78 15.04 10.24 10.16
CA GLY A 78 15.97 11.34 10.38
C GLY A 78 16.31 12.02 9.06
N ASP A 79 17.60 12.06 8.74
CA ASP A 79 18.04 12.69 7.50
C ASP A 79 18.98 11.77 6.73
N ASN A 80 18.55 11.36 5.55
CA ASN A 80 19.37 10.47 4.71
C ASN A 80 19.78 9.22 5.50
N TRP A 81 18.83 8.68 6.27
CA TRP A 81 19.11 7.49 7.07
C TRP A 81 19.54 6.33 6.18
N LYS A 82 19.05 6.33 4.94
CA LYS A 82 19.37 5.28 3.99
C LYS A 82 20.83 5.40 3.54
N ILE A 83 21.35 4.34 2.94
CA ILE A 83 22.73 4.34 2.46
C ILE A 83 22.84 3.56 1.14
N PHE A 84 21.71 3.30 0.51
CA PHE A 84 21.70 2.57 -0.74
C PHE A 84 21.86 3.51 -1.92
N GLU A 85 21.88 4.82 -1.64
CA GLU A 85 22.03 5.83 -2.69
C GLU A 85 20.72 5.99 -3.46
N GLY A 86 19.76 5.11 -3.22
CA GLY A 86 18.49 5.15 -3.92
C GLY A 86 18.47 4.13 -5.05
N ASP A 87 17.52 4.28 -5.96
CA ASP A 87 17.39 3.37 -7.09
C ASP A 87 17.25 1.93 -6.60
N ALA A 88 16.56 1.75 -5.48
CA ALA A 88 16.35 0.42 -4.92
C ALA A 88 14.87 0.20 -4.60
N ASN A 89 14.25 1.21 -3.97
CA ASN A 89 12.84 1.12 -3.61
C ASN A 89 12.56 -0.21 -2.92
N PRO A 90 13.08 -0.38 -1.72
CA PRO A 90 12.89 -1.63 -0.93
C PRO A 90 11.42 -1.87 -0.58
N LEU A 91 10.64 -0.80 -0.57
CA LEU A 91 9.22 -0.90 -0.24
C LEU A 91 8.37 -0.70 -1.48
N TYR A 92 7.07 -0.99 -1.36
CA TYR A 92 6.17 -0.83 -2.50
C TYR A 92 4.97 0.04 -2.11
N ASP A 93 3.87 -0.09 -2.85
CA ASP A 93 2.67 0.69 -2.57
C ASP A 93 2.11 0.33 -1.20
N ALA A 94 1.57 1.31 -0.52
CA ALA A 94 1.01 1.10 0.82
C ALA A 94 -0.42 1.63 0.88
N TYR A 95 -1.25 0.96 1.66
CA TYR A 95 -2.65 1.37 1.81
C TYR A 95 -2.91 1.74 3.26
N ILE A 96 -3.05 3.03 3.52
CA ILE A 96 -3.30 3.49 4.88
C ILE A 96 -4.80 3.61 5.12
N VAL A 97 -5.34 2.73 5.96
CA VAL A 97 -6.77 2.75 6.25
C VAL A 97 -7.01 3.08 7.71
N GLU A 98 -8.14 3.71 7.97
CA GLU A 98 -8.50 4.07 9.34
C GLU A 98 -9.62 3.18 9.85
N ALA A 99 -9.28 2.28 10.75
CA ALA A 99 -10.27 1.36 11.32
C ALA A 99 -11.34 2.14 12.09
N ASN A 100 -12.59 1.69 11.98
CA ASN A 100 -13.68 2.35 12.67
C ASN A 100 -13.38 2.46 14.16
N ALA A 101 -12.70 1.45 14.69
CA ALA A 101 -12.34 1.46 16.10
C ALA A 101 -10.93 0.87 16.31
N PRO A 102 -10.31 1.19 17.42
CA PRO A 102 -8.95 0.67 17.76
C PRO A 102 -8.90 -0.85 17.74
N ASN A 103 -10.04 -1.48 17.99
CA ASN A 103 -10.10 -2.94 18.00
C ASN A 103 -10.40 -3.47 16.59
N ASP A 104 -10.69 -2.56 15.66
CA ASP A 104 -10.99 -2.95 14.30
C ASP A 104 -9.71 -2.93 13.45
N VAL A 105 -8.71 -2.20 13.92
CA VAL A 105 -7.45 -2.10 13.19
C VAL A 105 -6.89 -3.48 12.93
N LYS A 106 -7.13 -4.37 13.88
CA LYS A 106 -6.65 -5.75 13.73
C LYS A 106 -7.52 -6.53 12.77
N THR A 107 -8.81 -6.20 12.76
CA THR A 107 -9.76 -6.87 11.89
C THR A 107 -9.54 -6.44 10.44
N ILE A 108 -9.24 -5.16 10.26
CA ILE A 108 -9.03 -4.63 8.93
C ILE A 108 -7.76 -5.20 8.34
N ALA A 109 -6.73 -5.32 9.17
CA ALA A 109 -5.46 -5.86 8.71
C ALA A 109 -5.65 -7.30 8.28
N GLU A 110 -6.41 -8.06 9.07
CA GLU A 110 -6.64 -9.46 8.77
C GLU A 110 -7.47 -9.60 7.50
N ASP A 111 -8.44 -8.71 7.35
CA ASP A 111 -9.32 -8.72 6.19
C ASP A 111 -8.52 -8.34 4.94
N ALA A 112 -7.60 -7.40 5.11
CA ALA A 112 -6.78 -6.93 4.00
C ALA A 112 -5.89 -8.06 3.47
N LYS A 113 -5.49 -8.94 4.38
CA LYS A 113 -4.63 -10.08 4.01
C LYS A 113 -5.33 -10.99 3.02
N LYS A 114 -6.65 -10.95 3.01
CA LYS A 114 -7.42 -11.80 2.10
C LYS A 114 -7.71 -11.06 0.79
N ILE A 115 -7.39 -9.76 0.75
CA ILE A 115 -7.64 -8.96 -0.44
C ILE A 115 -6.98 -9.58 -1.66
N GLU A 116 -5.96 -10.40 -1.42
CA GLU A 116 -5.23 -11.04 -2.50
C GLU A 116 -4.34 -10.05 -3.23
N GLY A 117 -3.08 -10.41 -3.42
CA GLY A 117 -2.14 -9.52 -4.09
C GLY A 117 -1.44 -8.63 -3.08
N VAL A 118 -1.83 -8.72 -1.81
CA VAL A 118 -1.22 -7.91 -0.77
C VAL A 118 0.12 -8.50 -0.35
N SER A 119 1.19 -7.72 -0.52
CA SER A 119 2.52 -8.18 -0.15
C SER A 119 2.61 -8.45 1.34
N GLU A 120 2.13 -7.51 2.14
CA GLU A 120 2.18 -7.67 3.60
C GLU A 120 1.33 -6.60 4.28
N VAL A 121 0.82 -6.92 5.46
CA VAL A 121 -0.01 -5.98 6.20
C VAL A 121 0.60 -5.68 7.57
N GLN A 122 0.61 -4.40 7.94
CA GLN A 122 1.17 -3.99 9.22
C GLN A 122 0.16 -3.20 10.02
N ASP A 123 -0.09 -3.63 11.25
CA ASP A 123 -1.04 -2.96 12.14
C ASP A 123 -0.34 -1.87 12.95
N GLY A 124 -0.71 -0.63 12.71
CA GLY A 124 -0.10 0.49 13.42
C GLY A 124 -0.16 0.27 14.93
N ASN A 15 -3.07 4.54 17.37
CA ASN A 15 -3.63 3.34 16.75
C ASN A 15 -4.65 3.75 15.69
N VAL A 16 -5.52 2.81 15.30
CA VAL A 16 -6.54 3.06 14.29
C VAL A 16 -5.94 3.13 12.88
N ARG A 17 -4.62 3.19 12.80
CA ARG A 17 -3.93 3.26 11.53
C ARG A 17 -3.45 1.89 11.08
N VAL A 18 -3.82 1.52 9.86
CA VAL A 18 -3.44 0.23 9.31
C VAL A 18 -2.75 0.44 7.96
N VAL A 19 -1.71 -0.33 7.71
CA VAL A 19 -0.97 -0.21 6.46
C VAL A 19 -0.98 -1.53 5.68
N VAL A 20 -1.45 -1.47 4.44
CA VAL A 20 -1.50 -2.65 3.58
C VAL A 20 -0.55 -2.48 2.40
N TYR A 21 0.55 -3.21 2.44
CA TYR A 21 1.54 -3.15 1.39
C TYR A 21 1.12 -4.02 0.23
N ILE A 22 1.47 -3.59 -0.97
CA ILE A 22 1.12 -4.29 -2.20
C ILE A 22 2.38 -4.82 -2.88
N ARG A 23 2.25 -5.98 -3.54
CA ARG A 23 3.39 -6.59 -4.23
C ARG A 23 4.16 -5.54 -5.04
N LYS A 24 5.49 -5.68 -5.04
CA LYS A 24 6.33 -4.76 -5.79
C LYS A 24 6.22 -4.98 -7.29
N ASP A 25 5.75 -6.16 -7.68
CA ASP A 25 5.62 -6.49 -9.09
C ASP A 25 4.27 -6.03 -9.63
N VAL A 26 3.50 -5.33 -8.81
CA VAL A 26 2.20 -4.85 -9.25
C VAL A 26 1.96 -3.43 -8.75
N GLU A 27 1.16 -2.67 -9.48
CA GLU A 27 0.84 -1.30 -9.08
C GLU A 27 -0.58 -1.23 -8.55
N ASP A 28 -1.06 -0.02 -8.25
CA ASP A 28 -2.41 0.15 -7.75
C ASP A 28 -2.75 1.64 -7.66
N ASN A 29 -4.02 1.96 -7.89
CA ASN A 29 -4.48 3.34 -7.82
C ASN A 29 -3.59 4.24 -8.69
N SER A 30 -2.95 3.64 -9.68
CA SER A 30 -2.07 4.39 -10.58
C SER A 30 -2.31 4.00 -12.04
N GLN A 31 -2.76 2.77 -12.24
CA GLN A 31 -3.02 2.26 -13.58
C GLN A 31 -1.72 2.16 -14.36
N THR A 32 -1.71 1.28 -15.35
CA THR A 32 -0.52 1.08 -16.18
C THR A 32 0.64 0.54 -15.34
N ILE A 33 1.26 -0.52 -15.84
CA ILE A 33 2.38 -1.14 -15.15
C ILE A 33 3.59 -1.23 -16.06
N GLU A 34 4.76 -0.91 -15.51
CA GLU A 34 5.99 -0.96 -16.28
C GLU A 34 6.57 -2.37 -16.26
N LYS A 35 6.60 -3.00 -17.42
CA LYS A 35 7.12 -4.35 -17.55
C LYS A 35 8.20 -4.41 -18.62
N GLU A 36 9.31 -5.08 -18.30
CA GLU A 36 10.42 -5.20 -19.24
C GLU A 36 10.91 -3.83 -19.69
N GLY A 37 10.37 -3.32 -20.80
CA GLY A 37 10.78 -2.01 -21.31
C GLY A 37 9.58 -1.27 -21.90
N GLN A 38 8.38 -1.62 -21.42
CA GLN A 38 7.16 -0.99 -21.92
C GLN A 38 6.12 -0.92 -20.82
N THR A 39 5.00 -0.26 -21.10
CA THR A 39 3.94 -0.13 -20.13
C THR A 39 2.68 -0.85 -20.61
N VAL A 40 2.08 -1.63 -19.71
CA VAL A 40 0.89 -2.38 -20.04
C VAL A 40 -0.25 -1.98 -19.12
N THR A 41 -1.46 -2.03 -19.64
CA THR A 41 -2.63 -1.66 -18.86
C THR A 41 -2.92 -2.69 -17.78
N ASN A 42 -3.14 -2.21 -16.56
CA ASN A 42 -3.43 -3.09 -15.42
C ASN A 42 -4.92 -3.39 -15.33
N ASN A 43 -5.24 -4.61 -14.91
CA ASN A 43 -6.63 -5.02 -14.77
C ASN A 43 -7.12 -4.81 -13.33
N ASP A 44 -6.18 -4.60 -12.41
CA ASP A 44 -6.53 -4.41 -11.00
C ASP A 44 -6.25 -2.96 -10.58
N TYR A 45 -6.62 -2.02 -11.44
CA TYR A 45 -6.40 -0.61 -11.15
C TYR A 45 -7.10 -0.22 -9.85
N HIS A 46 -8.36 -0.58 -9.73
CA HIS A 46 -9.13 -0.26 -8.53
C HIS A 46 -9.76 -1.51 -7.94
N LYS A 47 -8.92 -2.49 -7.63
CA LYS A 47 -9.42 -3.74 -7.05
C LYS A 47 -9.11 -3.78 -5.56
N VAL A 48 -7.85 -3.59 -5.22
CA VAL A 48 -7.43 -3.59 -3.82
C VAL A 48 -8.01 -2.40 -3.09
N TYR A 49 -8.11 -1.28 -3.80
CA TYR A 49 -8.66 -0.07 -3.22
C TYR A 49 -10.14 -0.25 -2.94
N ASP A 50 -10.82 -0.89 -3.87
CA ASP A 50 -12.25 -1.13 -3.72
C ASP A 50 -12.52 -2.03 -2.54
N SER A 51 -11.68 -3.05 -2.38
CA SER A 51 -11.84 -3.99 -1.28
C SER A 51 -11.58 -3.31 0.05
N LEU A 52 -10.59 -2.44 0.07
CA LEU A 52 -10.25 -1.71 1.29
C LEU A 52 -11.24 -0.56 1.53
N LYS A 53 -12.01 -0.22 0.49
CA LYS A 53 -12.97 0.87 0.61
C LYS A 53 -14.37 0.35 0.94
N ASN A 54 -14.68 -0.84 0.44
CA ASN A 54 -15.98 -1.45 0.70
C ASN A 54 -15.94 -2.33 1.94
N MET A 55 -14.81 -2.33 2.64
CA MET A 55 -14.66 -3.13 3.84
C MET A 55 -15.80 -2.87 4.82
N SER A 56 -16.49 -1.73 4.66
CA SER A 56 -17.61 -1.36 5.55
C SER A 56 -17.07 -0.84 6.87
N THR A 57 -16.41 -1.72 7.61
CA THR A 57 -15.82 -1.33 8.89
C THR A 57 -14.74 -0.27 8.68
N VAL A 58 -14.25 -0.17 7.45
CA VAL A 58 -13.21 0.80 7.12
C VAL A 58 -13.76 2.23 7.10
N LYS A 59 -12.92 3.17 7.51
CA LYS A 59 -13.32 4.58 7.53
C LYS A 59 -12.81 5.30 6.29
N SER A 60 -11.54 5.05 5.95
CA SER A 60 -10.94 5.68 4.77
C SER A 60 -9.70 4.91 4.34
N VAL A 61 -9.32 5.09 3.08
CA VAL A 61 -8.13 4.42 2.55
C VAL A 61 -7.28 5.41 1.74
N THR A 62 -5.99 5.45 2.05
CA THR A 62 -5.07 6.35 1.38
C THR A 62 -3.93 5.57 0.73
N PHE A 63 -3.66 5.88 -0.52
CA PHE A 63 -2.59 5.22 -1.24
C PHE A 63 -1.26 5.92 -0.96
N SER A 64 -0.29 5.16 -0.50
CA SER A 64 1.01 5.72 -0.19
C SER A 64 2.07 5.23 -1.17
N SER A 65 2.26 5.95 -2.26
CA SER A 65 3.25 5.56 -3.26
C SER A 65 4.59 5.32 -2.59
N LYS A 66 5.33 4.35 -3.12
CA LYS A 66 6.64 4.01 -2.58
C LYS A 66 7.57 5.20 -2.64
N GLU A 67 7.44 6.00 -3.69
CA GLU A 67 8.28 7.17 -3.82
C GLU A 67 7.92 8.20 -2.77
N GLU A 68 6.64 8.35 -2.53
CA GLU A 68 6.16 9.30 -1.52
C GLU A 68 6.50 8.80 -0.11
N GLN A 69 6.35 7.50 0.08
CA GLN A 69 6.62 6.89 1.36
C GLN A 69 8.10 6.97 1.68
N TYR A 70 8.94 6.79 0.66
CA TYR A 70 10.37 6.85 0.83
C TYR A 70 10.77 8.24 1.31
N GLU A 71 10.17 9.24 0.70
CA GLU A 71 10.47 10.62 1.06
C GLU A 71 10.07 10.88 2.51
N LYS A 72 8.94 10.33 2.89
CA LYS A 72 8.45 10.50 4.25
C LYS A 72 9.36 9.79 5.24
N LEU A 73 9.83 8.61 4.85
CA LEU A 73 10.71 7.83 5.71
C LEU A 73 12.05 8.53 5.89
N THR A 74 12.51 9.18 4.85
CA THR A 74 13.78 9.89 4.92
C THR A 74 13.68 11.11 5.81
N GLU A 75 12.50 11.71 5.84
CA GLU A 75 12.27 12.87 6.68
C GLU A 75 12.29 12.49 8.15
N ILE A 76 11.71 11.33 8.45
CA ILE A 76 11.64 10.84 9.83
C ILE A 76 12.91 10.08 10.23
N MET A 77 13.51 9.39 9.28
CA MET A 77 14.75 8.64 9.53
C MET A 77 15.97 9.50 9.23
N GLY A 78 15.75 10.69 8.68
CA GLY A 78 16.85 11.59 8.35
C GLY A 78 17.34 11.34 6.92
N ASP A 79 18.27 12.17 6.47
CA ASP A 79 18.83 12.03 5.13
C ASP A 79 20.11 11.21 5.17
N ASN A 80 20.32 10.49 6.28
CA ASN A 80 21.52 9.68 6.44
C ASN A 80 21.19 8.20 6.32
N TRP A 81 19.94 7.85 6.55
CA TRP A 81 19.52 6.46 6.48
C TRP A 81 19.27 6.05 5.03
N LYS A 82 19.34 4.75 4.75
CA LYS A 82 19.12 4.26 3.41
C LYS A 82 19.08 2.73 3.40
N ILE A 83 20.24 2.12 3.60
CA ILE A 83 20.34 0.65 3.61
C ILE A 83 19.56 0.05 2.45
N PHE A 84 19.53 0.78 1.35
CA PHE A 84 18.82 0.32 0.16
C PHE A 84 19.42 0.94 -1.10
N GLU A 85 20.67 0.60 -1.37
CA GLU A 85 21.35 1.13 -2.55
C GLU A 85 20.55 0.82 -3.81
N GLY A 86 20.52 1.77 -4.74
CA GLY A 86 19.77 1.59 -5.98
C GLY A 86 18.55 2.50 -6.02
N ASP A 87 17.44 1.97 -6.52
CA ASP A 87 16.21 2.74 -6.62
C ASP A 87 15.75 3.19 -5.24
N ALA A 88 15.92 2.32 -4.25
CA ALA A 88 15.52 2.62 -2.88
C ALA A 88 13.99 2.67 -2.76
N ASN A 89 13.38 1.49 -2.73
CA ASN A 89 11.92 1.41 -2.63
C ASN A 89 11.53 0.47 -1.50
N PRO A 90 11.71 0.89 -0.27
CA PRO A 90 11.37 0.06 0.93
C PRO A 90 9.90 -0.33 0.96
N LEU A 91 9.03 0.61 0.66
CA LEU A 91 7.60 0.33 0.64
C LEU A 91 7.10 0.27 -0.79
N TYR A 92 5.90 -0.27 -0.94
CA TYR A 92 5.32 -0.43 -2.27
C TYR A 92 3.83 -0.16 -2.26
N ASP A 93 3.45 1.00 -2.77
CA ASP A 93 2.04 1.42 -2.86
C ASP A 93 1.46 1.79 -1.51
N ALA A 94 1.68 0.93 -0.52
CA ALA A 94 1.20 1.11 0.85
C ALA A 94 -0.23 1.64 0.90
N TYR A 95 -1.10 0.92 1.58
CA TYR A 95 -2.48 1.37 1.71
C TYR A 95 -2.79 1.71 3.15
N ILE A 96 -2.89 3.00 3.44
CA ILE A 96 -3.19 3.42 4.79
C ILE A 96 -4.69 3.38 5.02
N VAL A 97 -5.13 2.42 5.82
CA VAL A 97 -6.54 2.25 6.10
C VAL A 97 -6.84 2.64 7.55
N GLU A 98 -7.94 3.36 7.74
CA GLU A 98 -8.34 3.79 9.07
C GLU A 98 -9.55 2.99 9.54
N ALA A 99 -9.35 2.14 10.55
CA ALA A 99 -10.42 1.33 11.08
C ALA A 99 -11.40 2.18 11.89
N ASN A 100 -12.67 1.83 11.87
CA ASN A 100 -13.67 2.59 12.61
C ASN A 100 -13.26 2.73 14.06
N ALA A 101 -12.61 1.69 14.59
CA ALA A 101 -12.17 1.71 15.98
C ALA A 101 -10.79 1.06 16.13
N PRO A 102 -10.09 1.34 17.19
CA PRO A 102 -8.74 0.77 17.45
C PRO A 102 -8.78 -0.76 17.63
N ASN A 103 -9.96 -1.27 17.95
CA ASN A 103 -10.13 -2.71 18.15
C ASN A 103 -10.46 -3.41 16.82
N ASP A 104 -10.63 -2.63 15.75
CA ASP A 104 -10.94 -3.17 14.44
C ASP A 104 -9.70 -3.17 13.56
N VAL A 105 -8.63 -2.53 14.01
CA VAL A 105 -7.41 -2.47 13.23
C VAL A 105 -6.86 -3.87 13.01
N LYS A 106 -7.17 -4.75 13.94
CA LYS A 106 -6.71 -6.14 13.84
C LYS A 106 -7.62 -6.92 12.91
N THR A 107 -8.90 -6.56 12.91
CA THR A 107 -9.87 -7.22 12.06
C THR A 107 -9.68 -6.80 10.61
N ILE A 108 -9.38 -5.53 10.42
CA ILE A 108 -9.19 -5.00 9.08
C ILE A 108 -7.90 -5.54 8.49
N ALA A 109 -6.87 -5.63 9.32
CA ALA A 109 -5.58 -6.14 8.86
C ALA A 109 -5.71 -7.58 8.41
N GLU A 110 -6.48 -8.36 9.16
CA GLU A 110 -6.65 -9.77 8.82
C GLU A 110 -7.52 -9.93 7.59
N ASP A 111 -8.42 -8.98 7.39
CA ASP A 111 -9.31 -9.00 6.23
C ASP A 111 -8.57 -8.55 4.98
N ALA A 112 -7.67 -7.59 5.15
CA ALA A 112 -6.88 -7.06 4.04
C ALA A 112 -5.96 -8.15 3.47
N LYS A 113 -5.48 -9.02 4.35
CA LYS A 113 -4.59 -10.10 3.92
C LYS A 113 -5.31 -11.05 2.97
N LYS A 114 -6.63 -10.94 2.92
CA LYS A 114 -7.43 -11.79 2.05
C LYS A 114 -7.63 -11.13 0.68
N ILE A 115 -7.09 -9.93 0.50
CA ILE A 115 -7.22 -9.22 -0.77
C ILE A 115 -6.05 -9.54 -1.69
N GLU A 116 -6.36 -9.89 -2.94
CA GLU A 116 -5.33 -10.21 -3.91
C GLU A 116 -4.47 -8.99 -4.19
N GLY A 117 -3.17 -9.22 -4.34
CA GLY A 117 -2.23 -8.14 -4.60
C GLY A 117 -1.57 -7.65 -3.31
N VAL A 118 -2.14 -8.03 -2.17
CA VAL A 118 -1.58 -7.62 -0.89
C VAL A 118 -0.32 -8.43 -0.57
N SER A 119 0.77 -7.72 -0.27
CA SER A 119 2.03 -8.36 0.05
C SER A 119 2.19 -8.53 1.56
N GLU A 120 1.97 -7.45 2.30
CA GLU A 120 2.09 -7.49 3.76
C GLU A 120 1.17 -6.48 4.42
N VAL A 121 0.61 -6.85 5.56
CA VAL A 121 -0.31 -5.96 6.26
C VAL A 121 0.10 -5.82 7.73
N GLN A 122 0.15 -4.58 8.21
CA GLN A 122 0.53 -4.35 9.59
C GLN A 122 -0.40 -3.30 10.23
N ASP A 123 -0.61 -3.45 11.52
CA ASP A 123 -1.47 -2.53 12.25
C ASP A 123 -0.68 -1.32 12.76
N GLY A 124 -1.33 -0.50 13.57
CA GLY A 124 -0.67 0.69 14.11
C GLY A 124 0.27 0.33 15.25
N ASN A 15 -7.01 5.69 18.45
CA ASN A 15 -5.87 4.82 18.19
C ASN A 15 -6.18 3.87 17.04
N VAL A 16 -6.25 4.42 15.83
CA VAL A 16 -6.52 3.62 14.63
C VAL A 16 -5.49 3.95 13.57
N ARG A 17 -5.25 2.98 12.67
CA ARG A 17 -4.29 3.14 11.56
C ARG A 17 -3.85 1.77 11.06
N VAL A 18 -4.18 1.45 9.82
CA VAL A 18 -3.77 0.18 9.24
C VAL A 18 -3.09 0.43 7.89
N VAL A 19 -1.94 -0.18 7.68
CA VAL A 19 -1.23 0.00 6.42
C VAL A 19 -1.08 -1.34 5.72
N VAL A 20 -1.59 -1.42 4.50
CA VAL A 20 -1.51 -2.67 3.73
C VAL A 20 -0.52 -2.51 2.59
N TYR A 21 0.53 -3.31 2.61
CA TYR A 21 1.54 -3.27 1.58
C TYR A 21 1.12 -4.17 0.43
N ILE A 22 1.22 -3.64 -0.77
CA ILE A 22 0.83 -4.39 -1.96
C ILE A 22 2.02 -5.14 -2.56
N ARG A 23 1.73 -6.27 -3.21
CA ARG A 23 2.77 -7.08 -3.83
C ARG A 23 3.76 -6.22 -4.63
N LYS A 24 5.04 -6.60 -4.56
CA LYS A 24 6.07 -5.87 -5.28
C LYS A 24 6.05 -6.25 -6.75
N ASP A 25 5.07 -5.72 -7.45
CA ASP A 25 4.91 -6.00 -8.87
C ASP A 25 3.64 -5.38 -9.41
N VAL A 26 2.77 -4.88 -8.53
CA VAL A 26 1.53 -4.27 -8.97
C VAL A 26 1.44 -2.85 -8.42
N GLU A 27 1.16 -1.88 -9.29
CA GLU A 27 1.05 -0.50 -8.86
C GLU A 27 -0.36 -0.16 -8.39
N ASP A 28 -1.34 -0.92 -8.87
CA ASP A 28 -2.74 -0.71 -8.50
C ASP A 28 -3.28 0.61 -9.08
N ASN A 29 -2.71 1.72 -8.63
CA ASN A 29 -3.13 3.03 -9.09
C ASN A 29 -2.74 3.25 -10.55
N SER A 30 -1.94 2.33 -11.11
CA SER A 30 -1.52 2.46 -12.49
C SER A 30 -2.49 1.71 -13.41
N GLN A 31 -2.87 2.38 -14.49
CA GLN A 31 -3.78 1.76 -15.45
C GLN A 31 -3.07 0.69 -16.28
N THR A 32 -1.74 0.73 -16.28
CA THR A 32 -0.96 -0.23 -17.03
C THR A 32 0.37 -0.50 -16.34
N ILE A 33 0.97 -1.64 -16.66
CA ILE A 33 2.25 -2.02 -16.07
C ILE A 33 3.21 -2.51 -17.13
N GLU A 34 4.49 -2.40 -16.84
CA GLU A 34 5.52 -2.83 -17.78
C GLU A 34 5.84 -4.30 -17.60
N LYS A 35 5.40 -5.10 -18.57
CA LYS A 35 5.63 -6.53 -18.55
C LYS A 35 5.89 -7.04 -19.96
N GLU A 36 6.73 -8.09 -20.04
CA GLU A 36 7.10 -8.71 -21.31
C GLU A 36 6.03 -8.47 -22.37
N GLY A 37 6.27 -7.47 -23.21
CA GLY A 37 5.32 -7.13 -24.25
C GLY A 37 4.92 -5.65 -24.14
N GLN A 38 5.81 -4.84 -23.54
CA GLN A 38 5.57 -3.42 -23.36
C GLN A 38 4.57 -3.16 -22.25
N THR A 39 3.96 -1.97 -22.24
CA THR A 39 2.99 -1.63 -21.23
C THR A 39 1.68 -2.37 -21.49
N VAL A 40 1.28 -3.16 -20.50
CA VAL A 40 0.06 -3.95 -20.62
C VAL A 40 -0.91 -3.54 -19.53
N THR A 41 -2.16 -3.33 -19.91
CA THR A 41 -3.19 -2.93 -18.95
C THR A 41 -3.15 -3.79 -17.70
N ASN A 42 -3.07 -3.14 -16.56
CA ASN A 42 -3.03 -3.84 -15.27
C ASN A 42 -4.32 -4.60 -15.04
N ASN A 43 -5.43 -4.03 -15.48
CA ASN A 43 -6.75 -4.65 -15.30
C ASN A 43 -7.11 -4.68 -13.81
N ASP A 44 -6.41 -3.89 -13.01
CA ASP A 44 -6.67 -3.83 -11.58
C ASP A 44 -6.59 -2.39 -11.09
N TYR A 45 -7.07 -1.46 -11.91
CA TYR A 45 -7.03 -0.05 -11.54
C TYR A 45 -7.91 0.22 -10.32
N HIS A 46 -7.30 0.72 -9.26
CA HIS A 46 -8.04 1.02 -8.03
C HIS A 46 -8.86 -0.19 -7.58
N LYS A 47 -8.35 -1.38 -7.86
CA LYS A 47 -9.06 -2.60 -7.48
C LYS A 47 -8.92 -2.86 -5.99
N VAL A 48 -7.70 -2.75 -5.50
CA VAL A 48 -7.44 -2.97 -4.08
C VAL A 48 -8.05 -1.85 -3.26
N TYR A 49 -7.97 -0.64 -3.80
CA TYR A 49 -8.53 0.53 -3.13
C TYR A 49 -10.03 0.38 -2.97
N ASP A 50 -10.69 -0.06 -4.04
CA ASP A 50 -12.13 -0.22 -4.01
C ASP A 50 -12.53 -1.26 -2.99
N SER A 51 -11.75 -2.33 -2.92
CA SER A 51 -12.04 -3.40 -1.98
C SER A 51 -11.85 -2.90 -0.55
N LEU A 52 -10.82 -2.09 -0.35
CA LEU A 52 -10.52 -1.54 0.97
C LEU A 52 -11.59 -0.53 1.39
N LYS A 53 -12.03 0.26 0.42
CA LYS A 53 -13.03 1.29 0.67
C LYS A 53 -14.39 0.68 1.00
N ASN A 54 -14.72 -0.42 0.35
CA ASN A 54 -15.99 -1.10 0.59
C ASN A 54 -15.81 -2.29 1.52
N MET A 55 -14.61 -2.41 2.09
CA MET A 55 -14.31 -3.52 2.99
C MET A 55 -15.21 -3.46 4.23
N SER A 56 -15.79 -2.30 4.50
CA SER A 56 -16.63 -2.10 5.66
C SER A 56 -15.78 -2.02 6.91
N THR A 57 -16.32 -1.43 7.96
CA THR A 57 -15.59 -1.27 9.22
C THR A 57 -14.45 -0.25 9.06
N VAL A 58 -14.38 0.39 7.89
CA VAL A 58 -13.33 1.39 7.64
C VAL A 58 -13.94 2.77 7.48
N LYS A 59 -13.17 3.79 7.80
CA LYS A 59 -13.65 5.16 7.70
C LYS A 59 -13.13 5.83 6.43
N SER A 60 -11.90 5.51 6.07
CA SER A 60 -11.28 6.09 4.88
C SER A 60 -10.08 5.28 4.44
N VAL A 61 -9.80 5.32 3.13
CA VAL A 61 -8.65 4.59 2.59
C VAL A 61 -7.80 5.51 1.70
N THR A 62 -6.51 5.54 1.96
CA THR A 62 -5.60 6.37 1.18
C THR A 62 -4.48 5.53 0.59
N PHE A 63 -4.26 5.67 -0.71
CA PHE A 63 -3.21 4.92 -1.37
C PHE A 63 -1.90 5.68 -1.28
N SER A 64 -0.93 5.06 -0.64
CA SER A 64 0.39 5.67 -0.50
C SER A 64 1.39 4.98 -1.42
N SER A 65 1.92 5.73 -2.38
CA SER A 65 2.90 5.18 -3.32
C SER A 65 4.15 4.75 -2.57
N LYS A 66 4.90 3.82 -3.14
CA LYS A 66 6.12 3.33 -2.51
C LYS A 66 7.12 4.47 -2.35
N GLU A 67 7.11 5.38 -3.32
CA GLU A 67 8.01 6.52 -3.28
C GLU A 67 7.60 7.45 -2.14
N GLU A 68 6.30 7.62 -1.97
CA GLU A 68 5.81 8.48 -0.90
C GLU A 68 5.97 7.81 0.46
N GLN A 69 5.79 6.51 0.48
CA GLN A 69 5.93 5.75 1.71
C GLN A 69 7.37 5.80 2.20
N TYR A 70 8.30 5.70 1.28
CA TYR A 70 9.71 5.75 1.63
C TYR A 70 10.07 7.13 2.17
N GLU A 71 9.54 8.16 1.51
CA GLU A 71 9.81 9.53 1.92
C GLU A 71 9.25 9.80 3.31
N LYS A 72 8.07 9.27 3.56
CA LYS A 72 7.44 9.46 4.85
C LYS A 72 8.22 8.75 5.94
N LEU A 73 8.74 7.57 5.62
CA LEU A 73 9.51 6.78 6.59
C LEU A 73 10.81 7.49 6.94
N THR A 74 11.39 8.17 5.97
CA THR A 74 12.64 8.88 6.20
C THR A 74 12.40 10.11 7.07
N GLU A 75 11.24 10.73 6.91
CA GLU A 75 10.90 11.91 7.69
C GLU A 75 10.69 11.53 9.15
N ILE A 76 10.05 10.39 9.37
CA ILE A 76 9.78 9.92 10.74
C ILE A 76 11.01 9.24 11.34
N MET A 77 11.78 8.54 10.51
CA MET A 77 12.97 7.85 10.99
C MET A 77 14.11 8.84 11.20
N GLY A 78 14.41 9.61 10.17
CA GLY A 78 15.49 10.59 10.25
C GLY A 78 16.83 9.89 10.45
N ASP A 79 17.85 10.67 10.77
CA ASP A 79 19.17 10.12 11.00
C ASP A 79 19.65 9.33 9.79
N ASN A 80 19.02 9.55 8.65
CA ASN A 80 19.41 8.85 7.44
C ASN A 80 19.42 7.34 7.67
N TRP A 81 18.34 6.82 8.26
CA TRP A 81 18.21 5.38 8.54
C TRP A 81 18.37 4.59 7.23
N LYS A 82 17.99 3.30 7.27
CA LYS A 82 18.07 2.43 6.08
C LYS A 82 17.94 3.23 4.80
N ILE A 83 19.04 3.32 4.06
CA ILE A 83 19.06 4.07 2.83
C ILE A 83 18.20 3.37 1.78
N PHE A 84 18.04 4.03 0.65
CA PHE A 84 17.22 3.49 -0.43
C PHE A 84 17.55 2.03 -0.69
N GLU A 85 18.72 1.78 -1.27
CA GLU A 85 19.14 0.42 -1.56
C GLU A 85 18.20 -0.21 -2.58
N GLY A 86 18.71 -1.17 -3.35
CA GLY A 86 17.90 -1.85 -4.36
C GLY A 86 17.81 -1.02 -5.65
N ASP A 87 16.97 -1.48 -6.57
CA ASP A 87 16.81 -0.78 -7.84
C ASP A 87 16.28 0.63 -7.64
N ALA A 88 15.19 0.74 -6.87
CA ALA A 88 14.59 2.04 -6.61
C ALA A 88 14.31 2.19 -5.12
N ASN A 89 13.32 1.45 -4.63
CA ASN A 89 12.98 1.51 -3.23
C ASN A 89 12.78 0.10 -2.66
N PRO A 90 13.09 -0.10 -1.41
CA PRO A 90 12.95 -1.43 -0.74
C PRO A 90 11.50 -1.76 -0.39
N LEU A 91 10.68 -0.71 -0.27
CA LEU A 91 9.27 -0.89 0.06
C LEU A 91 8.42 -0.81 -1.20
N TYR A 92 7.15 -1.19 -1.07
CA TYR A 92 6.23 -1.16 -2.20
C TYR A 92 5.03 -0.28 -1.87
N ASP A 93 3.98 -0.40 -2.68
CA ASP A 93 2.77 0.38 -2.46
C ASP A 93 2.14 0.06 -1.11
N ALA A 94 1.47 1.04 -0.53
CA ALA A 94 0.83 0.87 0.77
C ALA A 94 -0.57 1.48 0.76
N TYR A 95 -1.47 0.85 1.49
CA TYR A 95 -2.84 1.34 1.60
C TYR A 95 -3.14 1.70 3.04
N ILE A 96 -3.37 2.99 3.29
CA ILE A 96 -3.64 3.46 4.63
C ILE A 96 -5.15 3.40 4.89
N VAL A 97 -5.56 2.55 5.80
CA VAL A 97 -6.96 2.39 6.14
C VAL A 97 -7.22 2.79 7.58
N GLU A 98 -8.31 3.52 7.79
CA GLU A 98 -8.66 3.95 9.13
C GLU A 98 -9.77 3.05 9.69
N ALA A 99 -9.41 2.23 10.66
CA ALA A 99 -10.37 1.31 11.26
C ALA A 99 -11.37 2.07 12.12
N ASN A 100 -12.60 1.59 12.15
CA ASN A 100 -13.65 2.24 12.94
C ASN A 100 -13.25 2.28 14.41
N ALA A 101 -12.67 1.18 14.89
CA ALA A 101 -12.24 1.11 16.29
C ALA A 101 -10.82 0.59 16.40
N PRO A 102 -10.16 0.84 17.50
CA PRO A 102 -8.75 0.38 17.72
C PRO A 102 -8.65 -1.15 17.74
N ASN A 103 -9.75 -1.81 18.04
CA ASN A 103 -9.76 -3.27 18.09
C ASN A 103 -10.11 -3.85 16.72
N ASP A 104 -10.44 -2.99 15.77
CA ASP A 104 -10.78 -3.42 14.42
C ASP A 104 -9.58 -3.29 13.50
N VAL A 105 -8.58 -2.54 13.93
CA VAL A 105 -7.38 -2.35 13.12
C VAL A 105 -6.81 -3.70 12.76
N LYS A 106 -6.94 -4.63 13.68
CA LYS A 106 -6.44 -5.99 13.46
C LYS A 106 -7.32 -6.74 12.48
N THR A 107 -8.61 -6.44 12.52
CA THR A 107 -9.56 -7.09 11.64
C THR A 107 -9.38 -6.61 10.20
N ILE A 108 -9.09 -5.33 10.06
CA ILE A 108 -8.90 -4.75 8.73
C ILE A 108 -7.65 -5.31 8.10
N ALA A 109 -6.61 -5.46 8.89
CA ALA A 109 -5.36 -5.99 8.39
C ALA A 109 -5.53 -7.42 7.90
N GLU A 110 -6.31 -8.19 8.63
CA GLU A 110 -6.54 -9.59 8.27
C GLU A 110 -7.38 -9.69 7.00
N ASP A 111 -8.30 -8.75 6.85
CA ASP A 111 -9.17 -8.72 5.68
C ASP A 111 -8.40 -8.31 4.43
N ALA A 112 -7.50 -7.36 4.60
CA ALA A 112 -6.70 -6.88 3.48
C ALA A 112 -5.82 -8.00 2.94
N LYS A 113 -5.36 -8.86 3.84
CA LYS A 113 -4.51 -9.98 3.45
C LYS A 113 -5.25 -10.91 2.50
N LYS A 114 -6.57 -10.92 2.60
CA LYS A 114 -7.39 -11.77 1.74
C LYS A 114 -8.10 -10.95 0.67
N ILE A 115 -7.96 -9.62 0.72
CA ILE A 115 -8.61 -8.75 -0.27
C ILE A 115 -8.12 -9.07 -1.68
N GLU A 116 -6.80 -9.08 -1.84
CA GLU A 116 -6.22 -9.35 -3.16
C GLU A 116 -4.82 -10.01 -3.02
N GLY A 117 -3.77 -9.20 -3.11
CA GLY A 117 -2.42 -9.72 -3.00
C GLY A 117 -1.53 -8.71 -2.31
N VAL A 118 -1.61 -8.68 -0.99
CA VAL A 118 -0.80 -7.75 -0.21
C VAL A 118 0.50 -8.41 0.20
N SER A 119 1.61 -7.69 0.03
CA SER A 119 2.91 -8.23 0.39
C SER A 119 3.04 -8.36 1.91
N GLU A 120 2.41 -7.42 2.62
CA GLU A 120 2.46 -7.44 4.08
C GLU A 120 1.53 -6.39 4.66
N VAL A 121 1.23 -6.51 5.94
CA VAL A 121 0.35 -5.56 6.59
C VAL A 121 0.93 -5.12 7.94
N GLN A 122 0.82 -3.83 8.23
CA GLN A 122 1.33 -3.27 9.48
C GLN A 122 0.28 -2.42 10.17
N ASP A 123 0.12 -2.64 11.48
CA ASP A 123 -0.86 -1.89 12.26
C ASP A 123 -0.18 -0.78 13.05
N GLY A 124 -0.77 0.40 13.03
CA GLY A 124 -0.23 1.55 13.75
C GLY A 124 1.18 1.86 13.28
N ASN A 15 -3.85 5.59 18.47
CA ASN A 15 -3.34 4.40 17.83
C ASN A 15 -3.96 4.23 16.44
N VAL A 16 -4.86 3.25 16.29
CA VAL A 16 -5.51 3.01 15.02
C VAL A 16 -4.49 3.08 13.89
N ARG A 17 -4.98 3.32 12.68
CA ARG A 17 -4.13 3.44 11.51
C ARG A 17 -3.61 2.07 11.08
N VAL A 18 -3.95 1.66 9.88
CA VAL A 18 -3.52 0.39 9.34
C VAL A 18 -2.85 0.58 7.98
N VAL A 19 -1.78 -0.16 7.75
CA VAL A 19 -1.05 -0.06 6.49
C VAL A 19 -1.05 -1.40 5.76
N VAL A 20 -1.51 -1.39 4.52
CA VAL A 20 -1.54 -2.61 3.72
C VAL A 20 -0.58 -2.48 2.53
N TYR A 21 0.52 -3.22 2.57
CA TYR A 21 1.50 -3.20 1.51
C TYR A 21 1.02 -4.03 0.33
N ILE A 22 1.36 -3.56 -0.86
CA ILE A 22 0.97 -4.24 -2.09
C ILE A 22 2.18 -4.83 -2.80
N ARG A 23 2.03 -6.05 -3.29
CA ARG A 23 3.11 -6.73 -3.98
C ARG A 23 3.73 -5.82 -5.04
N LYS A 24 5.00 -6.07 -5.35
CA LYS A 24 5.71 -5.27 -6.35
C LYS A 24 5.28 -5.68 -7.75
N ASP A 25 4.85 -6.92 -7.90
CA ASP A 25 4.42 -7.42 -9.20
C ASP A 25 3.13 -6.72 -9.65
N VAL A 26 2.49 -6.01 -8.73
CA VAL A 26 1.26 -5.31 -9.06
C VAL A 26 1.30 -3.88 -8.52
N GLU A 27 0.83 -2.94 -9.32
CA GLU A 27 0.81 -1.54 -8.90
C GLU A 27 -0.63 -1.05 -8.80
N ASP A 28 -1.22 -1.19 -7.62
CA ASP A 28 -2.60 -0.77 -7.41
C ASP A 28 -2.71 0.75 -7.42
N ASN A 29 -3.93 1.23 -7.57
CA ASN A 29 -4.19 2.68 -7.62
C ASN A 29 -3.24 3.34 -8.61
N SER A 30 -3.03 2.70 -9.75
CA SER A 30 -2.13 3.25 -10.76
C SER A 30 -2.70 3.01 -12.16
N GLN A 31 -2.87 4.10 -12.91
CA GLN A 31 -3.41 4.01 -14.26
C GLN A 31 -2.41 3.32 -15.17
N THR A 32 -2.83 2.20 -15.77
CA THR A 32 -1.96 1.44 -16.66
C THR A 32 -0.70 0.97 -15.92
N ILE A 33 -0.11 -0.12 -16.40
CA ILE A 33 1.09 -0.65 -15.80
C ILE A 33 2.13 -0.97 -16.85
N GLU A 34 3.38 -1.04 -16.43
CA GLU A 34 4.47 -1.33 -17.35
C GLU A 34 4.71 -2.84 -17.46
N LYS A 35 4.37 -3.39 -18.62
CA LYS A 35 4.57 -4.81 -18.86
C LYS A 35 5.28 -5.06 -20.19
N GLU A 36 6.32 -5.88 -20.16
CA GLU A 36 7.08 -6.18 -21.37
C GLU A 36 7.83 -4.93 -21.86
N GLY A 37 8.07 -4.00 -20.95
CA GLY A 37 8.77 -2.77 -21.31
C GLY A 37 7.82 -1.76 -21.96
N GLN A 38 6.53 -2.07 -21.95
CA GLN A 38 5.53 -1.19 -22.54
C GLN A 38 4.44 -0.86 -21.54
N THR A 39 3.68 0.20 -21.80
CA THR A 39 2.61 0.60 -20.91
C THR A 39 1.26 0.14 -21.45
N VAL A 40 0.53 -0.62 -20.63
CA VAL A 40 -0.77 -1.13 -21.03
C VAL A 40 -1.79 -0.89 -19.92
N THR A 41 -3.05 -0.82 -20.31
CA THR A 41 -4.13 -0.59 -19.35
C THR A 41 -4.21 -1.74 -18.35
N ASN A 42 -4.31 -1.40 -17.07
CA ASN A 42 -4.39 -2.42 -16.02
C ASN A 42 -5.83 -2.69 -15.64
N ASN A 43 -6.22 -3.96 -15.69
CA ASN A 43 -7.58 -4.36 -15.36
C ASN A 43 -7.87 -4.05 -13.89
N ASP A 44 -6.83 -4.03 -13.08
CA ASP A 44 -6.98 -3.75 -11.65
C ASP A 44 -6.38 -2.39 -11.30
N TYR A 45 -7.00 -1.33 -11.81
CA TYR A 45 -6.52 0.02 -11.54
C TYR A 45 -6.51 0.31 -10.06
N HIS A 46 -7.60 -0.02 -9.37
CA HIS A 46 -7.71 0.23 -7.93
C HIS A 46 -8.67 -0.77 -7.29
N LYS A 47 -8.49 -2.05 -7.62
CA LYS A 47 -9.33 -3.10 -7.07
C LYS A 47 -9.14 -3.22 -5.56
N VAL A 48 -7.90 -3.07 -5.13
CA VAL A 48 -7.56 -3.16 -3.71
C VAL A 48 -8.20 -2.00 -2.95
N TYR A 49 -8.19 -0.83 -3.57
CA TYR A 49 -8.78 0.35 -2.95
C TYR A 49 -10.25 0.15 -2.70
N ASP A 50 -10.92 -0.42 -3.69
CA ASP A 50 -12.36 -0.66 -3.58
C ASP A 50 -12.66 -1.67 -2.50
N SER A 51 -11.82 -2.69 -2.41
CA SER A 51 -11.99 -3.74 -1.40
C SER A 51 -11.79 -3.17 0.00
N LEU A 52 -10.77 -2.33 0.13
CA LEU A 52 -10.47 -1.71 1.42
C LEU A 52 -11.50 -0.64 1.75
N LYS A 53 -11.99 0.04 0.73
CA LYS A 53 -12.97 1.10 0.92
C LYS A 53 -14.37 0.52 1.09
N ASN A 54 -14.59 -0.66 0.52
CA ASN A 54 -15.90 -1.31 0.61
C ASN A 54 -15.94 -2.29 1.78
N MET A 55 -14.80 -2.45 2.46
CA MET A 55 -14.72 -3.34 3.60
C MET A 55 -15.82 -3.04 4.60
N SER A 56 -16.40 -1.82 4.53
CA SER A 56 -17.46 -1.41 5.44
C SER A 56 -16.86 -0.99 6.77
N THR A 57 -16.08 -1.86 7.38
CA THR A 57 -15.44 -1.56 8.66
C THR A 57 -14.31 -0.55 8.48
N VAL A 58 -14.03 -0.19 7.23
CA VAL A 58 -12.98 0.76 6.94
C VAL A 58 -13.53 2.18 6.88
N LYS A 59 -12.95 3.05 7.69
CA LYS A 59 -13.37 4.45 7.72
C LYS A 59 -12.92 5.18 6.45
N SER A 60 -11.68 4.94 6.04
CA SER A 60 -11.13 5.57 4.86
C SER A 60 -9.91 4.82 4.37
N VAL A 61 -9.59 5.00 3.09
CA VAL A 61 -8.43 4.34 2.50
C VAL A 61 -7.56 5.32 1.72
N THR A 62 -6.27 5.35 2.02
CA THR A 62 -5.35 6.24 1.33
C THR A 62 -4.26 5.44 0.64
N PHE A 63 -4.04 5.71 -0.63
CA PHE A 63 -3.03 4.99 -1.39
C PHE A 63 -1.68 5.71 -1.33
N SER A 64 -0.74 5.12 -0.61
CA SER A 64 0.58 5.71 -0.47
C SER A 64 1.55 5.10 -1.49
N SER A 65 2.01 5.91 -2.42
CA SER A 65 2.93 5.44 -3.45
C SER A 65 4.28 5.08 -2.84
N LYS A 66 5.07 4.31 -3.58
CA LYS A 66 6.39 3.89 -3.10
C LYS A 66 7.28 5.11 -2.89
N GLU A 67 6.99 6.17 -3.64
CA GLU A 67 7.76 7.41 -3.53
C GLU A 67 7.55 8.03 -2.15
N GLU A 68 6.31 7.95 -1.68
CA GLU A 68 5.98 8.49 -0.36
C GLU A 68 6.66 7.70 0.73
N GLN A 69 6.68 6.39 0.57
CA GLN A 69 7.31 5.51 1.56
C GLN A 69 8.82 5.76 1.60
N TYR A 70 9.39 6.04 0.44
CA TYR A 70 10.81 6.31 0.34
C TYR A 70 11.14 7.63 1.03
N GLU A 71 10.24 8.59 0.90
CA GLU A 71 10.44 9.90 1.52
C GLU A 71 10.51 9.76 3.03
N LYS A 72 9.69 8.87 3.57
CA LYS A 72 9.68 8.65 5.01
C LYS A 72 10.97 7.99 5.44
N LEU A 73 11.49 7.12 4.60
CA LEU A 73 12.75 6.44 4.90
C LEU A 73 13.89 7.42 4.92
N THR A 74 13.86 8.38 4.02
CA THR A 74 14.92 9.39 3.95
C THR A 74 14.88 10.30 5.17
N GLU A 75 13.67 10.57 5.66
CA GLU A 75 13.51 11.42 6.82
C GLU A 75 14.08 10.74 8.06
N ILE A 76 13.89 9.44 8.15
CA ILE A 76 14.39 8.67 9.29
C ILE A 76 15.84 8.26 9.07
N MET A 77 16.23 8.15 7.81
CA MET A 77 17.59 7.76 7.46
C MET A 77 18.50 8.98 7.40
N GLY A 78 18.79 9.54 8.57
CA GLY A 78 19.65 10.72 8.65
C GLY A 78 19.05 11.88 7.86
N ASP A 79 19.86 12.48 7.00
CA ASP A 79 19.40 13.60 6.19
C ASP A 79 19.66 13.34 4.71
N ASN A 80 20.24 12.17 4.39
CA ASN A 80 20.52 11.82 3.02
C ASN A 80 20.92 10.34 2.92
N TRP A 81 20.30 9.64 1.98
CA TRP A 81 20.62 8.23 1.79
C TRP A 81 19.98 7.72 0.50
N LYS A 82 20.66 6.79 -0.17
CA LYS A 82 20.16 6.23 -1.41
C LYS A 82 20.60 4.78 -1.58
N ILE A 83 19.68 3.94 -2.04
CA ILE A 83 19.98 2.53 -2.27
C ILE A 83 19.31 2.02 -3.53
N PHE A 84 18.50 2.86 -4.16
CA PHE A 84 17.82 2.48 -5.38
C PHE A 84 17.85 3.64 -6.38
N GLU A 85 18.20 3.32 -7.60
CA GLU A 85 18.26 4.33 -8.67
C GLU A 85 17.61 3.80 -9.96
N GLY A 86 16.53 3.05 -9.80
CA GLY A 86 15.83 2.48 -10.95
C GLY A 86 14.46 1.95 -10.55
N ASP A 87 13.93 1.04 -11.36
CA ASP A 87 12.63 0.45 -11.08
C ASP A 87 12.65 -0.29 -9.74
N ALA A 88 13.76 -0.95 -9.46
CA ALA A 88 13.90 -1.70 -8.21
C ALA A 88 13.70 -0.77 -7.01
N ASN A 89 12.93 -1.23 -6.04
CA ASN A 89 12.67 -0.42 -4.85
C ASN A 89 12.45 -1.32 -3.64
N PRO A 90 13.15 -1.09 -2.55
CA PRO A 90 13.01 -1.90 -1.31
C PRO A 90 11.55 -1.99 -0.83
N LEU A 91 10.83 -0.88 -0.95
CA LEU A 91 9.44 -0.84 -0.52
C LEU A 91 8.51 -0.73 -1.73
N TYR A 92 7.22 -1.00 -1.51
CA TYR A 92 6.25 -0.93 -2.59
C TYR A 92 5.08 -0.03 -2.18
N ASP A 93 3.99 -0.13 -2.93
CA ASP A 93 2.80 0.68 -2.64
C ASP A 93 2.19 0.26 -1.31
N ALA A 94 1.71 1.23 -0.55
CA ALA A 94 1.10 0.96 0.75
C ALA A 94 -0.30 1.56 0.82
N TYR A 95 -1.19 0.88 1.50
CA TYR A 95 -2.57 1.36 1.65
C TYR A 95 -2.85 1.75 3.11
N ILE A 96 -2.96 3.05 3.35
CA ILE A 96 -3.22 3.52 4.70
C ILE A 96 -4.72 3.53 4.97
N VAL A 97 -5.18 2.55 5.74
CA VAL A 97 -6.59 2.42 6.06
C VAL A 97 -6.85 2.74 7.52
N GLU A 98 -7.92 3.47 7.77
CA GLU A 98 -8.29 3.82 9.14
C GLU A 98 -9.42 2.91 9.62
N ALA A 99 -9.09 1.96 10.48
CA ALA A 99 -10.09 1.04 11.01
C ALA A 99 -11.04 1.75 11.97
N ASN A 100 -12.30 1.34 11.96
CA ASN A 100 -13.29 1.95 12.83
C ASN A 100 -13.01 1.58 14.27
N ALA A 101 -12.11 2.33 14.91
CA ALA A 101 -11.74 2.10 16.29
C ALA A 101 -10.52 1.18 16.37
N PRO A 102 -9.71 1.34 17.39
CA PRO A 102 -8.48 0.51 17.57
C PRO A 102 -8.78 -0.98 17.64
N ASN A 103 -10.02 -1.32 17.98
CA ASN A 103 -10.42 -2.71 18.09
C ASN A 103 -10.77 -3.30 16.72
N ASP A 104 -10.78 -2.45 15.69
CA ASP A 104 -11.10 -2.90 14.35
C ASP A 104 -9.83 -2.99 13.50
N VAL A 105 -8.75 -2.41 13.99
CA VAL A 105 -7.48 -2.42 13.26
C VAL A 105 -7.05 -3.85 13.01
N LYS A 106 -7.42 -4.74 13.93
CA LYS A 106 -7.07 -6.15 13.79
C LYS A 106 -7.96 -6.82 12.74
N THR A 107 -9.20 -6.37 12.66
CA THR A 107 -10.15 -6.93 11.70
C THR A 107 -9.80 -6.48 10.29
N ILE A 108 -9.40 -5.22 10.15
CA ILE A 108 -9.05 -4.68 8.85
C ILE A 108 -7.77 -5.30 8.34
N ALA A 109 -6.82 -5.51 9.25
CA ALA A 109 -5.54 -6.09 8.87
C ALA A 109 -5.73 -7.52 8.38
N GLU A 110 -6.62 -8.24 9.04
CA GLU A 110 -6.90 -9.63 8.66
C GLU A 110 -7.64 -9.68 7.32
N ASP A 111 -8.56 -8.75 7.13
CA ASP A 111 -9.34 -8.69 5.90
C ASP A 111 -8.47 -8.26 4.72
N ALA A 112 -7.56 -7.34 4.99
CA ALA A 112 -6.67 -6.82 3.95
C ALA A 112 -5.75 -7.92 3.45
N LYS A 113 -5.29 -8.76 4.36
CA LYS A 113 -4.37 -9.84 4.01
C LYS A 113 -5.06 -10.85 3.10
N LYS A 114 -6.40 -10.80 3.07
CA LYS A 114 -7.17 -11.72 2.24
C LYS A 114 -7.43 -11.12 0.86
N ILE A 115 -6.96 -9.88 0.65
CA ILE A 115 -7.15 -9.21 -0.63
C ILE A 115 -6.00 -9.54 -1.58
N GLU A 116 -6.35 -9.85 -2.82
CA GLU A 116 -5.34 -10.20 -3.82
C GLU A 116 -4.41 -9.02 -4.07
N GLY A 117 -3.14 -9.32 -4.30
CA GLY A 117 -2.15 -8.27 -4.55
C GLY A 117 -1.51 -7.81 -3.25
N VAL A 118 -2.06 -8.25 -2.11
CA VAL A 118 -1.53 -7.87 -0.82
C VAL A 118 -0.19 -8.55 -0.57
N SER A 119 0.76 -7.79 -0.04
CA SER A 119 2.09 -8.32 0.25
C SER A 119 2.29 -8.47 1.75
N GLU A 120 2.02 -7.39 2.49
CA GLU A 120 2.17 -7.42 3.94
C GLU A 120 1.27 -6.39 4.59
N VAL A 121 0.69 -6.74 5.73
CA VAL A 121 -0.22 -5.83 6.42
C VAL A 121 0.22 -5.62 7.87
N GLN A 122 0.20 -4.36 8.31
CA GLN A 122 0.60 -4.04 9.67
C GLN A 122 -0.35 -3.01 10.27
N ASP A 123 -0.60 -3.13 11.56
CA ASP A 123 -1.49 -2.21 12.25
C ASP A 123 -0.72 -1.31 13.20
N GLY A 124 -1.27 -0.13 13.50
CA GLY A 124 -0.61 0.80 14.40
C GLY A 124 0.71 1.28 13.82
N ASN A 15 -4.62 3.54 18.76
CA ASN A 15 -5.38 4.35 17.79
C ASN A 15 -5.58 3.58 16.50
N VAL A 16 -6.15 4.25 15.51
CA VAL A 16 -6.40 3.62 14.21
C VAL A 16 -5.26 3.95 13.26
N ARG A 17 -4.91 2.98 12.43
CA ARG A 17 -3.83 3.15 11.44
C ARG A 17 -3.40 1.81 10.87
N VAL A 18 -4.00 1.41 9.76
CA VAL A 18 -3.66 0.15 9.13
C VAL A 18 -2.95 0.42 7.80
N VAL A 19 -1.80 -0.16 7.62
CA VAL A 19 -1.04 0.02 6.39
C VAL A 19 -0.92 -1.32 5.65
N VAL A 20 -1.47 -1.37 4.43
CA VAL A 20 -1.41 -2.59 3.64
C VAL A 20 -0.39 -2.44 2.51
N TYR A 21 0.61 -3.30 2.52
CA TYR A 21 1.65 -3.29 1.49
C TYR A 21 1.20 -4.17 0.34
N ILE A 22 1.27 -3.60 -0.85
CA ILE A 22 0.88 -4.31 -2.06
C ILE A 22 2.09 -4.89 -2.77
N ARG A 23 1.91 -6.08 -3.36
CA ARG A 23 3.00 -6.72 -4.07
C ARG A 23 3.67 -5.75 -5.05
N LYS A 24 4.97 -5.92 -5.23
CA LYS A 24 5.73 -5.05 -6.14
C LYS A 24 5.19 -5.16 -7.56
N ASP A 25 4.59 -6.32 -7.87
CA ASP A 25 4.02 -6.55 -9.18
C ASP A 25 2.59 -6.01 -9.25
N VAL A 26 2.20 -5.20 -8.27
CA VAL A 26 0.85 -4.65 -8.25
C VAL A 26 0.90 -3.13 -8.12
N GLU A 27 0.20 -2.44 -9.01
CA GLU A 27 0.17 -0.98 -8.97
C GLU A 27 -1.27 -0.47 -8.94
N ASP A 28 -1.84 -0.39 -7.74
CA ASP A 28 -3.20 0.08 -7.60
C ASP A 28 -3.28 1.61 -7.61
N ASN A 29 -2.35 2.24 -8.32
CA ASN A 29 -2.34 3.69 -8.42
C ASN A 29 -1.79 4.11 -9.79
N SER A 30 -1.66 3.15 -10.71
CA SER A 30 -1.15 3.46 -12.04
C SER A 30 -2.09 2.94 -13.11
N GLN A 31 -2.45 3.80 -14.04
CA GLN A 31 -3.37 3.41 -15.10
C GLN A 31 -2.75 2.31 -15.96
N THR A 32 -1.44 2.41 -16.19
CA THR A 32 -0.76 1.40 -16.99
C THR A 32 0.56 1.03 -16.34
N ILE A 33 1.00 -0.20 -16.57
CA ILE A 33 2.27 -0.67 -16.01
C ILE A 33 3.18 -1.20 -17.11
N GLU A 34 4.48 -1.09 -16.88
CA GLU A 34 5.46 -1.57 -17.86
C GLU A 34 5.77 -3.04 -17.62
N LYS A 35 5.37 -3.87 -18.57
CA LYS A 35 5.60 -5.30 -18.47
C LYS A 35 5.65 -5.90 -19.87
N GLU A 36 6.50 -6.94 -20.02
CA GLU A 36 6.69 -7.64 -21.31
C GLU A 36 5.55 -7.34 -22.26
N GLY A 37 5.83 -6.52 -23.26
CA GLY A 37 4.80 -6.13 -24.22
C GLY A 37 4.49 -4.63 -24.10
N GLN A 38 5.46 -3.86 -23.60
CA GLN A 38 5.30 -2.41 -23.44
C GLN A 38 4.36 -2.10 -22.28
N THR A 39 3.83 -0.89 -22.26
CA THR A 39 2.92 -0.48 -21.21
C THR A 39 1.55 -1.10 -21.41
N VAL A 40 1.06 -1.76 -20.38
CA VAL A 40 -0.24 -2.41 -20.43
C VAL A 40 -1.18 -1.78 -19.42
N THR A 41 -2.40 -1.55 -19.84
CA THR A 41 -3.40 -0.94 -18.97
C THR A 41 -3.79 -1.90 -17.85
N ASN A 42 -4.07 -1.33 -16.68
CA ASN A 42 -4.47 -2.13 -15.53
C ASN A 42 -5.91 -1.80 -15.12
N ASN A 43 -6.69 -1.27 -16.04
CA ASN A 43 -8.08 -0.92 -15.77
C ASN A 43 -8.15 0.22 -14.75
N ASP A 44 -9.16 0.18 -13.87
CA ASP A 44 -9.33 1.21 -12.87
C ASP A 44 -8.12 1.26 -11.93
N TYR A 45 -7.24 0.25 -12.03
CA TYR A 45 -6.04 0.17 -11.19
C TYR A 45 -6.35 0.58 -9.74
N HIS A 46 -7.61 0.41 -9.32
CA HIS A 46 -8.01 0.80 -7.98
C HIS A 46 -8.97 -0.22 -7.39
N LYS A 47 -8.84 -1.46 -7.83
CA LYS A 47 -9.69 -2.52 -7.35
C LYS A 47 -9.45 -2.75 -5.86
N VAL A 48 -8.20 -2.65 -5.47
CA VAL A 48 -7.82 -2.85 -4.07
C VAL A 48 -8.41 -1.73 -3.21
N TYR A 49 -8.40 -0.52 -3.76
CA TYR A 49 -8.92 0.63 -3.04
C TYR A 49 -10.39 0.43 -2.75
N ASP A 50 -11.11 -0.07 -3.75
CA ASP A 50 -12.53 -0.31 -3.60
C ASP A 50 -12.79 -1.39 -2.56
N SER A 51 -11.96 -2.42 -2.59
CA SER A 51 -12.10 -3.52 -1.65
C SER A 51 -11.81 -3.04 -0.23
N LEU A 52 -10.79 -2.19 -0.09
CA LEU A 52 -10.41 -1.66 1.21
C LEU A 52 -11.37 -0.56 1.65
N LYS A 53 -12.08 0.02 0.69
CA LYS A 53 -13.02 1.10 1.00
C LYS A 53 -14.42 0.54 1.28
N ASN A 54 -14.70 -0.64 0.73
CA ASN A 54 -16.00 -1.28 0.90
C ASN A 54 -15.96 -2.28 2.07
N MET A 55 -14.87 -2.25 2.82
CA MET A 55 -14.72 -3.16 3.94
C MET A 55 -15.87 -3.02 4.92
N SER A 56 -16.61 -1.89 4.84
CA SER A 56 -17.74 -1.63 5.74
C SER A 56 -17.27 -1.06 7.06
N THR A 57 -16.30 -1.73 7.67
CA THR A 57 -15.74 -1.27 8.93
C THR A 57 -14.72 -0.16 8.72
N VAL A 58 -14.29 0.02 7.47
CA VAL A 58 -13.32 1.05 7.14
C VAL A 58 -13.99 2.40 6.95
N LYS A 59 -13.32 3.46 7.41
CA LYS A 59 -13.86 4.81 7.30
C LYS A 59 -13.27 5.53 6.10
N SER A 60 -11.96 5.39 5.91
CA SER A 60 -11.28 6.05 4.80
C SER A 60 -10.01 5.28 4.42
N VAL A 61 -9.65 5.36 3.14
CA VAL A 61 -8.47 4.67 2.65
C VAL A 61 -7.60 5.62 1.81
N THR A 62 -6.31 5.66 2.12
CA THR A 62 -5.38 6.53 1.40
C THR A 62 -4.25 5.69 0.81
N PHE A 63 -4.02 5.84 -0.48
CA PHE A 63 -2.96 5.10 -1.15
C PHE A 63 -1.63 5.81 -0.97
N SER A 64 -0.68 5.12 -0.36
CA SER A 64 0.65 5.67 -0.15
C SER A 64 1.65 4.98 -1.08
N SER A 65 2.09 5.71 -2.10
CA SER A 65 3.05 5.17 -3.06
C SER A 65 4.35 4.81 -2.35
N LYS A 66 5.14 3.95 -2.97
CA LYS A 66 6.41 3.52 -2.39
C LYS A 66 7.31 4.72 -2.18
N GLU A 67 7.15 5.72 -3.03
CA GLU A 67 7.94 6.92 -2.91
C GLU A 67 7.39 7.83 -1.81
N GLU A 68 6.07 7.82 -1.65
CA GLU A 68 5.44 8.63 -0.63
C GLU A 68 5.78 8.10 0.75
N GLN A 69 5.76 6.79 0.89
CA GLN A 69 6.08 6.18 2.18
C GLN A 69 7.57 6.29 2.47
N TYR A 70 8.36 6.22 1.41
CA TYR A 70 9.81 6.34 1.55
C TYR A 70 10.17 7.72 2.05
N GLU A 71 9.50 8.72 1.51
CA GLU A 71 9.77 10.10 1.91
C GLU A 71 9.39 10.32 3.36
N LYS A 72 8.29 9.71 3.76
CA LYS A 72 7.82 9.85 5.13
C LYS A 72 8.75 9.11 6.09
N LEU A 73 9.22 7.93 5.67
CA LEU A 73 10.12 7.12 6.49
C LEU A 73 11.47 7.79 6.67
N THR A 74 11.95 8.42 5.61
CA THR A 74 13.25 9.08 5.68
C THR A 74 13.14 10.35 6.51
N GLU A 75 11.98 10.98 6.48
CA GLU A 75 11.74 12.20 7.24
C GLU A 75 11.70 11.91 8.73
N ILE A 76 11.09 10.78 9.08
CA ILE A 76 10.98 10.40 10.49
C ILE A 76 12.30 9.84 11.01
N MET A 77 13.10 9.27 10.11
CA MET A 77 14.38 8.70 10.51
C MET A 77 15.46 9.78 10.56
N GLY A 78 15.58 10.53 9.47
CA GLY A 78 16.58 11.59 9.38
C GLY A 78 16.57 12.22 7.99
N ASP A 79 17.38 11.68 7.09
CA ASP A 79 17.46 12.19 5.73
C ASP A 79 18.18 11.20 4.82
N ASN A 80 17.55 10.88 3.70
CA ASN A 80 18.14 9.94 2.74
C ASN A 80 18.51 8.64 3.42
N TRP A 81 17.64 8.16 4.31
CA TRP A 81 17.89 6.91 5.03
C TRP A 81 17.79 5.73 4.08
N LYS A 82 18.12 4.55 4.57
CA LYS A 82 18.04 3.35 3.75
C LYS A 82 18.73 3.56 2.41
N ILE A 83 18.53 2.63 1.47
CA ILE A 83 19.13 2.74 0.17
C ILE A 83 18.06 2.95 -0.89
N PHE A 84 18.45 3.57 -1.99
CA PHE A 84 17.54 3.84 -3.08
C PHE A 84 17.89 3.05 -4.34
N GLU A 85 18.83 2.10 -4.20
CA GLU A 85 19.24 1.26 -5.31
C GLU A 85 18.08 0.41 -5.81
N GLY A 86 17.17 0.07 -4.91
CA GLY A 86 16.01 -0.75 -5.28
C GLY A 86 15.00 0.07 -6.07
N ASP A 87 15.38 0.47 -7.28
CA ASP A 87 14.51 1.25 -8.13
C ASP A 87 14.02 2.50 -7.39
N ALA A 88 14.90 3.08 -6.58
CA ALA A 88 14.55 4.28 -5.83
C ALA A 88 13.37 4.01 -4.91
N ASN A 89 13.27 2.78 -4.43
CA ASN A 89 12.18 2.41 -3.52
C ASN A 89 12.30 0.94 -3.10
N PRO A 90 12.90 0.66 -1.97
CA PRO A 90 13.08 -0.75 -1.49
C PRO A 90 11.74 -1.42 -1.15
N LEU A 91 10.73 -0.61 -0.87
CA LEU A 91 9.41 -1.13 -0.53
C LEU A 91 8.48 -1.02 -1.73
N TYR A 92 7.19 -1.29 -1.51
CA TYR A 92 6.22 -1.23 -2.58
C TYR A 92 5.09 -0.27 -2.21
N ASP A 93 3.95 -0.41 -2.88
CA ASP A 93 2.80 0.44 -2.62
C ASP A 93 2.22 0.14 -1.24
N ALA A 94 1.62 1.16 -0.63
CA ALA A 94 1.03 1.02 0.70
C ALA A 94 -0.40 1.54 0.70
N TYR A 95 -1.22 0.96 1.55
CA TYR A 95 -2.62 1.37 1.66
C TYR A 95 -2.95 1.72 3.11
N ILE A 96 -3.18 2.99 3.36
CA ILE A 96 -3.51 3.44 4.70
C ILE A 96 -5.03 3.37 4.90
N VAL A 97 -5.45 2.43 5.73
CA VAL A 97 -6.86 2.23 6.00
C VAL A 97 -7.21 2.65 7.42
N GLU A 98 -8.33 3.33 7.56
CA GLU A 98 -8.80 3.78 8.86
C GLU A 98 -9.89 2.86 9.39
N ALA A 99 -9.54 2.08 10.41
CA ALA A 99 -10.51 1.16 11.02
C ALA A 99 -11.53 1.93 11.84
N ASN A 100 -12.73 1.37 11.93
CA ASN A 100 -13.80 2.02 12.69
C ASN A 100 -13.35 2.22 14.13
N ALA A 101 -12.67 1.22 14.69
CA ALA A 101 -12.18 1.33 16.05
C ALA A 101 -10.75 0.80 16.16
N PRO A 102 -10.05 1.18 17.20
CA PRO A 102 -8.64 0.72 17.41
C PRO A 102 -8.53 -0.79 17.52
N ASN A 103 -9.64 -1.43 17.88
CA ASN A 103 -9.65 -2.88 18.01
C ASN A 103 -10.07 -3.55 16.70
N ASP A 104 -10.44 -2.75 15.70
CA ASP A 104 -10.85 -3.26 14.41
C ASP A 104 -9.70 -3.19 13.41
N VAL A 105 -8.65 -2.46 13.78
CA VAL A 105 -7.51 -2.31 12.91
C VAL A 105 -6.87 -3.67 12.67
N LYS A 106 -6.96 -4.52 13.68
CA LYS A 106 -6.39 -5.85 13.56
C LYS A 106 -7.26 -6.74 12.68
N THR A 107 -8.57 -6.53 12.75
CA THR A 107 -9.50 -7.31 11.97
C THR A 107 -9.42 -6.92 10.50
N ILE A 108 -9.28 -5.63 10.27
CA ILE A 108 -9.20 -5.10 8.92
C ILE A 108 -7.91 -5.54 8.25
N ALA A 109 -6.84 -5.55 9.02
CA ALA A 109 -5.55 -5.95 8.49
C ALA A 109 -5.60 -7.40 8.05
N GLU A 110 -6.28 -8.22 8.84
CA GLU A 110 -6.39 -9.64 8.51
C GLU A 110 -7.19 -9.83 7.23
N ASP A 111 -8.23 -9.03 7.09
CA ASP A 111 -9.07 -9.10 5.90
C ASP A 111 -8.33 -8.60 4.66
N ALA A 112 -7.52 -7.57 4.86
CA ALA A 112 -6.75 -6.99 3.77
C ALA A 112 -5.80 -8.01 3.19
N LYS A 113 -5.27 -8.87 4.05
CA LYS A 113 -4.34 -9.90 3.59
C LYS A 113 -5.04 -10.86 2.63
N LYS A 114 -6.37 -10.85 2.63
CA LYS A 114 -7.14 -11.72 1.75
C LYS A 114 -7.57 -10.99 0.48
N ILE A 115 -7.10 -9.76 0.30
CA ILE A 115 -7.44 -8.96 -0.87
C ILE A 115 -6.34 -9.05 -1.92
N GLU A 116 -6.73 -9.37 -3.15
CA GLU A 116 -5.78 -9.46 -4.25
C GLU A 116 -4.47 -10.14 -3.82
N GLY A 117 -3.35 -9.40 -3.91
CA GLY A 117 -2.06 -9.94 -3.51
C GLY A 117 -1.34 -8.97 -2.57
N VAL A 118 -1.77 -8.97 -1.32
CA VAL A 118 -1.16 -8.10 -0.32
C VAL A 118 0.15 -8.70 0.16
N SER A 119 1.24 -7.95 0.01
CA SER A 119 2.54 -8.42 0.43
C SER A 119 2.63 -8.54 1.94
N GLU A 120 2.06 -7.56 2.65
CA GLU A 120 2.10 -7.57 4.12
C GLU A 120 1.29 -6.42 4.69
N VAL A 121 0.78 -6.60 5.89
CA VAL A 121 -0.02 -5.56 6.53
C VAL A 121 0.56 -5.24 7.91
N GLN A 122 0.68 -3.94 8.19
CA GLN A 122 1.21 -3.48 9.46
C GLN A 122 0.21 -2.57 10.16
N ASP A 123 -0.05 -2.86 11.43
CA ASP A 123 -0.99 -2.07 12.23
C ASP A 123 -0.24 -1.16 13.20
N GLY A 124 -0.58 0.12 13.17
CA GLY A 124 0.07 1.09 14.06
C GLY A 124 -0.21 0.76 15.53
N ASN A 15 -3.81 2.16 19.04
CA ASN A 15 -4.28 3.26 18.20
C ASN A 15 -4.86 2.73 16.90
N VAL A 16 -5.14 3.65 15.98
CA VAL A 16 -5.71 3.28 14.68
C VAL A 16 -4.64 3.38 13.59
N ARG A 17 -5.07 3.54 12.34
CA ARG A 17 -4.15 3.65 11.21
C ARG A 17 -3.60 2.27 10.82
N VAL A 18 -3.92 1.85 9.60
CA VAL A 18 -3.46 0.56 9.10
C VAL A 18 -2.84 0.73 7.72
N VAL A 19 -1.75 0.03 7.48
CA VAL A 19 -1.06 0.11 6.20
C VAL A 19 -1.09 -1.24 5.50
N VAL A 20 -1.76 -1.30 4.35
CA VAL A 20 -1.84 -2.55 3.58
C VAL A 20 -0.82 -2.47 2.45
N TYR A 21 0.24 -3.26 2.55
CA TYR A 21 1.28 -3.26 1.55
C TYR A 21 0.87 -4.09 0.36
N ILE A 22 1.19 -3.58 -0.81
CA ILE A 22 0.87 -4.25 -2.07
C ILE A 22 2.16 -4.74 -2.72
N ARG A 23 2.02 -5.71 -3.63
CA ARG A 23 3.16 -6.27 -4.35
C ARG A 23 4.13 -5.16 -4.75
N LYS A 24 5.39 -5.54 -4.96
CA LYS A 24 6.43 -4.58 -5.34
C LYS A 24 5.89 -3.49 -6.26
N ASP A 25 5.00 -3.88 -7.18
CA ASP A 25 4.42 -2.92 -8.09
C ASP A 25 3.19 -3.49 -8.80
N VAL A 26 2.01 -3.21 -8.26
CA VAL A 26 0.77 -3.71 -8.84
C VAL A 26 0.12 -2.62 -9.70
N GLU A 27 0.43 -1.36 -9.38
CA GLU A 27 -0.12 -0.22 -10.12
C GLU A 27 -1.63 -0.13 -9.94
N ASP A 28 -2.12 -0.43 -8.74
CA ASP A 28 -3.55 -0.36 -8.45
C ASP A 28 -4.08 1.05 -8.70
N ASN A 29 -3.31 2.05 -8.29
CA ASN A 29 -3.73 3.42 -8.48
C ASN A 29 -3.25 3.96 -9.83
N SER A 30 -2.67 3.10 -10.64
CA SER A 30 -2.16 3.51 -11.94
C SER A 30 -3.11 3.05 -13.04
N GLN A 31 -3.80 4.00 -13.65
CA GLN A 31 -4.74 3.68 -14.72
C GLN A 31 -4.02 2.95 -15.84
N THR A 32 -2.75 3.28 -16.04
CA THR A 32 -1.96 2.65 -17.09
C THR A 32 -0.56 2.32 -16.57
N ILE A 33 0.13 1.42 -17.26
CA ILE A 33 1.47 1.03 -16.87
C ILE A 33 2.43 1.15 -18.06
N GLU A 34 3.68 1.47 -17.75
CA GLU A 34 4.68 1.63 -18.79
C GLU A 34 5.55 0.37 -18.87
N LYS A 35 5.72 -0.12 -20.08
CA LYS A 35 6.51 -1.32 -20.32
C LYS A 35 7.11 -1.31 -21.73
N GLU A 36 8.38 -1.69 -21.83
CA GLU A 36 9.05 -1.71 -23.12
C GLU A 36 8.89 -0.38 -23.86
N GLY A 37 8.87 0.70 -23.10
CA GLY A 37 8.72 2.03 -23.70
C GLY A 37 7.34 2.21 -24.29
N GLN A 38 6.36 1.50 -23.73
CA GLN A 38 4.99 1.59 -24.23
C GLN A 38 4.00 1.70 -23.07
N THR A 39 2.95 2.48 -23.26
CA THR A 39 1.95 2.65 -22.22
C THR A 39 0.70 1.84 -22.55
N VAL A 40 0.32 0.96 -21.62
CA VAL A 40 -0.85 0.11 -21.80
C VAL A 40 -1.70 0.10 -20.54
N THR A 41 -3.00 0.04 -20.72
CA THR A 41 -3.93 0.03 -19.59
C THR A 41 -3.51 -1.02 -18.57
N ASN A 42 -3.79 -0.75 -17.29
CA ASN A 42 -3.44 -1.68 -16.23
C ASN A 42 -4.58 -2.64 -15.97
N ASN A 43 -4.30 -3.69 -15.20
CA ASN A 43 -5.31 -4.69 -14.87
C ASN A 43 -5.75 -4.53 -13.42
N ASP A 44 -7.04 -4.74 -13.15
CA ASP A 44 -7.56 -4.62 -11.80
C ASP A 44 -7.30 -3.23 -11.23
N TYR A 45 -7.58 -2.21 -12.03
CA TYR A 45 -7.38 -0.84 -11.58
C TYR A 45 -8.30 -0.49 -10.40
N HIS A 46 -7.70 0.04 -9.35
CA HIS A 46 -8.47 0.41 -8.16
C HIS A 46 -9.22 -0.78 -7.60
N LYS A 47 -8.75 -1.98 -7.91
CA LYS A 47 -9.39 -3.19 -7.42
C LYS A 47 -9.15 -3.37 -5.94
N VAL A 48 -7.90 -3.16 -5.52
CA VAL A 48 -7.53 -3.29 -4.12
C VAL A 48 -8.18 -2.18 -3.32
N TYR A 49 -8.18 -0.98 -3.89
CA TYR A 49 -8.75 0.18 -3.24
C TYR A 49 -10.25 -0.01 -3.03
N ASP A 50 -10.91 -0.51 -4.08
CA ASP A 50 -12.35 -0.72 -4.01
C ASP A 50 -12.69 -1.78 -2.98
N SER A 51 -11.88 -2.82 -2.93
CA SER A 51 -12.10 -3.90 -1.99
C SER A 51 -11.89 -3.42 -0.56
N LEU A 52 -10.90 -2.55 -0.39
CA LEU A 52 -10.62 -2.01 0.93
C LEU A 52 -11.57 -0.86 1.27
N LYS A 53 -12.30 -0.38 0.28
CA LYS A 53 -13.24 0.72 0.48
C LYS A 53 -14.59 0.22 0.97
N ASN A 54 -15.03 -0.90 0.41
CA ASN A 54 -16.33 -1.48 0.79
C ASN A 54 -16.16 -2.36 2.03
N MET A 55 -14.97 -2.35 2.63
CA MET A 55 -14.71 -3.16 3.81
C MET A 55 -15.75 -2.94 4.88
N SER A 56 -16.47 -1.81 4.81
CA SER A 56 -17.52 -1.47 5.78
C SER A 56 -16.90 -0.96 7.08
N THR A 57 -16.14 -1.82 7.74
CA THR A 57 -15.47 -1.45 8.98
C THR A 57 -14.43 -0.36 8.74
N VAL A 58 -14.12 -0.11 7.46
CA VAL A 58 -13.14 0.91 7.08
C VAL A 58 -13.73 2.30 7.13
N LYS A 59 -12.94 3.25 7.63
CA LYS A 59 -13.38 4.63 7.72
C LYS A 59 -12.89 5.42 6.50
N SER A 60 -11.63 5.21 6.12
CA SER A 60 -11.06 5.90 4.98
C SER A 60 -9.85 5.13 4.43
N VAL A 61 -9.57 5.30 3.16
CA VAL A 61 -8.43 4.63 2.54
C VAL A 61 -7.64 5.60 1.66
N THR A 62 -6.33 5.65 1.88
CA THR A 62 -5.46 6.54 1.12
C THR A 62 -4.29 5.78 0.52
N PHE A 63 -4.01 6.01 -0.74
CA PHE A 63 -2.90 5.35 -1.40
C PHE A 63 -1.58 6.01 -1.02
N SER A 64 -0.69 5.23 -0.45
CA SER A 64 0.61 5.73 -0.04
C SER A 64 1.74 5.07 -0.83
N SER A 65 2.54 5.89 -1.50
CA SER A 65 3.66 5.38 -2.29
C SER A 65 4.73 4.77 -1.38
N LYS A 66 5.61 3.97 -1.97
CA LYS A 66 6.68 3.32 -1.21
C LYS A 66 7.63 4.36 -0.64
N GLU A 67 7.84 5.43 -1.39
CA GLU A 67 8.74 6.49 -0.97
C GLU A 67 8.19 7.17 0.29
N GLU A 68 6.89 7.34 0.32
CA GLU A 68 6.23 7.97 1.46
C GLU A 68 6.35 7.08 2.70
N GLN A 69 6.21 5.79 2.48
CA GLN A 69 6.27 4.82 3.58
C GLN A 69 7.67 4.78 4.19
N TYR A 70 8.67 4.89 3.32
CA TYR A 70 10.06 4.88 3.78
C TYR A 70 10.33 6.09 4.66
N GLU A 71 9.79 7.22 4.24
CA GLU A 71 9.98 8.48 4.98
C GLU A 71 9.28 8.39 6.33
N LYS A 72 8.11 7.79 6.34
CA LYS A 72 7.34 7.65 7.57
C LYS A 72 8.05 6.72 8.54
N LEU A 73 8.64 5.66 7.99
CA LEU A 73 9.35 4.68 8.81
C LEU A 73 10.56 5.31 9.47
N THR A 74 11.24 6.17 8.73
CA THR A 74 12.43 6.82 9.23
C THR A 74 12.08 7.77 10.37
N GLU A 75 10.93 8.42 10.25
CA GLU A 75 10.47 9.35 11.27
C GLU A 75 10.14 8.62 12.57
N ILE A 76 9.53 7.45 12.43
CA ILE A 76 9.14 6.66 13.60
C ILE A 76 10.30 5.81 14.11
N MET A 77 11.22 5.45 13.22
CA MET A 77 12.36 4.63 13.61
C MET A 77 13.53 5.51 14.05
N GLY A 78 14.13 6.22 13.10
CA GLY A 78 15.25 7.09 13.39
C GLY A 78 15.72 7.82 12.14
N ASP A 79 16.60 8.81 12.34
CA ASP A 79 17.11 9.58 11.22
C ASP A 79 17.86 8.68 10.26
N ASN A 80 17.40 8.63 9.02
CA ASN A 80 18.03 7.80 8.00
C ASN A 80 18.23 6.38 8.50
N TRP A 81 17.22 5.84 9.18
CA TRP A 81 17.32 4.48 9.71
C TRP A 81 17.42 3.48 8.57
N LYS A 82 17.71 2.22 8.90
CA LYS A 82 17.82 1.18 7.89
C LYS A 82 18.81 1.57 6.80
N ILE A 83 18.73 0.89 5.67
CA ILE A 83 19.62 1.19 4.56
C ILE A 83 18.87 1.08 3.24
N PHE A 84 19.20 1.96 2.30
CA PHE A 84 18.55 1.97 1.00
C PHE A 84 19.56 1.68 -0.11
N GLU A 85 20.66 1.04 0.25
CA GLU A 85 21.69 0.71 -0.71
C GLU A 85 21.13 -0.17 -1.83
N GLY A 86 20.29 -1.13 -1.44
CA GLY A 86 19.70 -2.03 -2.43
C GLY A 86 18.44 -1.39 -3.03
N ASP A 87 18.32 -1.48 -4.35
CA ASP A 87 17.17 -0.92 -5.05
C ASP A 87 17.07 0.58 -4.80
N ALA A 88 16.31 1.27 -5.64
CA ALA A 88 16.15 2.71 -5.51
C ALA A 88 15.53 3.06 -4.17
N ASN A 89 14.52 2.30 -3.77
CA ASN A 89 13.87 2.56 -2.50
C ASN A 89 13.15 1.29 -2.01
N PRO A 90 13.28 0.95 -0.74
CA PRO A 90 12.62 -0.24 -0.17
C PRO A 90 11.11 -0.05 -0.01
N LEU A 91 10.47 -1.07 0.52
CA LEU A 91 9.02 -1.03 0.74
C LEU A 91 8.28 -0.86 -0.59
N TYR A 92 6.98 -1.10 -0.57
CA TYR A 92 6.17 -0.95 -1.78
C TYR A 92 4.91 -0.14 -1.48
N ASP A 93 4.16 0.16 -2.53
CA ASP A 93 2.93 0.91 -2.38
C ASP A 93 2.05 0.26 -1.32
N ALA A 94 1.40 1.08 -0.50
CA ALA A 94 0.54 0.57 0.55
C ALA A 94 -0.69 1.45 0.71
N TYR A 95 -1.77 0.85 1.16
CA TYR A 95 -3.02 1.57 1.38
C TYR A 95 -3.18 1.92 2.84
N ILE A 96 -3.28 3.21 3.13
CA ILE A 96 -3.47 3.66 4.49
C ILE A 96 -4.96 3.57 4.83
N VAL A 97 -5.33 2.51 5.53
CA VAL A 97 -6.72 2.29 5.91
C VAL A 97 -6.94 2.69 7.35
N GLU A 98 -7.99 3.47 7.57
CA GLU A 98 -8.32 3.90 8.91
C GLU A 98 -9.43 3.04 9.49
N ALA A 99 -9.08 2.19 10.43
CA ALA A 99 -10.06 1.32 11.06
C ALA A 99 -11.06 2.13 11.86
N ASN A 100 -12.30 1.66 11.90
CA ASN A 100 -13.34 2.35 12.66
C ASN A 100 -12.93 2.48 14.11
N ALA A 101 -12.28 1.45 14.64
CA ALA A 101 -11.83 1.49 16.03
C ALA A 101 -10.43 0.88 16.16
N PRO A 102 -9.73 1.19 17.22
CA PRO A 102 -8.36 0.65 17.47
C PRO A 102 -8.34 -0.87 17.51
N ASN A 103 -9.47 -1.47 17.90
CA ASN A 103 -9.57 -2.92 17.98
C ASN A 103 -9.99 -3.52 16.64
N ASP A 104 -10.28 -2.66 15.67
CA ASP A 104 -10.67 -3.10 14.34
C ASP A 104 -9.47 -3.11 13.42
N VAL A 105 -8.39 -2.46 13.83
CA VAL A 105 -7.19 -2.41 13.00
C VAL A 105 -6.66 -3.82 12.80
N LYS A 106 -6.85 -4.65 13.81
CA LYS A 106 -6.40 -6.05 13.74
C LYS A 106 -7.34 -6.85 12.84
N THR A 107 -8.62 -6.56 12.92
CA THR A 107 -9.62 -7.25 12.12
C THR A 107 -9.47 -6.88 10.65
N ILE A 108 -9.23 -5.60 10.41
CA ILE A 108 -9.07 -5.11 9.05
C ILE A 108 -7.79 -5.66 8.43
N ALA A 109 -6.75 -5.74 9.23
CA ALA A 109 -5.48 -6.24 8.74
C ALA A 109 -5.63 -7.71 8.33
N GLU A 110 -6.35 -8.46 9.14
CA GLU A 110 -6.55 -9.88 8.85
C GLU A 110 -7.43 -10.04 7.61
N ASP A 111 -8.45 -9.21 7.50
CA ASP A 111 -9.35 -9.26 6.37
C ASP A 111 -8.67 -8.81 5.09
N ALA A 112 -7.82 -7.79 5.21
CA ALA A 112 -7.10 -7.26 4.06
C ALA A 112 -6.08 -8.28 3.54
N LYS A 113 -5.61 -9.14 4.43
CA LYS A 113 -4.65 -10.17 4.06
C LYS A 113 -5.25 -11.12 3.04
N LYS A 114 -6.58 -11.16 2.98
CA LYS A 114 -7.26 -12.04 2.02
C LYS A 114 -7.43 -11.33 0.68
N ILE A 115 -7.13 -10.04 0.63
CA ILE A 115 -7.26 -9.26 -0.59
C ILE A 115 -6.14 -9.60 -1.57
N GLU A 116 -6.53 -9.88 -2.81
CA GLU A 116 -5.56 -10.22 -3.84
C GLU A 116 -4.66 -9.02 -4.14
N GLY A 117 -3.37 -9.29 -4.31
CA GLY A 117 -2.42 -8.24 -4.60
C GLY A 117 -1.73 -7.73 -3.32
N VAL A 118 -2.29 -8.07 -2.17
CA VAL A 118 -1.70 -7.64 -0.91
C VAL A 118 -0.46 -8.44 -0.58
N SER A 119 0.64 -7.75 -0.31
CA SER A 119 1.89 -8.42 0.02
C SER A 119 2.07 -8.55 1.53
N GLU A 120 1.55 -7.55 2.27
CA GLU A 120 1.67 -7.59 3.72
C GLU A 120 0.82 -6.49 4.34
N VAL A 121 0.51 -6.64 5.61
CA VAL A 121 -0.30 -5.64 6.29
C VAL A 121 0.31 -5.29 7.65
N GLN A 122 0.39 -4.00 7.94
CA GLN A 122 0.95 -3.54 9.20
C GLN A 122 0.04 -2.51 9.87
N ASP A 123 -0.36 -2.79 11.11
CA ASP A 123 -1.24 -1.87 11.83
C ASP A 123 -0.45 -0.69 12.40
N GLY A 124 -1.15 0.23 13.05
CA GLY A 124 -0.51 1.39 13.63
C GLY A 124 0.08 1.07 14.99
N ASN A 15 -5.98 4.21 19.32
CA ASN A 15 -4.89 3.55 18.61
C ASN A 15 -5.41 2.92 17.31
N VAL A 16 -5.41 3.71 16.24
CA VAL A 16 -5.88 3.22 14.95
C VAL A 16 -4.79 3.37 13.92
N ARG A 17 -5.18 3.44 12.62
CA ARG A 17 -4.23 3.59 11.52
C ARG A 17 -3.63 2.24 11.14
N VAL A 18 -3.95 1.79 9.92
CA VAL A 18 -3.45 0.52 9.43
C VAL A 18 -2.81 0.72 8.06
N VAL A 19 -1.71 0.03 7.83
CA VAL A 19 -1.00 0.13 6.55
C VAL A 19 -0.92 -1.22 5.86
N VAL A 20 -1.35 -1.27 4.61
CA VAL A 20 -1.31 -2.52 3.84
C VAL A 20 -0.34 -2.39 2.68
N TYR A 21 0.78 -3.12 2.74
CA TYR A 21 1.77 -3.08 1.68
C TYR A 21 1.32 -3.94 0.53
N ILE A 22 1.55 -3.43 -0.66
CA ILE A 22 1.19 -4.12 -1.89
C ILE A 22 2.38 -4.88 -2.45
N ARG A 23 2.10 -5.90 -3.26
CA ARG A 23 3.15 -6.71 -3.88
C ARG A 23 4.18 -5.80 -4.56
N LYS A 24 5.24 -6.41 -5.08
CA LYS A 24 6.31 -5.66 -5.73
C LYS A 24 5.72 -4.63 -6.69
N ASP A 25 4.68 -5.02 -7.42
CA ASP A 25 4.03 -4.12 -8.35
C ASP A 25 2.59 -3.87 -7.90
N VAL A 26 1.61 -4.26 -8.74
CA VAL A 26 0.19 -4.07 -8.40
C VAL A 26 -0.03 -2.71 -7.77
N GLU A 27 0.52 -1.67 -8.41
CA GLU A 27 0.37 -0.33 -7.90
C GLU A 27 -1.09 0.00 -7.67
N ASP A 28 -1.98 -0.69 -8.37
CA ASP A 28 -3.41 -0.49 -8.20
C ASP A 28 -3.84 0.90 -8.69
N ASN A 29 -3.47 1.93 -7.94
CA ASN A 29 -3.80 3.30 -8.28
C ASN A 29 -3.14 3.69 -9.60
N SER A 30 -2.17 2.90 -10.05
CA SER A 30 -1.48 3.21 -11.30
C SER A 30 -2.33 2.78 -12.50
N GLN A 31 -2.67 3.73 -13.34
CA GLN A 31 -3.45 3.44 -14.54
C GLN A 31 -2.68 2.52 -15.48
N THR A 32 -1.37 2.73 -15.56
CA THR A 32 -0.53 1.89 -16.40
C THR A 32 0.74 1.47 -15.66
N ILE A 33 1.24 0.29 -15.98
CA ILE A 33 2.45 -0.22 -15.35
C ILE A 33 3.42 -0.76 -16.39
N GLU A 34 4.70 -0.72 -16.06
CA GLU A 34 5.72 -1.20 -16.99
C GLU A 34 5.94 -2.70 -16.80
N LYS A 35 5.47 -3.48 -17.78
CA LYS A 35 5.61 -4.92 -17.72
C LYS A 35 5.32 -5.54 -19.08
N GLU A 36 6.05 -6.60 -19.40
CA GLU A 36 5.86 -7.30 -20.67
C GLU A 36 6.35 -6.44 -21.83
N GLY A 37 5.61 -5.40 -22.15
CA GLY A 37 5.98 -4.50 -23.24
C GLY A 37 5.73 -3.05 -22.88
N GLN A 38 6.69 -2.42 -22.22
CA GLN A 38 6.57 -1.03 -21.84
C GLN A 38 5.38 -0.83 -20.89
N THR A 39 4.86 0.38 -20.83
CA THR A 39 3.73 0.69 -19.98
C THR A 39 2.45 0.14 -20.59
N VAL A 40 1.72 -0.62 -19.78
CA VAL A 40 0.47 -1.22 -20.22
C VAL A 40 -0.61 -1.03 -19.15
N THR A 41 -1.84 -0.87 -19.59
CA THR A 41 -2.95 -0.66 -18.68
C THR A 41 -3.03 -1.80 -17.66
N ASN A 42 -3.26 -1.44 -16.40
CA ASN A 42 -3.35 -2.44 -15.34
C ASN A 42 -4.73 -3.08 -15.33
N ASN A 43 -4.77 -4.40 -15.30
CA ASN A 43 -6.03 -5.14 -15.30
C ASN A 43 -6.75 -4.93 -13.97
N ASP A 44 -5.98 -4.66 -12.92
CA ASP A 44 -6.56 -4.45 -11.59
C ASP A 44 -6.35 -3.00 -11.15
N TYR A 45 -7.12 -2.09 -11.74
CA TYR A 45 -7.02 -0.67 -11.39
C TYR A 45 -8.01 -0.33 -10.28
N HIS A 46 -7.51 0.24 -9.19
CA HIS A 46 -8.36 0.61 -8.07
C HIS A 46 -9.10 -0.62 -7.53
N LYS A 47 -8.61 -1.81 -7.86
CA LYS A 47 -9.24 -3.03 -7.40
C LYS A 47 -9.06 -3.20 -5.90
N VAL A 48 -7.85 -2.94 -5.44
CA VAL A 48 -7.54 -3.06 -4.03
C VAL A 48 -8.25 -1.96 -3.25
N TYR A 49 -8.26 -0.77 -3.82
CA TYR A 49 -8.89 0.37 -3.20
C TYR A 49 -10.39 0.14 -3.05
N ASP A 50 -10.99 -0.38 -4.11
CA ASP A 50 -12.42 -0.64 -4.10
C ASP A 50 -12.77 -1.69 -3.07
N SER A 51 -11.93 -2.70 -2.98
CA SER A 51 -12.17 -3.79 -2.03
C SER A 51 -11.98 -3.28 -0.60
N LEU A 52 -10.98 -2.44 -0.41
CA LEU A 52 -10.69 -1.88 0.91
C LEU A 52 -11.76 -0.88 1.30
N LYS A 53 -12.35 -0.21 0.30
CA LYS A 53 -13.38 0.78 0.56
C LYS A 53 -14.70 0.13 0.97
N ASN A 54 -14.97 -1.04 0.40
CA ASN A 54 -16.19 -1.76 0.71
C ASN A 54 -16.02 -2.61 1.97
N MET A 55 -14.88 -2.46 2.65
CA MET A 55 -14.61 -3.22 3.85
C MET A 55 -15.70 -2.99 4.89
N SER A 56 -16.46 -1.89 4.75
CA SER A 56 -17.53 -1.56 5.68
C SER A 56 -16.95 -1.00 6.99
N THR A 57 -16.28 -1.87 7.74
CA THR A 57 -15.66 -1.47 8.99
C THR A 57 -14.61 -0.39 8.76
N VAL A 58 -14.21 -0.20 7.50
CA VAL A 58 -13.22 0.80 7.15
C VAL A 58 -13.80 2.20 7.24
N LYS A 59 -12.95 3.15 7.63
CA LYS A 59 -13.37 4.54 7.73
C LYS A 59 -12.82 5.36 6.57
N SER A 60 -11.54 5.13 6.25
CA SER A 60 -10.91 5.85 5.16
C SER A 60 -9.68 5.07 4.67
N VAL A 61 -9.38 5.21 3.38
CA VAL A 61 -8.23 4.52 2.81
C VAL A 61 -7.44 5.43 1.89
N THR A 62 -6.13 5.48 2.09
CA THR A 62 -5.26 6.32 1.27
C THR A 62 -4.14 5.48 0.66
N PHE A 63 -3.94 5.62 -0.64
CA PHE A 63 -2.90 4.86 -1.33
C PHE A 63 -1.58 5.60 -1.26
N SER A 64 -0.61 5.02 -0.56
CA SER A 64 0.71 5.61 -0.44
C SER A 64 1.65 4.98 -1.45
N SER A 65 1.98 5.71 -2.49
CA SER A 65 2.89 5.21 -3.53
C SER A 65 4.27 4.94 -2.95
N LYS A 66 5.01 4.06 -3.59
CA LYS A 66 6.35 3.71 -3.14
C LYS A 66 7.26 4.92 -3.21
N GLU A 67 6.97 5.81 -4.14
CA GLU A 67 7.77 7.01 -4.28
C GLU A 67 7.62 7.89 -3.04
N GLU A 68 6.41 7.92 -2.51
CA GLU A 68 6.14 8.69 -1.30
C GLU A 68 6.83 8.07 -0.09
N GLN A 69 6.79 6.75 -0.06
CA GLN A 69 7.42 6.00 1.02
C GLN A 69 8.93 6.12 0.96
N TYR A 70 9.45 6.16 -0.26
CA TYR A 70 10.88 6.26 -0.46
C TYR A 70 11.37 7.63 0.00
N GLU A 71 10.59 8.65 -0.29
CA GLU A 71 10.96 10.00 0.10
C GLU A 71 11.05 10.09 1.61
N LYS A 72 10.10 9.46 2.28
CA LYS A 72 10.07 9.48 3.73
C LYS A 72 11.27 8.72 4.30
N LEU A 73 11.61 7.60 3.67
CA LEU A 73 12.72 6.79 4.11
C LEU A 73 14.05 7.50 3.88
N THR A 74 14.13 8.24 2.79
CA THR A 74 15.34 8.97 2.46
C THR A 74 15.55 10.12 3.42
N GLU A 75 14.46 10.73 3.86
CA GLU A 75 14.54 11.84 4.79
C GLU A 75 15.05 11.36 6.16
N ILE A 76 14.56 10.21 6.57
CA ILE A 76 14.97 9.65 7.87
C ILE A 76 16.37 9.08 7.79
N MET A 77 16.77 8.65 6.61
CA MET A 77 18.10 8.09 6.42
C MET A 77 19.13 9.21 6.29
N GLY A 78 18.68 10.47 6.37
CA GLY A 78 19.60 11.59 6.25
C GLY A 78 19.95 11.84 4.78
N ASP A 79 19.21 11.21 3.88
CA ASP A 79 19.47 11.37 2.45
C ASP A 79 20.85 10.85 2.09
N ASN A 80 21.16 10.84 0.80
CA ASN A 80 22.45 10.36 0.33
C ASN A 80 22.66 8.90 0.69
N TRP A 81 21.55 8.16 0.84
CA TRP A 81 21.63 6.76 1.17
C TRP A 81 21.19 5.91 -0.02
N LYS A 82 20.84 6.57 -1.12
CA LYS A 82 20.41 5.84 -2.31
C LYS A 82 21.38 6.08 -3.46
N ILE A 83 21.67 5.01 -4.19
CA ILE A 83 22.58 5.08 -5.34
C ILE A 83 22.19 4.06 -6.41
N PHE A 84 21.02 3.44 -6.26
CA PHE A 84 20.56 2.46 -7.21
C PHE A 84 19.42 3.02 -8.05
N GLU A 85 19.44 4.33 -8.25
CA GLU A 85 18.39 4.98 -9.02
C GLU A 85 18.33 4.39 -10.43
N GLY A 86 17.13 4.03 -10.86
CA GLY A 86 16.94 3.45 -12.19
C GLY A 86 16.24 2.10 -12.10
N ASP A 87 14.92 2.13 -12.05
CA ASP A 87 14.13 0.90 -11.98
C ASP A 87 14.55 0.06 -10.77
N ALA A 88 14.56 0.68 -9.60
CA ALA A 88 14.93 -0.03 -8.37
C ALA A 88 13.70 -0.20 -7.47
N ASN A 89 13.41 0.82 -6.66
CA ASN A 89 12.25 0.77 -5.78
C ASN A 89 12.20 -0.55 -4.99
N PRO A 90 13.07 -0.70 -4.03
CA PRO A 90 13.13 -1.94 -3.19
C PRO A 90 11.83 -2.15 -2.39
N LEU A 91 11.17 -1.04 -2.07
CA LEU A 91 9.91 -1.10 -1.33
C LEU A 91 8.73 -1.12 -2.28
N TYR A 92 7.53 -1.30 -1.73
CA TYR A 92 6.32 -1.34 -2.55
C TYR A 92 5.33 -0.27 -2.09
N ASP A 93 4.12 -0.33 -2.61
CA ASP A 93 3.08 0.62 -2.25
C ASP A 93 2.45 0.24 -0.92
N ALA A 94 1.67 1.16 -0.37
CA ALA A 94 1.01 0.94 0.91
C ALA A 94 -0.39 1.51 0.91
N TYR A 95 -1.30 0.89 1.67
CA TYR A 95 -2.67 1.36 1.76
C TYR A 95 -2.98 1.76 3.19
N ILE A 96 -3.04 3.06 3.44
CA ILE A 96 -3.32 3.57 4.77
C ILE A 96 -4.83 3.51 5.03
N VAL A 97 -5.26 2.53 5.80
CA VAL A 97 -6.66 2.34 6.14
C VAL A 97 -6.94 2.74 7.58
N GLU A 98 -8.05 3.43 7.77
CA GLU A 98 -8.44 3.87 9.10
C GLU A 98 -9.55 2.97 9.64
N ALA A 99 -9.20 2.14 10.62
CA ALA A 99 -10.17 1.23 11.21
C ALA A 99 -11.20 1.99 12.03
N ASN A 100 -12.45 1.54 11.98
CA ASN A 100 -13.51 2.19 12.74
C ASN A 100 -13.11 2.36 14.20
N ALA A 101 -12.34 1.40 14.70
CA ALA A 101 -11.89 1.45 16.09
C ALA A 101 -10.52 0.77 16.26
N PRO A 102 -9.86 1.03 17.36
CA PRO A 102 -8.53 0.43 17.65
C PRO A 102 -8.58 -1.09 17.65
N ASN A 103 -9.73 -1.64 18.00
CA ASN A 103 -9.89 -3.09 18.03
C ASN A 103 -10.28 -3.64 16.65
N ASP A 104 -10.52 -2.75 15.70
CA ASP A 104 -10.89 -3.15 14.35
C ASP A 104 -9.67 -3.15 13.43
N VAL A 105 -8.61 -2.49 13.87
CA VAL A 105 -7.39 -2.40 13.07
C VAL A 105 -6.88 -3.80 12.79
N LYS A 106 -7.08 -4.69 13.77
CA LYS A 106 -6.64 -6.06 13.62
C LYS A 106 -7.53 -6.83 12.66
N THR A 107 -8.82 -6.48 12.68
CA THR A 107 -9.79 -7.13 11.81
C THR A 107 -9.58 -6.71 10.36
N ILE A 108 -9.27 -5.45 10.18
CA ILE A 108 -9.05 -4.91 8.84
C ILE A 108 -7.82 -5.53 8.21
N ALA A 109 -6.78 -5.69 9.02
CA ALA A 109 -5.55 -6.26 8.51
C ALA A 109 -5.76 -7.71 8.08
N GLU A 110 -6.53 -8.43 8.88
CA GLU A 110 -6.82 -9.82 8.59
C GLU A 110 -7.71 -9.94 7.36
N ASP A 111 -8.67 -9.03 7.26
CA ASP A 111 -9.58 -9.05 6.13
C ASP A 111 -8.87 -8.61 4.86
N ALA A 112 -7.96 -7.67 5.00
CA ALA A 112 -7.21 -7.14 3.88
C ALA A 112 -6.38 -8.24 3.23
N LYS A 113 -5.87 -9.14 4.07
CA LYS A 113 -5.05 -10.25 3.58
C LYS A 113 -5.83 -11.13 2.62
N LYS A 114 -7.15 -11.04 2.67
CA LYS A 114 -8.01 -11.83 1.79
C LYS A 114 -8.22 -11.12 0.46
N ILE A 115 -7.90 -9.82 0.42
CA ILE A 115 -8.10 -9.03 -0.78
C ILE A 115 -7.34 -9.64 -1.97
N GLU A 116 -6.17 -9.06 -2.30
CA GLU A 116 -5.38 -9.56 -3.41
C GLU A 116 -4.24 -8.59 -3.68
N GLY A 117 -3.05 -9.13 -3.95
CA GLY A 117 -1.89 -8.30 -4.22
C GLY A 117 -1.28 -7.74 -2.94
N VAL A 118 -1.69 -8.29 -1.79
CA VAL A 118 -1.16 -7.82 -0.52
C VAL A 118 0.18 -8.46 -0.23
N SER A 119 1.18 -7.63 0.06
CA SER A 119 2.52 -8.13 0.37
C SER A 119 2.72 -8.24 1.87
N GLU A 120 2.12 -7.31 2.61
CA GLU A 120 2.25 -7.33 4.08
C GLU A 120 1.30 -6.33 4.71
N VAL A 121 0.99 -6.55 5.98
CA VAL A 121 0.11 -5.66 6.70
C VAL A 121 0.73 -5.23 8.02
N GLN A 122 0.52 -3.97 8.38
CA GLN A 122 1.06 -3.43 9.63
C GLN A 122 0.06 -2.48 10.29
N ASP A 123 -0.35 -2.81 11.50
CA ASP A 123 -1.30 -1.97 12.22
C ASP A 123 -0.59 -0.81 12.90
N GLY A 124 -1.37 0.12 13.47
CA GLY A 124 -0.79 1.27 14.15
C GLY A 124 -0.19 0.86 15.49
N ASN A 15 -4.39 3.64 18.63
CA ASN A 15 -4.22 2.20 18.46
C ASN A 15 -4.86 1.73 17.15
N VAL A 16 -5.16 2.68 16.27
CA VAL A 16 -5.78 2.36 14.98
C VAL A 16 -4.73 2.52 13.87
N ARG A 17 -5.21 2.84 12.65
CA ARG A 17 -4.34 3.03 11.50
C ARG A 17 -3.82 1.69 11.00
N VAL A 18 -4.12 1.38 9.75
CA VAL A 18 -3.70 0.12 9.17
C VAL A 18 -2.99 0.37 7.84
N VAL A 19 -1.89 -0.33 7.62
CA VAL A 19 -1.14 -0.17 6.37
C VAL A 19 -1.11 -1.49 5.61
N VAL A 20 -1.60 -1.48 4.37
CA VAL A 20 -1.62 -2.69 3.56
C VAL A 20 -0.64 -2.54 2.40
N TYR A 21 0.52 -3.21 2.49
CA TYR A 21 1.52 -3.16 1.45
C TYR A 21 1.08 -3.99 0.26
N ILE A 22 1.46 -3.53 -0.91
CA ILE A 22 1.09 -4.19 -2.16
C ILE A 22 2.33 -4.62 -2.93
N ARG A 23 2.31 -5.84 -3.44
CA ARG A 23 3.43 -6.36 -4.20
C ARG A 23 3.84 -5.37 -5.30
N LYS A 24 5.08 -5.49 -5.76
CA LYS A 24 5.59 -4.62 -6.82
C LYS A 24 4.92 -4.95 -8.15
N ASP A 25 5.22 -6.13 -8.66
CA ASP A 25 4.68 -6.57 -9.95
C ASP A 25 3.16 -6.51 -9.92
N VAL A 26 2.60 -6.53 -8.71
CA VAL A 26 1.14 -6.45 -8.55
C VAL A 26 0.64 -5.05 -8.88
N GLU A 27 1.28 -4.02 -8.32
CA GLU A 27 0.86 -2.65 -8.55
C GLU A 27 -0.63 -2.48 -8.28
N ASP A 28 -1.13 -1.25 -8.40
CA ASP A 28 -2.53 -0.98 -8.16
C ASP A 28 -2.81 0.48 -8.47
N ASN A 29 -4.07 0.89 -8.23
CA ASN A 29 -4.49 2.28 -8.47
C ASN A 29 -4.62 2.56 -9.96
N SER A 30 -3.56 2.30 -10.70
CA SER A 30 -3.57 2.50 -12.15
C SER A 30 -3.05 1.25 -12.86
N GLN A 31 -3.79 0.81 -13.87
CA GLN A 31 -3.41 -0.38 -14.62
C GLN A 31 -2.24 -0.06 -15.55
N THR A 32 -1.07 0.19 -14.97
CA THR A 32 0.12 0.50 -15.77
C THR A 32 1.39 0.11 -15.01
N ILE A 33 2.05 -0.94 -15.49
CA ILE A 33 3.29 -1.40 -14.87
C ILE A 33 4.37 -1.58 -15.91
N GLU A 34 5.61 -1.47 -15.46
CA GLU A 34 6.76 -1.60 -16.35
C GLU A 34 7.29 -3.04 -16.32
N LYS A 35 7.30 -3.65 -17.48
CA LYS A 35 7.78 -5.03 -17.63
C LYS A 35 8.83 -5.11 -18.72
N GLU A 36 9.82 -5.97 -18.50
CA GLU A 36 10.92 -6.15 -19.47
C GLU A 36 10.38 -6.07 -20.89
N GLY A 37 10.74 -4.99 -21.58
CA GLY A 37 10.29 -4.78 -22.96
C GLY A 37 9.57 -3.44 -23.09
N GLN A 38 8.65 -3.17 -22.17
CA GLN A 38 7.88 -1.92 -22.20
C GLN A 38 6.93 -1.81 -21.01
N THR A 39 5.86 -1.04 -21.16
CA THR A 39 4.88 -0.87 -20.10
C THR A 39 3.58 -1.58 -20.46
N VAL A 40 3.09 -2.42 -19.55
CA VAL A 40 1.87 -3.18 -19.78
C VAL A 40 0.87 -2.92 -18.67
N THR A 41 -0.40 -2.86 -19.03
CA THR A 41 -1.45 -2.62 -18.06
C THR A 41 -1.79 -3.89 -17.30
N ASN A 42 -2.41 -3.71 -16.14
CA ASN A 42 -2.79 -4.84 -15.30
C ASN A 42 -4.29 -4.83 -15.01
N ASN A 43 -4.74 -5.80 -14.22
CA ASN A 43 -6.15 -5.89 -13.86
C ASN A 43 -6.31 -5.85 -12.34
N ASP A 44 -7.56 -5.76 -11.89
CA ASP A 44 -7.85 -5.71 -10.46
C ASP A 44 -6.95 -4.69 -9.76
N TYR A 45 -6.48 -3.70 -10.52
CA TYR A 45 -5.61 -2.66 -9.97
C TYR A 45 -6.38 -1.76 -9.03
N HIS A 46 -7.66 -1.57 -9.31
CA HIS A 46 -8.49 -0.72 -8.47
C HIS A 46 -9.36 -1.57 -7.53
N LYS A 47 -9.20 -2.89 -7.63
CA LYS A 47 -9.96 -3.81 -6.81
C LYS A 47 -9.51 -3.72 -5.36
N VAL A 48 -8.21 -3.54 -5.17
CA VAL A 48 -7.64 -3.45 -3.83
C VAL A 48 -8.17 -2.22 -3.11
N TYR A 49 -8.22 -1.11 -3.84
CA TYR A 49 -8.70 0.14 -3.27
C TYR A 49 -10.17 0.04 -2.95
N ASP A 50 -10.91 -0.55 -3.87
CA ASP A 50 -12.35 -0.69 -3.71
C ASP A 50 -12.66 -1.65 -2.58
N SER A 51 -11.88 -2.70 -2.48
CA SER A 51 -12.09 -3.69 -1.43
C SER A 51 -11.76 -3.09 -0.07
N LEU A 52 -10.67 -2.35 -0.02
CA LEU A 52 -10.23 -1.73 1.24
C LEU A 52 -11.16 -0.58 1.61
N LYS A 53 -11.81 0.00 0.63
CA LYS A 53 -12.70 1.13 0.86
C LYS A 53 -14.14 0.65 1.08
N ASN A 54 -14.51 -0.46 0.45
CA ASN A 54 -15.85 -0.99 0.57
C ASN A 54 -15.88 -2.14 1.58
N MET A 55 -14.73 -2.42 2.20
CA MET A 55 -14.65 -3.49 3.18
C MET A 55 -15.51 -3.17 4.39
N SER A 56 -15.91 -1.90 4.52
CA SER A 56 -16.73 -1.47 5.64
C SER A 56 -15.89 -1.43 6.89
N THR A 57 -16.35 -0.66 7.88
CA THR A 57 -15.63 -0.51 9.15
C THR A 57 -14.37 0.35 8.95
N VAL A 58 -14.22 0.90 7.75
CA VAL A 58 -13.06 1.74 7.46
C VAL A 58 -13.49 3.19 7.28
N LYS A 59 -12.93 4.07 8.10
CA LYS A 59 -13.26 5.48 8.02
C LYS A 59 -12.85 6.05 6.67
N SER A 60 -11.65 5.71 6.22
CA SER A 60 -11.14 6.20 4.95
C SER A 60 -9.96 5.35 4.49
N VAL A 61 -9.63 5.48 3.21
CA VAL A 61 -8.50 4.73 2.65
C VAL A 61 -7.63 5.66 1.79
N THR A 62 -6.33 5.65 2.04
CA THR A 62 -5.40 6.49 1.30
C THR A 62 -4.34 5.65 0.61
N PHE A 63 -4.10 5.90 -0.66
CA PHE A 63 -3.11 5.15 -1.40
C PHE A 63 -1.74 5.81 -1.28
N SER A 64 -0.86 5.18 -0.49
CA SER A 64 0.49 5.73 -0.30
C SER A 64 1.46 5.07 -1.27
N SER A 65 2.07 5.86 -2.13
CA SER A 65 3.02 5.33 -3.11
C SER A 65 4.31 4.90 -2.41
N LYS A 66 5.08 4.06 -3.08
CA LYS A 66 6.34 3.58 -2.51
C LYS A 66 7.33 4.72 -2.37
N GLU A 67 7.24 5.68 -3.29
CA GLU A 67 8.13 6.84 -3.26
C GLU A 67 7.81 7.72 -2.06
N GLU A 68 6.53 7.82 -1.75
CA GLU A 68 6.09 8.63 -0.62
C GLU A 68 6.51 7.99 0.70
N GLN A 69 6.47 6.68 0.74
CA GLN A 69 6.86 5.94 1.94
C GLN A 69 8.34 6.13 2.22
N TYR A 70 9.13 6.16 1.17
CA TYR A 70 10.57 6.33 1.33
C TYR A 70 10.89 7.72 1.86
N GLU A 71 10.16 8.71 1.35
CA GLU A 71 10.36 10.09 1.77
C GLU A 71 9.92 10.27 3.22
N LYS A 72 8.87 9.57 3.58
CA LYS A 72 8.33 9.66 4.94
C LYS A 72 9.29 9.00 5.92
N LEU A 73 9.91 7.91 5.50
CA LEU A 73 10.85 7.18 6.36
C LEU A 73 12.08 8.02 6.65
N THR A 74 12.54 8.75 5.66
CA THR A 74 13.72 9.59 5.85
C THR A 74 13.38 10.81 6.69
N GLU A 75 12.13 11.24 6.60
CA GLU A 75 11.68 12.40 7.38
C GLU A 75 11.62 12.03 8.86
N ILE A 76 11.22 10.79 9.14
CA ILE A 76 11.11 10.32 10.51
C ILE A 76 12.45 9.78 11.02
N MET A 77 13.28 9.29 10.09
CA MET A 77 14.58 8.74 10.46
C MET A 77 15.65 9.82 10.37
N GLY A 78 15.88 10.31 9.16
CA GLY A 78 16.88 11.34 8.93
C GLY A 78 18.27 10.72 8.83
N ASP A 79 19.28 11.58 8.68
CA ASP A 79 20.65 11.12 8.56
C ASP A 79 20.83 10.30 7.29
N ASN A 80 19.99 10.54 6.29
CA ASN A 80 20.09 9.80 5.04
C ASN A 80 20.14 8.30 5.28
N TRP A 81 19.03 7.76 5.77
CA TRP A 81 18.95 6.32 6.04
C TRP A 81 18.77 5.55 4.73
N LYS A 82 18.69 6.26 3.60
CA LYS A 82 18.52 5.61 2.31
C LYS A 82 19.60 4.56 2.08
N ILE A 83 20.77 4.99 1.61
CA ILE A 83 21.87 4.07 1.34
C ILE A 83 21.37 2.78 0.69
N PHE A 84 20.80 2.92 -0.49
CA PHE A 84 20.29 1.77 -1.22
C PHE A 84 20.18 2.06 -2.72
N GLU A 85 20.68 3.24 -3.14
CA GLU A 85 20.62 3.60 -4.54
C GLU A 85 19.19 3.62 -5.05
N GLY A 86 19.00 4.18 -6.23
CA GLY A 86 17.67 4.25 -6.82
C GLY A 86 17.43 3.07 -7.76
N ASP A 87 18.34 2.10 -7.75
CA ASP A 87 18.22 0.93 -8.59
C ASP A 87 17.50 -0.20 -7.85
N ALA A 88 16.93 0.11 -6.69
CA ALA A 88 16.23 -0.88 -5.89
C ALA A 88 14.93 -0.31 -5.34
N ASN A 89 13.96 -1.17 -5.10
CA ASN A 89 12.66 -0.76 -4.58
C ASN A 89 12.29 -1.59 -3.36
N PRO A 90 12.96 -1.36 -2.26
CA PRO A 90 12.69 -2.11 -0.99
C PRO A 90 11.28 -1.88 -0.45
N LEU A 91 10.66 -0.79 -0.91
CA LEU A 91 9.31 -0.46 -0.47
C LEU A 91 8.34 -0.49 -1.65
N TYR A 92 7.07 -0.73 -1.37
CA TYR A 92 6.06 -0.78 -2.42
C TYR A 92 4.88 0.12 -2.05
N ASP A 93 3.81 0.04 -2.83
CA ASP A 93 2.63 0.85 -2.56
C ASP A 93 1.87 0.29 -1.36
N ALA A 94 1.50 1.17 -0.43
CA ALA A 94 0.78 0.75 0.78
C ALA A 94 -0.54 1.51 0.92
N TYR A 95 -1.59 0.79 1.30
CA TYR A 95 -2.90 1.40 1.49
C TYR A 95 -3.09 1.73 2.97
N ILE A 96 -3.29 3.00 3.26
CA ILE A 96 -3.48 3.43 4.63
C ILE A 96 -4.98 3.45 4.95
N VAL A 97 -5.43 2.45 5.70
CA VAL A 97 -6.83 2.34 6.08
C VAL A 97 -7.02 2.71 7.54
N GLU A 98 -8.01 3.55 7.80
CA GLU A 98 -8.29 3.97 9.16
C GLU A 98 -9.44 3.16 9.74
N ALA A 99 -9.12 2.25 10.68
CA ALA A 99 -10.14 1.42 11.30
C ALA A 99 -11.07 2.26 12.15
N ASN A 100 -12.34 1.91 12.14
CA ASN A 100 -13.34 2.65 12.92
C ASN A 100 -12.98 2.63 14.39
N ALA A 101 -12.50 1.48 14.87
CA ALA A 101 -12.14 1.36 16.27
C ALA A 101 -10.81 0.60 16.42
N PRO A 102 -10.17 0.74 17.55
CA PRO A 102 -8.88 0.04 17.84
C PRO A 102 -9.05 -1.47 17.84
N ASN A 103 -10.28 -1.93 17.93
CA ASN A 103 -10.53 -3.36 17.92
C ASN A 103 -10.89 -3.84 16.51
N ASP A 104 -11.03 -2.90 15.58
CA ASP A 104 -11.37 -3.25 14.20
C ASP A 104 -10.12 -3.29 13.33
N VAL A 105 -9.09 -2.58 13.75
CA VAL A 105 -7.84 -2.54 13.02
C VAL A 105 -7.31 -3.95 12.81
N LYS A 106 -7.51 -4.79 13.82
CA LYS A 106 -7.03 -6.16 13.73
C LYS A 106 -7.88 -6.96 12.75
N THR A 107 -9.16 -6.66 12.71
CA THR A 107 -10.07 -7.35 11.81
C THR A 107 -9.84 -6.90 10.38
N ILE A 108 -9.60 -5.60 10.21
CA ILE A 108 -9.39 -5.03 8.90
C ILE A 108 -8.06 -5.50 8.34
N ALA A 109 -7.07 -5.59 9.21
CA ALA A 109 -5.75 -6.02 8.78
C ALA A 109 -5.81 -7.46 8.30
N GLU A 110 -6.57 -8.28 9.00
CA GLU A 110 -6.70 -9.69 8.62
C GLU A 110 -7.40 -9.82 7.27
N ASP A 111 -8.42 -9.00 7.07
CA ASP A 111 -9.17 -9.02 5.82
C ASP A 111 -8.32 -8.47 4.68
N ALA A 112 -7.53 -7.45 4.98
CA ALA A 112 -6.68 -6.82 3.98
C ALA A 112 -5.62 -7.80 3.48
N LYS A 113 -5.20 -8.71 4.35
CA LYS A 113 -4.20 -9.70 3.99
C LYS A 113 -4.76 -10.75 3.05
N LYS A 114 -6.09 -10.78 2.93
CA LYS A 114 -6.74 -11.76 2.06
C LYS A 114 -7.30 -11.08 0.81
N ILE A 115 -6.93 -9.81 0.59
CA ILE A 115 -7.42 -9.09 -0.58
C ILE A 115 -7.10 -9.87 -1.86
N GLU A 116 -5.92 -9.62 -2.43
CA GLU A 116 -5.53 -10.29 -3.67
C GLU A 116 -4.01 -10.40 -3.75
N GLY A 117 -3.36 -9.35 -4.25
CA GLY A 117 -1.90 -9.36 -4.38
C GLY A 117 -1.23 -8.58 -3.25
N VAL A 118 -1.81 -8.68 -2.06
CA VAL A 118 -1.26 -7.98 -0.90
C VAL A 118 0.13 -8.54 -0.59
N SER A 119 1.02 -7.65 -0.15
CA SER A 119 2.38 -8.05 0.20
C SER A 119 2.51 -8.27 1.70
N GLU A 120 2.07 -7.28 2.48
CA GLU A 120 2.13 -7.39 3.93
C GLU A 120 1.29 -6.30 4.60
N VAL A 121 0.70 -6.63 5.74
CA VAL A 121 -0.13 -5.67 6.46
C VAL A 121 0.44 -5.37 7.83
N GLN A 122 0.59 -4.09 8.13
CA GLN A 122 1.13 -3.66 9.42
C GLN A 122 0.21 -2.64 10.07
N ASP A 123 -0.15 -2.89 11.33
CA ASP A 123 -1.03 -1.98 12.05
C ASP A 123 -0.25 -0.76 12.53
N GLY A 124 -0.97 0.25 13.00
CA GLY A 124 -0.33 1.47 13.48
C GLY A 124 0.12 1.29 14.92
N ASN A 15 -5.90 4.90 18.52
CA ASN A 15 -4.77 4.17 17.99
C ASN A 15 -5.11 3.56 16.62
N VAL A 16 -6.04 4.18 15.92
CA VAL A 16 -6.43 3.69 14.61
C VAL A 16 -5.31 3.98 13.61
N ARG A 17 -5.05 3.00 12.74
CA ARG A 17 -4.00 3.11 11.71
C ARG A 17 -3.62 1.73 11.19
N VAL A 18 -3.91 1.47 9.92
CA VAL A 18 -3.56 0.19 9.32
C VAL A 18 -2.89 0.45 7.97
N VAL A 19 -1.76 -0.18 7.71
CA VAL A 19 -1.06 0.02 6.45
C VAL A 19 -0.90 -1.31 5.70
N VAL A 20 -1.39 -1.35 4.46
CA VAL A 20 -1.29 -2.58 3.65
C VAL A 20 -0.33 -2.40 2.48
N TYR A 21 0.78 -3.14 2.52
CA TYR A 21 1.76 -3.08 1.46
C TYR A 21 1.30 -3.91 0.27
N ILE A 22 1.45 -3.32 -0.89
CA ILE A 22 1.04 -3.97 -2.14
C ILE A 22 2.24 -4.20 -3.05
N ARG A 23 2.27 -5.36 -3.69
CA ARG A 23 3.35 -5.71 -4.60
C ARG A 23 3.53 -4.63 -5.66
N LYS A 24 4.63 -4.73 -6.40
CA LYS A 24 4.94 -3.76 -7.45
C LYS A 24 4.32 -4.18 -8.78
N ASP A 25 3.81 -5.41 -8.85
CA ASP A 25 3.22 -5.91 -10.09
C ASP A 25 1.69 -5.82 -10.02
N VAL A 26 1.19 -4.82 -9.31
CA VAL A 26 -0.24 -4.64 -9.18
C VAL A 26 -0.57 -3.26 -8.56
N GLU A 27 0.20 -2.26 -8.95
CA GLU A 27 -0.01 -0.91 -8.43
C GLU A 27 -1.45 -0.47 -8.67
N ASP A 28 -2.28 -0.60 -7.64
CA ASP A 28 -3.70 -0.26 -7.74
C ASP A 28 -3.92 1.19 -8.19
N ASN A 29 -3.47 2.14 -7.38
CA ASN A 29 -3.64 3.55 -7.69
C ASN A 29 -2.48 4.04 -8.55
N SER A 30 -2.46 3.56 -9.78
CA SER A 30 -1.40 3.96 -10.71
C SER A 30 -1.96 4.18 -12.10
N GLN A 31 -2.90 3.31 -12.49
CA GLN A 31 -3.53 3.36 -13.82
C GLN A 31 -2.58 2.80 -14.90
N THR A 32 -1.31 3.22 -14.86
CA THR A 32 -0.33 2.75 -15.82
C THR A 32 1.04 2.67 -15.16
N ILE A 33 1.90 1.80 -15.68
CA ILE A 33 3.23 1.64 -15.13
C ILE A 33 4.27 1.81 -16.23
N GLU A 34 5.44 2.25 -15.82
CA GLU A 34 6.52 2.46 -16.77
C GLU A 34 7.34 1.18 -16.91
N LYS A 35 7.36 0.67 -18.13
CA LYS A 35 8.10 -0.56 -18.42
C LYS A 35 9.05 -0.31 -19.58
N GLU A 36 10.30 -0.78 -19.41
CA GLU A 36 11.34 -0.60 -20.43
C GLU A 36 10.75 -0.62 -21.83
N GLY A 37 10.75 0.55 -22.47
CA GLY A 37 10.21 0.70 -23.81
C GLY A 37 9.09 1.74 -23.86
N GLN A 38 8.14 1.63 -22.93
CA GLN A 38 7.02 2.56 -22.89
C GLN A 38 6.22 2.40 -21.59
N THR A 39 4.95 2.82 -21.61
CA THR A 39 4.10 2.71 -20.44
C THR A 39 2.94 1.76 -20.75
N VAL A 40 2.68 0.83 -19.83
CA VAL A 40 1.62 -0.15 -20.02
C VAL A 40 0.57 0.01 -18.93
N THR A 41 -0.68 0.00 -19.34
CA THR A 41 -1.79 0.12 -18.40
C THR A 41 -1.77 -1.02 -17.38
N ASN A 42 -1.93 -0.68 -16.11
CA ASN A 42 -1.92 -1.68 -15.05
C ASN A 42 -3.29 -2.32 -14.90
N ASN A 43 -3.31 -3.53 -14.37
CA ASN A 43 -4.57 -4.22 -14.15
C ASN A 43 -5.08 -3.99 -12.74
N ASP A 44 -6.32 -4.37 -12.50
CA ASP A 44 -6.93 -4.21 -11.19
C ASP A 44 -6.84 -2.76 -10.72
N TYR A 45 -7.12 -1.83 -11.61
CA TYR A 45 -7.06 -0.42 -11.26
C TYR A 45 -8.11 -0.09 -10.20
N HIS A 46 -7.65 0.49 -9.09
CA HIS A 46 -8.53 0.86 -7.99
C HIS A 46 -9.37 -0.33 -7.50
N LYS A 47 -8.94 -1.53 -7.84
CA LYS A 47 -9.65 -2.74 -7.42
C LYS A 47 -9.47 -2.97 -5.92
N VAL A 48 -8.24 -2.79 -5.46
CA VAL A 48 -7.91 -2.96 -4.06
C VAL A 48 -8.54 -1.84 -3.25
N TYR A 49 -8.53 -0.64 -3.81
CA TYR A 49 -9.10 0.52 -3.15
C TYR A 49 -10.55 0.30 -2.89
N ASP A 50 -11.25 -0.18 -3.89
CA ASP A 50 -12.68 -0.40 -3.75
C ASP A 50 -12.95 -1.48 -2.72
N SER A 51 -12.14 -2.51 -2.74
CA SER A 51 -12.31 -3.61 -1.80
C SER A 51 -12.04 -3.14 -0.38
N LEU A 52 -11.00 -2.34 -0.22
CA LEU A 52 -10.65 -1.83 1.10
C LEU A 52 -11.64 -0.75 1.55
N LYS A 53 -12.11 0.06 0.60
CA LYS A 53 -13.04 1.13 0.87
C LYS A 53 -14.45 0.61 1.20
N ASN A 54 -14.86 -0.45 0.50
CA ASN A 54 -16.18 -1.03 0.73
C ASN A 54 -16.13 -2.13 1.78
N MET A 55 -14.97 -2.31 2.41
CA MET A 55 -14.81 -3.34 3.42
C MET A 55 -15.94 -3.29 4.46
N SER A 56 -16.62 -2.13 4.57
CA SER A 56 -17.70 -1.99 5.53
C SER A 56 -17.17 -2.02 6.96
N THR A 57 -16.41 -0.97 7.32
CA THR A 57 -15.83 -0.85 8.67
C THR A 57 -14.76 0.26 8.68
N VAL A 58 -14.21 0.56 7.50
CA VAL A 58 -13.16 1.58 7.41
C VAL A 58 -13.76 2.98 7.26
N LYS A 59 -13.05 3.96 7.78
CA LYS A 59 -13.50 5.35 7.69
C LYS A 59 -12.92 6.00 6.43
N SER A 60 -11.64 5.74 6.17
CA SER A 60 -10.98 6.30 5.00
C SER A 60 -9.82 5.43 4.57
N VAL A 61 -9.51 5.47 3.28
CA VAL A 61 -8.40 4.69 2.75
C VAL A 61 -7.51 5.55 1.85
N THR A 62 -6.20 5.53 2.11
CA THR A 62 -5.25 6.31 1.33
C THR A 62 -4.16 5.42 0.76
N PHE A 63 -3.90 5.56 -0.52
CA PHE A 63 -2.87 4.76 -1.17
C PHE A 63 -1.54 5.51 -1.15
N SER A 64 -0.57 4.88 -0.55
CA SER A 64 0.77 5.43 -0.47
C SER A 64 1.67 4.78 -1.52
N SER A 65 2.00 5.55 -2.56
CA SER A 65 2.84 5.03 -3.63
C SER A 65 4.26 4.74 -3.12
N LYS A 66 4.86 3.69 -3.67
CA LYS A 66 6.21 3.30 -3.30
C LYS A 66 7.21 4.30 -3.82
N GLU A 67 6.84 4.98 -4.91
CA GLU A 67 7.71 5.97 -5.48
C GLU A 67 7.89 7.10 -4.50
N GLU A 68 6.81 7.49 -3.85
CA GLU A 68 6.86 8.56 -2.86
C GLU A 68 7.67 8.12 -1.64
N GLN A 69 7.46 6.88 -1.24
CA GLN A 69 8.17 6.32 -0.09
C GLN A 69 9.66 6.22 -0.38
N TYR A 70 9.98 5.83 -1.60
CA TYR A 70 11.37 5.71 -2.01
C TYR A 70 12.07 7.05 -1.94
N GLU A 71 11.35 8.08 -2.38
CA GLU A 71 11.89 9.44 -2.37
C GLU A 71 12.18 9.87 -0.94
N LYS A 72 11.31 9.49 -0.04
CA LYS A 72 11.48 9.83 1.36
C LYS A 72 12.71 9.15 1.94
N LEU A 73 12.94 7.91 1.51
CA LEU A 73 14.09 7.15 1.99
C LEU A 73 15.39 7.74 1.48
N THR A 74 15.35 8.27 0.27
CA THR A 74 16.54 8.85 -0.32
C THR A 74 16.89 10.14 0.39
N GLU A 75 15.88 10.88 0.81
CA GLU A 75 16.11 12.13 1.51
C GLU A 75 16.76 11.88 2.87
N ILE A 76 16.27 10.87 3.56
CA ILE A 76 16.81 10.53 4.88
C ILE A 76 18.18 9.89 4.75
N MET A 77 18.40 9.21 3.64
CA MET A 77 19.67 8.56 3.39
C MET A 77 20.73 9.55 2.89
N GLY A 78 20.31 10.78 2.58
CA GLY A 78 21.24 11.79 2.09
C GLY A 78 21.52 11.62 0.60
N ASP A 79 20.65 10.88 -0.09
CA ASP A 79 20.82 10.64 -1.52
C ASP A 79 22.13 9.93 -1.79
N ASN A 80 22.51 9.03 -0.88
CA ASN A 80 23.75 8.28 -1.03
C ASN A 80 23.57 6.85 -0.55
N TRP A 81 22.52 6.18 -1.04
CA TRP A 81 22.26 4.80 -0.66
C TRP A 81 21.76 4.00 -1.85
N LYS A 82 21.71 4.62 -3.03
CA LYS A 82 21.24 3.93 -4.22
C LYS A 82 22.36 3.12 -4.83
N ILE A 83 22.30 1.80 -4.62
CA ILE A 83 23.31 0.91 -5.16
C ILE A 83 22.69 -0.06 -6.15
N PHE A 84 21.39 -0.26 -6.02
CA PHE A 84 20.67 -1.16 -6.91
C PHE A 84 20.15 -0.40 -8.13
N GLU A 85 20.64 0.81 -8.35
CA GLU A 85 20.20 1.61 -9.48
C GLU A 85 18.71 1.89 -9.41
N GLY A 86 18.26 2.90 -10.13
CA GLY A 86 16.86 3.28 -10.14
C GLY A 86 16.04 2.28 -10.96
N ASP A 87 14.76 2.58 -11.13
CA ASP A 87 13.87 1.70 -11.88
C ASP A 87 13.83 0.32 -11.23
N ALA A 88 13.99 0.28 -9.91
CA ALA A 88 13.97 -0.97 -9.17
C ALA A 88 12.78 -1.00 -8.22
N ASN A 89 12.58 0.10 -7.50
CA ASN A 89 11.48 0.20 -6.55
C ASN A 89 11.45 -1.01 -5.63
N PRO A 90 12.49 -1.20 -4.86
CA PRO A 90 12.60 -2.36 -3.92
C PRO A 90 11.51 -2.35 -2.84
N LEU A 91 10.92 -1.18 -2.64
CA LEU A 91 9.86 -1.01 -1.64
C LEU A 91 8.49 -1.30 -2.24
N TYR A 92 7.49 -1.42 -1.37
CA TYR A 92 6.11 -1.71 -1.81
C TYR A 92 5.18 -0.56 -1.42
N ASP A 93 4.03 -0.49 -2.08
CA ASP A 93 3.04 0.54 -1.79
C ASP A 93 2.57 0.40 -0.35
N ALA A 94 1.53 1.12 0.00
CA ALA A 94 0.98 1.06 1.35
C ALA A 94 -0.44 1.60 1.37
N TYR A 95 -1.38 0.85 1.90
CA TYR A 95 -2.76 1.31 1.96
C TYR A 95 -3.10 1.72 3.38
N ILE A 96 -3.18 3.00 3.61
CA ILE A 96 -3.47 3.51 4.93
C ILE A 96 -4.99 3.47 5.14
N VAL A 97 -5.44 2.58 6.02
CA VAL A 97 -6.86 2.43 6.29
C VAL A 97 -7.16 2.81 7.73
N GLU A 98 -8.24 3.55 7.92
CA GLU A 98 -8.64 3.96 9.27
C GLU A 98 -9.77 3.07 9.77
N ALA A 99 -9.47 2.22 10.73
CA ALA A 99 -10.48 1.33 11.29
C ALA A 99 -11.49 2.11 12.11
N ASN A 100 -12.75 1.66 12.11
CA ASN A 100 -13.78 2.35 12.86
C ASN A 100 -13.40 2.43 14.34
N ALA A 101 -12.81 1.35 14.85
CA ALA A 101 -12.40 1.32 16.25
C ALA A 101 -11.00 0.72 16.38
N PRO A 102 -10.32 0.97 17.47
CA PRO A 102 -8.94 0.44 17.71
C PRO A 102 -8.91 -1.08 17.72
N ASN A 103 -10.06 -1.70 17.93
CA ASN A 103 -10.15 -3.16 17.96
C ASN A 103 -10.47 -3.72 16.56
N ASP A 104 -10.72 -2.83 15.60
CA ASP A 104 -11.04 -3.23 14.24
C ASP A 104 -9.80 -3.12 13.35
N VAL A 105 -8.79 -2.40 13.83
CA VAL A 105 -7.57 -2.23 13.05
C VAL A 105 -6.94 -3.57 12.78
N LYS A 106 -7.10 -4.47 13.74
CA LYS A 106 -6.56 -5.82 13.60
C LYS A 106 -7.40 -6.63 12.62
N THR A 107 -8.70 -6.43 12.67
CA THR A 107 -9.61 -7.16 11.79
C THR A 107 -9.43 -6.71 10.35
N ILE A 108 -9.25 -5.41 10.18
CA ILE A 108 -9.07 -4.85 8.86
C ILE A 108 -7.78 -5.36 8.24
N ALA A 109 -6.73 -5.43 9.04
CA ALA A 109 -5.46 -5.91 8.55
C ALA A 109 -5.58 -7.36 8.12
N GLU A 110 -6.30 -8.15 8.91
CA GLU A 110 -6.49 -9.56 8.58
C GLU A 110 -7.32 -9.71 7.31
N ASP A 111 -8.34 -8.88 7.18
CA ASP A 111 -9.19 -8.92 6.00
C ASP A 111 -8.42 -8.45 4.76
N ALA A 112 -7.57 -7.46 4.95
CA ALA A 112 -6.79 -6.91 3.86
C ALA A 112 -5.85 -7.98 3.30
N LYS A 113 -5.39 -8.86 4.17
CA LYS A 113 -4.48 -9.93 3.77
C LYS A 113 -5.14 -10.86 2.75
N LYS A 114 -6.46 -10.83 2.70
CA LYS A 114 -7.21 -11.68 1.77
C LYS A 114 -7.50 -10.93 0.47
N ILE A 115 -6.93 -9.74 0.33
CA ILE A 115 -7.14 -8.94 -0.88
C ILE A 115 -6.11 -9.30 -1.92
N GLU A 116 -6.61 -9.74 -3.08
CA GLU A 116 -5.74 -10.11 -4.20
C GLU A 116 -4.50 -10.90 -3.72
N GLY A 117 -3.37 -10.21 -3.55
CA GLY A 117 -2.15 -10.85 -3.09
C GLY A 117 -1.20 -9.81 -2.51
N VAL A 118 -1.71 -9.00 -1.58
CA VAL A 118 -0.91 -7.95 -0.97
C VAL A 118 0.46 -8.50 -0.56
N SER A 119 1.40 -7.60 -0.31
CA SER A 119 2.75 -8.00 0.08
C SER A 119 2.82 -8.26 1.58
N GLU A 120 2.33 -7.31 2.37
CA GLU A 120 2.37 -7.44 3.84
C GLU A 120 1.54 -6.35 4.51
N VAL A 121 0.96 -6.67 5.66
CA VAL A 121 0.15 -5.70 6.37
C VAL A 121 0.72 -5.45 7.75
N GLN A 122 0.53 -4.22 8.22
CA GLN A 122 1.02 -3.84 9.54
C GLN A 122 0.02 -2.93 10.24
N ASP A 123 -0.02 -3.02 11.56
CA ASP A 123 -0.92 -2.19 12.35
C ASP A 123 -0.14 -1.16 13.15
N GLY A 124 -0.63 0.08 13.15
CA GLY A 124 0.03 1.16 13.87
C GLY A 124 1.15 1.78 13.03
N ASN A 15 -5.58 6.17 17.23
CA ASN A 15 -4.44 5.42 16.73
C ASN A 15 -4.91 4.20 15.92
N VAL A 16 -5.93 4.41 15.11
CA VAL A 16 -6.47 3.32 14.28
C VAL A 16 -5.95 3.40 12.85
N ARG A 17 -4.64 3.54 12.72
CA ARG A 17 -4.03 3.63 11.41
C ARG A 17 -3.47 2.28 10.97
N VAL A 18 -3.94 1.81 9.83
CA VAL A 18 -3.51 0.53 9.29
C VAL A 18 -2.89 0.74 7.91
N VAL A 19 -1.78 0.06 7.67
CA VAL A 19 -1.09 0.17 6.38
C VAL A 19 -1.06 -1.17 5.67
N VAL A 20 -1.58 -1.20 4.45
CA VAL A 20 -1.59 -2.43 3.66
C VAL A 20 -0.58 -2.33 2.50
N TYR A 21 0.43 -3.18 2.54
CA TYR A 21 1.45 -3.20 1.50
C TYR A 21 0.98 -4.06 0.34
N ILE A 22 1.17 -3.53 -0.86
CA ILE A 22 0.77 -4.22 -2.08
C ILE A 22 1.96 -4.92 -2.71
N ARG A 23 1.70 -6.04 -3.37
CA ARG A 23 2.75 -6.81 -4.04
C ARG A 23 3.66 -5.90 -4.84
N LYS A 24 4.82 -6.40 -5.21
CA LYS A 24 5.78 -5.63 -5.98
C LYS A 24 5.49 -5.79 -7.47
N ASP A 25 5.61 -4.68 -8.21
CA ASP A 25 5.34 -4.68 -9.66
C ASP A 25 3.85 -4.56 -9.94
N VAL A 26 3.12 -3.96 -9.00
CA VAL A 26 1.69 -3.76 -9.16
C VAL A 26 1.24 -2.47 -8.47
N GLU A 27 0.90 -1.47 -9.27
CA GLU A 27 0.46 -0.19 -8.72
C GLU A 27 -1.04 -0.01 -8.93
N ASP A 28 -1.81 -0.30 -7.88
CA ASP A 28 -3.26 -0.17 -7.97
C ASP A 28 -3.66 1.28 -8.28
N ASN A 29 -3.09 2.22 -7.56
CA ASN A 29 -3.41 3.63 -7.76
C ASN A 29 -2.39 4.29 -8.67
N SER A 30 -2.39 3.89 -9.94
CA SER A 30 -1.46 4.47 -10.90
C SER A 30 -2.10 4.53 -12.29
N GLN A 31 -2.97 3.57 -12.58
CA GLN A 31 -3.64 3.51 -13.88
C GLN A 31 -2.64 3.17 -14.98
N THR A 32 -1.39 2.92 -14.60
CA THR A 32 -0.35 2.59 -15.56
C THR A 32 0.91 2.13 -14.84
N ILE A 33 1.74 1.37 -15.54
CA ILE A 33 2.99 0.88 -14.97
C ILE A 33 4.17 1.50 -15.71
N GLU A 34 5.13 1.99 -14.95
CA GLU A 34 6.31 2.61 -15.54
C GLU A 34 7.51 1.69 -15.38
N LYS A 35 8.34 1.68 -16.40
CA LYS A 35 9.54 0.84 -16.40
C LYS A 35 10.62 1.48 -17.26
N GLU A 36 11.87 1.37 -16.80
CA GLU A 36 13.05 1.94 -17.49
C GLU A 36 12.73 2.26 -18.95
N GLY A 37 12.41 3.53 -19.20
CA GLY A 37 12.05 3.97 -20.55
C GLY A 37 11.03 3.00 -21.15
N GLN A 38 9.72 3.31 -20.93
CA GLN A 38 8.58 2.50 -21.44
C GLN A 38 7.44 2.47 -20.42
N THR A 39 6.28 3.04 -20.78
CA THR A 39 5.13 3.05 -19.88
C THR A 39 3.95 2.35 -20.55
N VAL A 40 3.30 1.47 -19.79
CA VAL A 40 2.16 0.72 -20.30
C VAL A 40 1.01 0.75 -19.31
N THR A 41 -0.16 0.38 -19.77
CA THR A 41 -1.34 0.38 -18.91
C THR A 41 -1.15 -0.58 -17.75
N ASN A 42 -1.99 -0.45 -16.72
CA ASN A 42 -1.88 -1.30 -15.54
C ASN A 42 -3.11 -2.21 -15.42
N ASN A 43 -3.22 -2.90 -14.30
CA ASN A 43 -4.35 -3.78 -14.05
C ASN A 43 -4.89 -3.59 -12.65
N ASP A 44 -6.17 -3.89 -12.47
CA ASP A 44 -6.81 -3.74 -11.17
C ASP A 44 -6.58 -2.33 -10.63
N TYR A 45 -6.80 -1.34 -11.48
CA TYR A 45 -6.60 0.05 -11.07
C TYR A 45 -7.43 0.39 -9.84
N HIS A 46 -8.70 0.01 -9.86
CA HIS A 46 -9.56 0.28 -8.71
C HIS A 46 -10.09 -1.01 -8.12
N LYS A 47 -9.20 -2.00 -7.95
CA LYS A 47 -9.62 -3.27 -7.38
C LYS A 47 -9.24 -3.37 -5.92
N VAL A 48 -7.97 -3.10 -5.64
CA VAL A 48 -7.48 -3.16 -4.27
C VAL A 48 -8.12 -2.04 -3.45
N TYR A 49 -8.25 -0.88 -4.07
CA TYR A 49 -8.84 0.26 -3.39
C TYR A 49 -10.31 0.02 -3.12
N ASP A 50 -10.99 -0.57 -4.09
CA ASP A 50 -12.41 -0.85 -3.95
C ASP A 50 -12.64 -1.86 -2.84
N SER A 51 -11.77 -2.87 -2.80
CA SER A 51 -11.89 -3.90 -1.78
C SER A 51 -11.58 -3.33 -0.40
N LEU A 52 -10.62 -2.42 -0.35
CA LEU A 52 -10.24 -1.78 0.91
C LEU A 52 -11.24 -0.68 1.28
N LYS A 53 -12.10 -0.31 0.34
CA LYS A 53 -13.08 0.75 0.58
C LYS A 53 -14.42 0.16 1.04
N ASN A 54 -14.74 -1.02 0.52
CA ASN A 54 -15.99 -1.70 0.86
C ASN A 54 -15.82 -2.59 2.08
N MET A 55 -14.67 -2.49 2.74
CA MET A 55 -14.39 -3.33 3.90
C MET A 55 -15.51 -3.21 4.93
N SER A 56 -16.29 -2.13 4.85
CA SER A 56 -17.40 -1.89 5.78
C SER A 56 -16.88 -1.33 7.10
N THR A 57 -15.85 -1.97 7.65
CA THR A 57 -15.27 -1.52 8.90
C THR A 57 -14.17 -0.48 8.65
N VAL A 58 -14.18 0.10 7.45
CA VAL A 58 -13.19 1.11 7.09
C VAL A 58 -13.79 2.50 7.06
N LYS A 59 -13.05 3.47 7.57
CA LYS A 59 -13.51 4.84 7.60
C LYS A 59 -12.98 5.62 6.40
N SER A 60 -11.70 5.41 6.08
CA SER A 60 -11.08 6.08 4.95
C SER A 60 -9.86 5.31 4.46
N VAL A 61 -9.57 5.42 3.17
CA VAL A 61 -8.43 4.74 2.59
C VAL A 61 -7.59 5.69 1.74
N THR A 62 -6.29 5.72 1.99
CA THR A 62 -5.38 6.59 1.25
C THR A 62 -4.24 5.77 0.65
N PHE A 63 -3.97 6.01 -0.62
CA PHE A 63 -2.89 5.29 -1.31
C PHE A 63 -1.57 6.01 -1.10
N SER A 64 -0.63 5.30 -0.48
CA SER A 64 0.69 5.85 -0.24
C SER A 64 1.71 5.22 -1.19
N SER A 65 2.32 6.04 -2.02
CA SER A 65 3.31 5.55 -2.97
C SER A 65 4.58 5.11 -2.24
N LYS A 66 5.27 4.14 -2.82
CA LYS A 66 6.50 3.62 -2.23
C LYS A 66 7.58 4.68 -2.20
N GLU A 67 7.54 5.57 -3.18
CA GLU A 67 8.53 6.63 -3.27
C GLU A 67 8.39 7.56 -2.07
N GLU A 68 7.14 7.82 -1.71
CA GLU A 68 6.87 8.69 -0.56
C GLU A 68 7.30 8.00 0.74
N GLN A 69 7.06 6.71 0.81
CA GLN A 69 7.39 5.93 1.99
C GLN A 69 8.90 5.88 2.18
N TYR A 70 9.62 5.76 1.07
CA TYR A 70 11.07 5.69 1.12
C TYR A 70 11.63 7.00 1.67
N GLU A 71 11.05 8.09 1.24
CA GLU A 71 11.50 9.41 1.69
C GLU A 71 11.25 9.57 3.19
N LYS A 72 10.11 9.05 3.62
CA LYS A 72 9.74 9.14 5.04
C LYS A 72 10.69 8.32 5.88
N LEU A 73 11.08 7.16 5.36
CA LEU A 73 11.99 6.27 6.09
C LEU A 73 13.36 6.90 6.23
N THR A 74 13.79 7.60 5.20
CA THR A 74 15.10 8.24 5.23
C THR A 74 15.12 9.38 6.22
N GLU A 75 14.00 10.09 6.33
CA GLU A 75 13.89 11.21 7.25
C GLU A 75 13.97 10.73 8.69
N ILE A 76 13.34 9.61 8.97
CA ILE A 76 13.33 9.05 10.32
C ILE A 76 14.65 8.35 10.62
N MET A 77 15.29 7.84 9.59
CA MET A 77 16.57 7.16 9.75
C MET A 77 17.72 8.17 9.78
N GLY A 78 17.46 9.37 9.27
CA GLY A 78 18.48 10.40 9.24
C GLY A 78 19.45 10.19 8.08
N ASP A 79 20.64 10.79 8.18
CA ASP A 79 21.64 10.65 7.14
C ASP A 79 22.31 9.28 7.22
N ASN A 80 21.57 8.24 6.86
CA ASN A 80 22.11 6.88 6.91
C ASN A 80 21.04 5.88 6.50
N TRP A 81 21.30 4.59 6.74
CA TRP A 81 20.34 3.56 6.38
C TRP A 81 20.21 3.45 4.87
N LYS A 82 20.39 2.24 4.35
CA LYS A 82 20.29 2.00 2.91
C LYS A 82 20.73 0.57 2.58
N ILE A 83 19.94 -0.40 3.05
CA ILE A 83 20.26 -1.80 2.78
C ILE A 83 20.25 -2.07 1.29
N PHE A 84 19.23 -1.59 0.60
CA PHE A 84 19.12 -1.77 -0.84
C PHE A 84 19.27 -0.45 -1.57
N GLU A 85 20.48 0.11 -1.54
CA GLU A 85 20.75 1.37 -2.21
C GLU A 85 20.47 1.25 -3.71
N GLY A 86 20.30 2.40 -4.37
CA GLY A 86 20.03 2.41 -5.79
C GLY A 86 18.58 2.02 -6.08
N ASP A 87 18.35 1.47 -7.27
CA ASP A 87 17.01 1.06 -7.65
C ASP A 87 16.67 -0.29 -7.04
N ALA A 88 15.69 -0.30 -6.15
CA ALA A 88 15.26 -1.53 -5.49
C ALA A 88 13.96 -1.30 -4.72
N ASN A 89 13.89 -0.16 -4.04
CA ASN A 89 12.69 0.17 -3.26
C ASN A 89 12.34 -0.96 -2.31
N PRO A 90 12.97 -1.00 -1.16
CA PRO A 90 12.72 -2.07 -0.13
C PRO A 90 11.23 -2.26 0.12
N LEU A 91 10.47 -1.18 0.05
CA LEU A 91 9.03 -1.24 0.27
C LEU A 91 8.28 -1.00 -1.03
N TYR A 92 6.98 -1.28 -1.03
CA TYR A 92 6.16 -1.09 -2.21
C TYR A 92 4.96 -0.21 -1.90
N ASP A 93 3.99 -0.20 -2.81
CA ASP A 93 2.79 0.62 -2.62
C ASP A 93 2.11 0.24 -1.31
N ALA A 94 1.60 1.24 -0.60
CA ALA A 94 0.94 1.00 0.67
C ALA A 94 -0.44 1.65 0.70
N TYR A 95 -1.34 1.06 1.47
CA TYR A 95 -2.69 1.57 1.58
C TYR A 95 -2.99 1.94 3.04
N ILE A 96 -3.11 3.23 3.30
CA ILE A 96 -3.40 3.70 4.65
C ILE A 96 -4.90 3.64 4.89
N VAL A 97 -5.32 2.69 5.72
CA VAL A 97 -6.71 2.51 6.03
C VAL A 97 -7.01 2.83 7.48
N GLU A 98 -8.11 3.54 7.70
CA GLU A 98 -8.50 3.91 9.05
C GLU A 98 -9.57 2.94 9.57
N ALA A 99 -9.17 2.08 10.49
CA ALA A 99 -10.10 1.11 11.06
C ALA A 99 -11.03 1.78 12.06
N ASN A 100 -12.25 1.28 12.13
CA ASN A 100 -13.23 1.82 13.06
C ASN A 100 -12.92 1.35 14.47
N ALA A 101 -12.10 2.13 15.17
CA ALA A 101 -11.70 1.83 16.55
C ALA A 101 -10.47 0.91 16.58
N PRO A 102 -9.72 0.93 17.66
CA PRO A 102 -8.50 0.08 17.80
C PRO A 102 -8.81 -1.41 17.68
N ASN A 103 -10.04 -1.79 17.99
CA ASN A 103 -10.43 -3.19 17.93
C ASN A 103 -10.69 -3.63 16.49
N ASP A 104 -10.81 -2.67 15.57
CA ASP A 104 -11.07 -2.99 14.17
C ASP A 104 -9.79 -2.99 13.36
N VAL A 105 -8.74 -2.39 13.90
CA VAL A 105 -7.46 -2.32 13.20
C VAL A 105 -6.93 -3.73 12.95
N LYS A 106 -7.23 -4.62 13.88
CA LYS A 106 -6.79 -6.00 13.74
C LYS A 106 -7.64 -6.74 12.72
N THR A 107 -8.91 -6.38 12.67
CA THR A 107 -9.84 -7.01 11.74
C THR A 107 -9.55 -6.57 10.32
N ILE A 108 -9.23 -5.30 10.16
CA ILE A 108 -8.91 -4.74 8.85
C ILE A 108 -7.66 -5.36 8.30
N ALA A 109 -6.67 -5.53 9.17
CA ALA A 109 -5.42 -6.12 8.74
C ALA A 109 -5.63 -7.57 8.30
N GLU A 110 -6.44 -8.28 9.07
CA GLU A 110 -6.73 -9.68 8.75
C GLU A 110 -7.52 -9.79 7.47
N ASP A 111 -8.47 -8.88 7.31
CA ASP A 111 -9.29 -8.87 6.11
C ASP A 111 -8.49 -8.38 4.91
N ALA A 112 -7.56 -7.47 5.18
CA ALA A 112 -6.72 -6.91 4.13
C ALA A 112 -5.83 -7.98 3.51
N LYS A 113 -5.49 -8.99 4.32
CA LYS A 113 -4.64 -10.08 3.84
C LYS A 113 -5.32 -10.85 2.71
N LYS A 114 -6.63 -10.68 2.59
CA LYS A 114 -7.37 -11.36 1.53
C LYS A 114 -7.63 -10.45 0.33
N ILE A 115 -7.01 -9.27 0.33
CA ILE A 115 -7.19 -8.32 -0.76
C ILE A 115 -6.24 -8.64 -1.90
N GLU A 116 -6.82 -8.96 -3.06
CA GLU A 116 -6.06 -9.27 -4.25
C GLU A 116 -4.79 -10.07 -3.92
N GLY A 117 -3.61 -9.49 -4.16
CA GLY A 117 -2.35 -10.15 -3.87
C GLY A 117 -1.54 -9.34 -2.87
N VAL A 118 -2.22 -8.78 -1.87
CA VAL A 118 -1.54 -7.97 -0.85
C VAL A 118 -0.25 -8.64 -0.42
N SER A 119 0.77 -7.84 -0.09
CA SER A 119 2.05 -8.39 0.32
C SER A 119 2.13 -8.54 1.83
N GLU A 120 1.74 -7.50 2.55
CA GLU A 120 1.79 -7.54 4.01
C GLU A 120 0.98 -6.40 4.61
N VAL A 121 0.49 -6.59 5.83
CA VAL A 121 -0.28 -5.56 6.49
C VAL A 121 0.23 -5.33 7.90
N GLN A 122 0.25 -4.07 8.32
CA GLN A 122 0.71 -3.72 9.66
C GLN A 122 -0.12 -2.57 10.23
N ASP A 123 -0.49 -2.68 11.51
CA ASP A 123 -1.28 -1.63 12.15
C ASP A 123 -0.37 -0.60 12.80
N GLY A 124 -0.97 0.41 13.41
CA GLY A 124 -0.20 1.47 14.07
C GLY A 124 -1.01 2.76 14.16
N ASN A 15 -3.26 2.44 18.87
CA ASN A 15 -3.86 1.14 18.60
C ASN A 15 -4.91 1.26 17.50
N VAL A 16 -4.64 2.08 16.50
CA VAL A 16 -5.55 2.26 15.38
C VAL A 16 -4.77 2.49 14.09
N ARG A 17 -5.49 2.55 12.96
CA ARG A 17 -4.87 2.76 11.67
C ARG A 17 -4.11 1.51 11.25
N VAL A 18 -4.26 1.16 9.98
CA VAL A 18 -3.59 -0.02 9.44
C VAL A 18 -3.02 0.29 8.05
N VAL A 19 -1.84 -0.24 7.77
CA VAL A 19 -1.21 -0.03 6.47
C VAL A 19 -1.06 -1.37 5.74
N VAL A 20 -1.59 -1.44 4.53
CA VAL A 20 -1.52 -2.68 3.75
C VAL A 20 -0.55 -2.51 2.57
N TYR A 21 0.54 -3.27 2.57
CA TYR A 21 1.53 -3.22 1.53
C TYR A 21 1.09 -4.11 0.38
N ILE A 22 1.29 -3.61 -0.81
CA ILE A 22 0.91 -4.35 -2.02
C ILE A 22 2.12 -5.00 -2.68
N ARG A 23 1.88 -6.08 -3.41
CA ARG A 23 2.96 -6.78 -4.10
C ARG A 23 3.67 -5.86 -5.08
N LYS A 24 4.95 -6.11 -5.28
CA LYS A 24 5.74 -5.29 -6.18
C LYS A 24 5.27 -5.49 -7.62
N ASP A 25 5.13 -4.38 -8.36
CA ASP A 25 4.66 -4.44 -9.73
C ASP A 25 3.19 -4.85 -9.80
N VAL A 26 2.45 -4.57 -8.74
CA VAL A 26 1.04 -4.90 -8.70
C VAL A 26 0.25 -3.94 -9.60
N GLU A 27 0.75 -2.71 -9.74
CA GLU A 27 0.09 -1.71 -10.57
C GLU A 27 -1.37 -1.51 -10.13
N ASP A 28 -1.62 -1.67 -8.85
CA ASP A 28 -2.98 -1.52 -8.32
C ASP A 28 -3.51 -0.11 -8.61
N ASN A 29 -2.62 0.88 -8.51
CA ASN A 29 -3.00 2.27 -8.76
C ASN A 29 -2.47 2.72 -10.12
N SER A 30 -2.22 1.77 -11.01
CA SER A 30 -1.70 2.07 -12.34
C SER A 30 -2.85 2.39 -13.30
N GLN A 31 -2.77 1.92 -14.54
CA GLN A 31 -3.82 2.17 -15.52
C GLN A 31 -3.66 1.22 -16.69
N THR A 32 -2.41 0.88 -17.00
CA THR A 32 -2.12 -0.02 -18.11
C THR A 32 -0.74 -0.65 -17.95
N ILE A 33 -0.62 -1.90 -18.37
CA ILE A 33 0.65 -2.62 -18.29
C ILE A 33 0.98 -3.26 -19.64
N GLU A 34 2.26 -3.43 -19.87
CA GLU A 34 2.73 -4.04 -21.12
C GLU A 34 3.08 -5.51 -20.92
N LYS A 35 2.40 -6.35 -21.68
CA LYS A 35 2.64 -7.80 -21.61
C LYS A 35 2.48 -8.45 -22.97
N GLU A 36 3.38 -9.38 -23.28
CA GLU A 36 3.32 -10.08 -24.57
C GLU A 36 3.37 -9.09 -25.72
N GLY A 37 4.03 -7.97 -25.50
CA GLY A 37 4.15 -6.94 -26.54
C GLY A 37 2.82 -6.23 -26.77
N GLN A 38 1.86 -6.45 -25.88
CA GLN A 38 0.54 -5.84 -26.01
C GLN A 38 0.22 -5.02 -24.77
N THR A 39 -0.41 -3.87 -24.95
CA THR A 39 -0.75 -3.01 -23.83
C THR A 39 -2.19 -3.26 -23.40
N VAL A 40 -2.38 -3.55 -22.12
CA VAL A 40 -3.71 -3.81 -21.58
C VAL A 40 -3.93 -2.98 -20.33
N THR A 41 -5.19 -2.74 -20.03
CA THR A 41 -5.54 -1.94 -18.86
C THR A 41 -5.26 -2.71 -17.58
N ASN A 42 -4.89 -1.98 -16.52
CA ASN A 42 -4.59 -2.61 -15.24
C ASN A 42 -5.78 -3.41 -14.73
N ASN A 43 -5.50 -4.42 -13.93
CA ASN A 43 -6.57 -5.25 -13.39
C ASN A 43 -7.53 -4.44 -12.54
N ASP A 44 -8.68 -4.13 -13.12
CA ASP A 44 -9.71 -3.37 -12.43
C ASP A 44 -9.10 -2.18 -11.73
N TYR A 45 -8.68 -1.19 -12.51
CA TYR A 45 -8.06 0.01 -11.94
C TYR A 45 -8.65 0.31 -10.57
N HIS A 46 -7.79 0.48 -9.55
CA HIS A 46 -8.24 0.77 -8.20
C HIS A 46 -9.05 -0.39 -7.64
N LYS A 47 -8.59 -1.61 -7.90
CA LYS A 47 -9.29 -2.79 -7.41
C LYS A 47 -9.11 -2.92 -5.91
N VAL A 48 -7.88 -2.77 -5.47
CA VAL A 48 -7.58 -2.87 -4.05
C VAL A 48 -8.14 -1.67 -3.33
N TYR A 49 -8.06 -0.52 -3.98
CA TYR A 49 -8.55 0.69 -3.36
C TYR A 49 -10.04 0.60 -3.16
N ASP A 50 -10.74 0.09 -4.18
CA ASP A 50 -12.19 -0.03 -4.10
C ASP A 50 -12.58 -1.11 -3.10
N SER A 51 -11.79 -2.19 -3.08
CA SER A 51 -12.05 -3.29 -2.18
C SER A 51 -11.87 -2.84 -0.74
N LEU A 52 -10.83 -2.07 -0.49
CA LEU A 52 -10.56 -1.57 0.85
C LEU A 52 -11.61 -0.58 1.29
N LYS A 53 -12.02 0.28 0.37
CA LYS A 53 -13.04 1.30 0.66
C LYS A 53 -14.40 0.66 0.89
N ASN A 54 -14.59 -0.53 0.33
CA ASN A 54 -15.85 -1.24 0.49
C ASN A 54 -15.81 -2.15 1.72
N MET A 55 -14.71 -2.07 2.48
CA MET A 55 -14.56 -2.91 3.65
C MET A 55 -15.66 -2.62 4.65
N SER A 56 -16.27 -1.42 4.57
CA SER A 56 -17.36 -1.04 5.48
C SER A 56 -16.83 -0.70 6.86
N THR A 57 -16.21 -1.68 7.51
CA THR A 57 -15.66 -1.46 8.84
C THR A 57 -14.60 -0.35 8.84
N VAL A 58 -14.11 -0.02 7.65
CA VAL A 58 -13.10 1.03 7.53
C VAL A 58 -13.75 2.40 7.42
N LYS A 59 -13.05 3.41 7.91
CA LYS A 59 -13.57 4.78 7.86
C LYS A 59 -13.10 5.46 6.58
N SER A 60 -11.84 5.23 6.23
CA SER A 60 -11.27 5.82 5.01
C SER A 60 -10.07 5.02 4.55
N VAL A 61 -9.78 5.14 3.26
CA VAL A 61 -8.64 4.43 2.70
C VAL A 61 -7.82 5.35 1.77
N THR A 62 -6.51 5.39 1.99
CA THR A 62 -5.62 6.23 1.19
C THR A 62 -4.49 5.41 0.59
N PHE A 63 -4.26 5.58 -0.70
CA PHE A 63 -3.20 4.85 -1.37
C PHE A 63 -1.88 5.60 -1.26
N SER A 64 -0.93 4.98 -0.58
CA SER A 64 0.39 5.57 -0.40
C SER A 64 1.41 4.91 -1.30
N SER A 65 2.03 5.70 -2.18
CA SER A 65 3.03 5.18 -3.11
C SER A 65 4.23 4.63 -2.33
N LYS A 66 5.02 3.78 -2.98
CA LYS A 66 6.18 3.20 -2.34
C LYS A 66 7.18 4.29 -1.96
N GLU A 67 7.28 5.29 -2.81
CA GLU A 67 8.22 6.38 -2.56
C GLU A 67 7.73 7.21 -1.38
N GLU A 68 6.42 7.42 -1.35
CA GLU A 68 5.81 8.20 -0.27
C GLU A 68 5.86 7.42 1.04
N GLN A 69 5.65 6.12 0.94
CA GLN A 69 5.64 5.25 2.11
C GLN A 69 7.02 5.19 2.71
N TYR A 70 8.03 5.10 1.85
CA TYR A 70 9.40 5.04 2.31
C TYR A 70 9.79 6.31 3.04
N GLU A 71 9.39 7.43 2.47
CA GLU A 71 9.70 8.72 3.06
C GLU A 71 8.98 8.91 4.38
N LYS A 72 7.74 8.45 4.41
CA LYS A 72 6.93 8.57 5.62
C LYS A 72 7.49 7.69 6.74
N LEU A 73 7.94 6.50 6.37
CA LEU A 73 8.50 5.57 7.34
C LEU A 73 9.79 6.11 7.93
N THR A 74 10.59 6.75 7.10
CA THR A 74 11.86 7.31 7.54
C THR A 74 11.63 8.48 8.48
N GLU A 75 10.57 9.22 8.23
CA GLU A 75 10.24 10.38 9.06
C GLU A 75 9.80 9.94 10.45
N ILE A 76 9.06 8.85 10.50
CA ILE A 76 8.57 8.33 11.78
C ILE A 76 9.65 7.53 12.51
N MET A 77 10.49 6.85 11.76
CA MET A 77 11.56 6.06 12.35
C MET A 77 12.87 6.84 12.36
N GLY A 78 12.79 8.13 12.03
CA GLY A 78 13.97 8.97 12.01
C GLY A 78 15.00 8.47 11.00
N ASP A 79 16.27 8.69 11.31
CA ASP A 79 17.34 8.25 10.43
C ASP A 79 17.54 6.75 10.54
N ASN A 80 17.99 6.14 9.44
CA ASN A 80 18.23 4.69 9.41
C ASN A 80 16.92 3.94 9.33
N TRP A 81 16.88 2.72 9.88
CA TRP A 81 15.69 1.88 9.86
C TRP A 81 15.49 1.28 8.47
N LYS A 82 15.93 1.98 7.43
CA LYS A 82 15.79 1.47 6.08
C LYS A 82 17.00 1.89 5.24
N ILE A 83 16.95 3.13 4.72
CA ILE A 83 18.05 3.64 3.91
C ILE A 83 18.26 2.75 2.69
N PHE A 84 17.86 3.24 1.53
CA PHE A 84 18.02 2.46 0.30
C PHE A 84 17.46 3.23 -0.89
N GLU A 85 18.34 3.90 -1.61
CA GLU A 85 17.91 4.67 -2.78
C GLU A 85 19.01 4.72 -3.83
N GLY A 86 19.79 3.64 -3.92
CA GLY A 86 20.88 3.58 -4.88
C GLY A 86 20.47 2.79 -6.13
N ASP A 87 19.42 1.99 -6.00
CA ASP A 87 18.93 1.19 -7.12
C ASP A 87 17.43 1.36 -7.31
N ALA A 88 16.66 0.92 -6.31
CA ALA A 88 15.22 1.02 -6.37
C ALA A 88 14.62 1.14 -4.97
N ASN A 89 13.35 1.53 -4.91
CA ASN A 89 12.68 1.70 -3.63
C ASN A 89 12.69 0.38 -2.85
N PRO A 90 13.06 0.39 -1.59
CA PRO A 90 13.11 -0.84 -0.73
C PRO A 90 11.72 -1.39 -0.44
N LEU A 91 10.72 -0.51 -0.47
CA LEU A 91 9.35 -0.91 -0.18
C LEU A 91 8.49 -0.81 -1.44
N TYR A 92 7.19 -1.09 -1.29
CA TYR A 92 6.28 -1.04 -2.42
C TYR A 92 5.05 -0.20 -2.07
N ASP A 93 3.99 -0.37 -2.86
CA ASP A 93 2.75 0.37 -2.63
C ASP A 93 2.17 0.05 -1.25
N ALA A 94 1.41 0.98 -0.71
CA ALA A 94 0.80 0.80 0.60
C ALA A 94 -0.60 1.39 0.64
N TYR A 95 -1.44 0.82 1.48
CA TYR A 95 -2.83 1.30 1.61
C TYR A 95 -3.11 1.68 3.07
N ILE A 96 -3.29 2.97 3.31
CA ILE A 96 -3.56 3.45 4.66
C ILE A 96 -5.06 3.38 4.94
N VAL A 97 -5.45 2.48 5.83
CA VAL A 97 -6.85 2.29 6.19
C VAL A 97 -7.09 2.67 7.66
N GLU A 98 -8.18 3.36 7.89
CA GLU A 98 -8.53 3.77 9.25
C GLU A 98 -9.65 2.90 9.79
N ALA A 99 -9.32 2.02 10.74
CA ALA A 99 -10.31 1.14 11.33
C ALA A 99 -11.35 1.93 12.14
N ASN A 100 -12.59 1.46 12.12
CA ASN A 100 -13.65 2.14 12.86
C ASN A 100 -13.29 2.24 14.33
N ALA A 101 -12.67 1.19 14.86
CA ALA A 101 -12.27 1.19 16.26
C ALA A 101 -10.87 0.59 16.42
N PRO A 102 -10.23 0.86 17.52
CA PRO A 102 -8.87 0.33 17.82
C PRO A 102 -8.83 -1.19 17.83
N ASN A 103 -9.99 -1.81 17.99
CA ASN A 103 -10.07 -3.26 18.00
C ASN A 103 -10.43 -3.78 16.61
N ASP A 104 -10.70 -2.88 15.67
CA ASP A 104 -11.05 -3.27 14.30
C ASP A 104 -9.83 -3.19 13.39
N VAL A 105 -8.84 -2.40 13.81
CA VAL A 105 -7.61 -2.26 13.01
C VAL A 105 -6.97 -3.60 12.81
N LYS A 106 -7.07 -4.46 13.82
CA LYS A 106 -6.48 -5.79 13.74
C LYS A 106 -7.28 -6.67 12.78
N THR A 107 -8.59 -6.46 12.77
CA THR A 107 -9.48 -7.23 11.90
C THR A 107 -9.31 -6.77 10.46
N ILE A 108 -9.15 -5.48 10.28
CA ILE A 108 -8.98 -4.92 8.95
C ILE A 108 -7.64 -5.32 8.36
N ALA A 109 -6.62 -5.31 9.19
CA ALA A 109 -5.29 -5.69 8.74
C ALA A 109 -5.25 -7.14 8.31
N GLU A 110 -5.93 -7.97 9.07
CA GLU A 110 -5.96 -9.40 8.75
C GLU A 110 -6.90 -9.69 7.59
N ASP A 111 -7.87 -8.81 7.39
CA ASP A 111 -8.83 -8.98 6.32
C ASP A 111 -8.29 -8.41 5.02
N ALA A 112 -7.53 -7.33 5.13
CA ALA A 112 -6.94 -6.68 3.98
C ALA A 112 -5.86 -7.56 3.35
N LYS A 113 -5.19 -8.36 4.19
CA LYS A 113 -4.13 -9.22 3.70
C LYS A 113 -4.69 -10.33 2.80
N LYS A 114 -6.01 -10.48 2.81
CA LYS A 114 -6.66 -11.50 2.00
C LYS A 114 -7.36 -10.86 0.79
N ILE A 115 -7.13 -9.58 0.56
CA ILE A 115 -7.77 -8.89 -0.55
C ILE A 115 -7.52 -9.64 -1.86
N GLU A 116 -6.33 -9.46 -2.42
CA GLU A 116 -5.99 -10.10 -3.68
C GLU A 116 -4.51 -10.48 -3.72
N GLY A 117 -3.65 -9.51 -4.02
CA GLY A 117 -2.22 -9.77 -4.08
C GLY A 117 -1.46 -8.88 -3.11
N VAL A 118 -1.75 -9.05 -1.82
CA VAL A 118 -1.09 -8.26 -0.79
C VAL A 118 0.33 -8.78 -0.55
N SER A 119 1.18 -7.91 -0.04
CA SER A 119 2.56 -8.28 0.25
C SER A 119 2.80 -8.37 1.75
N GLU A 120 2.27 -7.39 2.49
CA GLU A 120 2.44 -7.38 3.95
C GLU A 120 1.48 -6.37 4.58
N VAL A 121 1.13 -6.60 5.84
CA VAL A 121 0.22 -5.70 6.53
C VAL A 121 0.78 -5.32 7.89
N GLN A 122 0.71 -4.03 8.22
CA GLN A 122 1.21 -3.54 9.50
C GLN A 122 0.25 -2.53 10.12
N ASP A 123 -0.04 -2.69 11.40
CA ASP A 123 -0.94 -1.78 12.09
C ASP A 123 -0.23 -0.47 12.43
N GLY A 124 -0.98 0.45 13.04
CA GLY A 124 -0.40 1.75 13.42
C GLY A 124 0.75 1.56 14.40
N ASN A 15 -3.26 2.21 18.96
CA ASN A 15 -3.35 1.46 17.71
C ASN A 15 -4.71 1.63 17.07
N VAL A 16 -4.72 1.81 15.75
CA VAL A 16 -5.98 1.99 15.01
C VAL A 16 -5.71 2.12 13.51
N ARG A 17 -4.50 2.52 13.15
CA ARG A 17 -4.13 2.68 11.76
C ARG A 17 -3.54 1.39 11.23
N VAL A 18 -3.98 1.00 10.03
CA VAL A 18 -3.50 -0.21 9.39
C VAL A 18 -2.95 0.10 8.01
N VAL A 19 -1.78 -0.44 7.70
CA VAL A 19 -1.15 -0.22 6.40
C VAL A 19 -1.05 -1.54 5.63
N VAL A 20 -1.64 -1.58 4.44
CA VAL A 20 -1.60 -2.77 3.61
C VAL A 20 -0.64 -2.57 2.44
N TYR A 21 0.50 -3.24 2.47
CA TYR A 21 1.48 -3.15 1.42
C TYR A 21 1.10 -4.05 0.26
N ILE A 22 1.41 -3.60 -0.94
CA ILE A 22 1.09 -4.35 -2.15
C ILE A 22 2.37 -4.85 -2.83
N ARG A 23 2.23 -5.90 -3.63
CA ARG A 23 3.38 -6.45 -4.35
C ARG A 23 4.14 -5.36 -5.07
N LYS A 24 5.28 -5.72 -5.65
CA LYS A 24 6.12 -4.75 -6.36
C LYS A 24 5.35 -4.09 -7.51
N ASP A 25 5.81 -4.29 -8.75
CA ASP A 25 5.15 -3.68 -9.88
C ASP A 25 3.99 -4.55 -10.35
N VAL A 26 3.08 -4.84 -9.42
CA VAL A 26 1.91 -5.65 -9.74
C VAL A 26 0.80 -4.78 -10.32
N GLU A 27 0.97 -3.46 -10.22
CA GLU A 27 -0.03 -2.52 -10.72
C GLU A 27 -1.29 -2.61 -9.86
N ASP A 28 -1.79 -1.45 -9.44
CA ASP A 28 -3.00 -1.40 -8.62
C ASP A 28 -3.79 -0.11 -8.91
N ASN A 29 -3.49 0.94 -8.15
CA ASN A 29 -4.18 2.22 -8.32
C ASN A 29 -3.44 3.08 -9.33
N SER A 30 -3.41 2.61 -10.57
CA SER A 30 -2.72 3.35 -11.63
C SER A 30 -3.64 3.54 -12.84
N GLN A 31 -3.19 3.12 -14.03
CA GLN A 31 -3.98 3.25 -15.23
C GLN A 31 -3.20 2.69 -16.43
N THR A 32 -1.90 2.95 -16.45
CA THR A 32 -1.05 2.47 -17.53
C THR A 32 0.30 2.01 -16.99
N ILE A 33 0.87 1.01 -17.64
CA ILE A 33 2.17 0.48 -17.24
C ILE A 33 3.12 0.40 -18.44
N GLU A 34 4.40 0.57 -18.18
CA GLU A 34 5.40 0.51 -19.24
C GLU A 34 6.05 -0.87 -19.28
N LYS A 35 5.96 -1.52 -20.43
CA LYS A 35 6.54 -2.85 -20.60
C LYS A 35 7.09 -3.02 -22.01
N GLU A 36 8.29 -3.58 -22.11
CA GLU A 36 8.92 -3.80 -23.40
C GLU A 36 9.00 -2.50 -24.19
N GLY A 37 9.14 -1.38 -23.47
CA GLY A 37 9.23 -0.07 -24.11
C GLY A 37 7.89 0.32 -24.73
N GLN A 38 6.81 -0.28 -24.23
CA GLN A 38 5.48 0.01 -24.74
C GLN A 38 4.52 0.29 -23.58
N THR A 39 3.69 1.32 -23.74
CA THR A 39 2.73 1.69 -22.71
C THR A 39 1.39 1.00 -22.96
N VAL A 40 0.94 0.23 -21.97
CA VAL A 40 -0.33 -0.48 -22.09
C VAL A 40 -1.20 -0.19 -20.87
N THR A 41 -2.50 -0.34 -21.05
CA THR A 41 -3.44 -0.09 -19.97
C THR A 41 -3.38 -1.20 -18.93
N ASN A 42 -3.72 -0.86 -17.69
CA ASN A 42 -3.71 -1.84 -16.61
C ASN A 42 -4.98 -2.68 -16.61
N ASN A 43 -5.12 -3.56 -15.62
CA ASN A 43 -6.29 -4.41 -15.52
C ASN A 43 -6.89 -4.36 -14.12
N ASP A 44 -6.02 -4.22 -13.12
CA ASP A 44 -6.47 -4.16 -11.73
C ASP A 44 -6.56 -2.70 -11.28
N TYR A 45 -7.33 -1.90 -12.00
CA TYR A 45 -7.47 -0.50 -11.65
C TYR A 45 -7.94 -0.37 -10.23
N HIS A 46 -7.16 0.35 -9.41
CA HIS A 46 -7.47 0.59 -7.99
C HIS A 46 -8.32 -0.56 -7.41
N LYS A 47 -7.97 -1.78 -7.76
CA LYS A 47 -8.73 -2.93 -7.32
C LYS A 47 -8.63 -3.09 -5.81
N VAL A 48 -7.43 -2.87 -5.32
CA VAL A 48 -7.17 -2.99 -3.88
C VAL A 48 -7.87 -1.86 -3.13
N TYR A 49 -7.85 -0.68 -3.73
CA TYR A 49 -8.47 0.49 -3.12
C TYR A 49 -9.95 0.26 -2.93
N ASP A 50 -10.57 -0.34 -3.93
CA ASP A 50 -12.01 -0.60 -3.88
C ASP A 50 -12.31 -1.69 -2.86
N SER A 51 -11.42 -2.68 -2.80
CA SER A 51 -11.60 -3.78 -1.86
C SER A 51 -11.46 -3.29 -0.42
N LEU A 52 -10.49 -2.42 -0.21
CA LEU A 52 -10.26 -1.87 1.13
C LEU A 52 -11.35 -0.89 1.51
N LYS A 53 -11.78 -0.09 0.54
CA LYS A 53 -12.81 0.91 0.77
C LYS A 53 -14.16 0.24 1.06
N ASN A 54 -14.37 -0.92 0.48
CA ASN A 54 -15.62 -1.65 0.68
C ASN A 54 -15.56 -2.45 1.98
N MET A 55 -14.48 -2.29 2.74
CA MET A 55 -14.33 -3.02 3.99
C MET A 55 -15.49 -2.77 4.90
N SER A 56 -16.19 -1.63 4.72
CA SER A 56 -17.34 -1.28 5.55
C SER A 56 -16.88 -0.80 6.92
N THR A 57 -16.12 -1.63 7.61
CA THR A 57 -15.60 -1.27 8.92
C THR A 57 -14.53 -0.18 8.80
N VAL A 58 -14.09 0.08 7.58
CA VAL A 58 -13.06 1.09 7.35
C VAL A 58 -13.68 2.48 7.26
N LYS A 59 -13.02 3.44 7.88
CA LYS A 59 -13.50 4.83 7.86
C LYS A 59 -12.98 5.55 6.62
N SER A 60 -11.70 5.34 6.31
CA SER A 60 -11.08 5.98 5.16
C SER A 60 -9.88 5.18 4.69
N VAL A 61 -9.59 5.26 3.40
CA VAL A 61 -8.45 4.54 2.83
C VAL A 61 -7.58 5.48 1.98
N THR A 62 -6.28 5.48 2.25
CA THR A 62 -5.35 6.33 1.51
C THR A 62 -4.32 5.48 0.79
N PHE A 63 -4.14 5.75 -0.50
CA PHE A 63 -3.16 5.00 -1.28
C PHE A 63 -1.80 5.67 -1.24
N SER A 64 -0.84 4.99 -0.63
CA SER A 64 0.52 5.52 -0.53
C SER A 64 1.37 4.99 -1.68
N SER A 65 1.68 5.87 -2.63
CA SER A 65 2.48 5.47 -3.79
C SER A 65 3.84 4.91 -3.34
N LYS A 66 4.30 3.89 -4.05
CA LYS A 66 5.57 3.27 -3.73
C LYS A 66 6.69 4.30 -3.79
N GLU A 67 6.54 5.27 -4.67
CA GLU A 67 7.55 6.31 -4.83
C GLU A 67 7.64 7.12 -3.53
N GLU A 68 6.50 7.21 -2.84
CA GLU A 68 6.46 7.94 -1.57
C GLU A 68 7.21 7.16 -0.50
N GLN A 69 7.05 5.83 -0.55
CA GLN A 69 7.70 4.97 0.44
C GLN A 69 9.21 5.01 0.27
N TYR A 70 9.65 5.03 -0.98
CA TYR A 70 11.07 5.08 -1.29
C TYR A 70 11.68 6.39 -0.81
N GLU A 71 10.93 7.47 -0.98
CA GLU A 71 11.39 8.79 -0.57
C GLU A 71 11.58 8.82 0.95
N LYS A 72 10.69 8.15 1.65
CA LYS A 72 10.76 8.10 3.11
C LYS A 72 12.02 7.36 3.54
N LEU A 73 12.35 6.30 2.80
CA LEU A 73 13.53 5.51 3.12
C LEU A 73 14.80 6.33 2.95
N THR A 74 14.80 7.16 1.91
CA THR A 74 15.96 7.99 1.62
C THR A 74 16.11 9.09 2.69
N GLU A 75 14.99 9.51 3.23
CA GLU A 75 14.99 10.54 4.27
C GLU A 75 15.58 9.99 5.56
N ILE A 76 15.29 8.72 5.85
CA ILE A 76 15.77 8.09 7.06
C ILE A 76 17.16 7.47 6.87
N MET A 77 17.44 7.06 5.65
CA MET A 77 18.73 6.44 5.34
C MET A 77 19.55 7.33 4.40
N GLY A 78 19.25 8.62 4.40
CA GLY A 78 19.95 9.56 3.54
C GLY A 78 19.79 9.18 2.08
N ASP A 79 20.60 9.79 1.22
CA ASP A 79 20.55 9.51 -0.21
C ASP A 79 21.72 8.64 -0.63
N ASN A 80 22.32 7.96 0.34
CA ASN A 80 23.47 7.10 0.06
C ASN A 80 23.04 5.64 0.00
N TRP A 81 21.83 5.34 0.46
CA TRP A 81 21.33 3.98 0.46
C TRP A 81 20.56 3.70 -0.84
N LYS A 82 20.48 4.70 -1.72
CA LYS A 82 19.76 4.54 -2.97
C LYS A 82 20.38 3.43 -3.80
N ILE A 83 19.52 2.61 -4.40
CA ILE A 83 19.99 1.50 -5.22
C ILE A 83 18.99 1.21 -6.34
N PHE A 84 19.52 0.80 -7.49
CA PHE A 84 18.66 0.50 -8.64
C PHE A 84 17.84 1.72 -9.03
N GLU A 85 18.49 2.65 -9.73
CA GLU A 85 17.82 3.87 -10.17
C GLU A 85 17.07 3.61 -11.49
N GLY A 86 16.94 2.34 -11.87
CA GLY A 86 16.25 1.99 -13.10
C GLY A 86 14.74 1.91 -12.89
N ASP A 87 14.23 2.74 -11.99
CA ASP A 87 12.81 2.74 -11.69
C ASP A 87 12.38 1.42 -11.07
N ALA A 88 13.35 0.64 -10.57
CA ALA A 88 13.06 -0.63 -9.95
C ALA A 88 12.19 -0.44 -8.72
N ASN A 89 12.50 0.59 -7.93
CA ASN A 89 11.74 0.88 -6.72
C ASN A 89 11.54 -0.39 -5.90
N PRO A 90 12.52 -0.79 -5.13
CA PRO A 90 12.45 -2.02 -4.30
C PRO A 90 11.17 -2.07 -3.47
N LEU A 91 10.75 -0.92 -2.95
CA LEU A 91 9.54 -0.85 -2.14
C LEU A 91 8.31 -0.83 -3.03
N TYR A 92 7.14 -0.88 -2.41
CA TYR A 92 5.89 -0.88 -3.17
C TYR A 92 4.89 0.11 -2.56
N ASP A 93 3.66 0.07 -3.05
CA ASP A 93 2.62 0.97 -2.55
C ASP A 93 1.93 0.36 -1.33
N ALA A 94 1.45 1.20 -0.44
CA ALA A 94 0.79 0.74 0.77
C ALA A 94 -0.53 1.50 0.98
N TYR A 95 -1.54 0.79 1.43
CA TYR A 95 -2.85 1.40 1.67
C TYR A 95 -3.03 1.73 3.15
N ILE A 96 -3.15 3.01 3.45
CA ILE A 96 -3.32 3.45 4.83
C ILE A 96 -4.81 3.60 5.12
N VAL A 97 -5.34 2.72 5.96
CA VAL A 97 -6.76 2.76 6.30
C VAL A 97 -6.94 3.09 7.77
N GLU A 98 -8.07 3.73 8.08
CA GLU A 98 -8.37 4.10 9.46
C GLU A 98 -9.51 3.24 10.01
N ALA A 99 -9.16 2.31 10.90
CA ALA A 99 -10.16 1.43 11.49
C ALA A 99 -11.20 2.23 12.24
N ASN A 100 -12.47 1.84 12.09
CA ASN A 100 -13.55 2.54 12.77
C ASN A 100 -13.32 2.54 14.28
N ALA A 101 -12.84 1.43 14.80
CA ALA A 101 -12.59 1.31 16.24
C ALA A 101 -11.22 0.66 16.49
N PRO A 102 -10.71 0.83 17.69
CA PRO A 102 -9.40 0.25 18.09
C PRO A 102 -9.43 -1.28 18.05
N ASN A 103 -10.61 -1.85 17.98
CA ASN A 103 -10.75 -3.29 17.92
C ASN A 103 -10.97 -3.75 16.47
N ASP A 104 -11.11 -2.77 15.55
CA ASP A 104 -11.33 -3.08 14.14
C ASP A 104 -10.02 -3.14 13.39
N VAL A 105 -9.02 -2.44 13.90
CA VAL A 105 -7.69 -2.42 13.28
C VAL A 105 -7.24 -3.84 13.01
N LYS A 106 -7.61 -4.73 13.90
CA LYS A 106 -7.23 -6.15 13.75
C LYS A 106 -8.08 -6.82 12.68
N THR A 107 -9.33 -6.37 12.58
CA THR A 107 -10.26 -6.92 11.59
C THR A 107 -9.88 -6.46 10.19
N ILE A 108 -9.48 -5.21 10.09
CA ILE A 108 -9.11 -4.64 8.79
C ILE A 108 -7.81 -5.26 8.30
N ALA A 109 -6.87 -5.44 9.22
CA ALA A 109 -5.59 -6.03 8.86
C ALA A 109 -5.75 -7.47 8.44
N GLU A 110 -6.58 -8.20 9.17
CA GLU A 110 -6.80 -9.61 8.85
C GLU A 110 -7.66 -9.76 7.61
N ASP A 111 -8.58 -8.81 7.41
CA ASP A 111 -9.45 -8.83 6.26
C ASP A 111 -8.67 -8.46 4.99
N ALA A 112 -7.72 -7.54 5.15
CA ALA A 112 -6.91 -7.10 4.03
C ALA A 112 -6.06 -8.24 3.49
N LYS A 113 -5.68 -9.14 4.39
CA LYS A 113 -4.86 -10.28 4.00
C LYS A 113 -5.60 -11.16 2.99
N LYS A 114 -6.92 -11.02 2.95
CA LYS A 114 -7.73 -11.80 2.01
C LYS A 114 -7.77 -11.12 0.64
N ILE A 115 -7.16 -9.94 0.53
CA ILE A 115 -7.13 -9.22 -0.72
C ILE A 115 -5.90 -9.61 -1.54
N GLU A 116 -6.14 -10.13 -2.74
CA GLU A 116 -5.06 -10.54 -3.62
C GLU A 116 -4.14 -9.36 -3.91
N GLY A 117 -2.86 -9.64 -4.10
CA GLY A 117 -1.88 -8.59 -4.39
C GLY A 117 -1.26 -8.08 -3.10
N VAL A 118 -1.81 -8.48 -1.95
CA VAL A 118 -1.27 -8.04 -0.68
C VAL A 118 0.13 -8.61 -0.45
N SER A 119 1.07 -7.75 -0.10
CA SER A 119 2.44 -8.17 0.15
C SER A 119 2.70 -8.29 1.64
N GLU A 120 2.21 -7.32 2.40
CA GLU A 120 2.41 -7.34 3.85
C GLU A 120 1.51 -6.31 4.53
N VAL A 121 1.04 -6.61 5.73
CA VAL A 121 0.17 -5.69 6.45
C VAL A 121 0.71 -5.44 7.86
N GLN A 122 0.75 -4.18 8.25
CA GLN A 122 1.23 -3.82 9.59
C GLN A 122 0.37 -2.73 10.20
N ASP A 123 0.04 -2.88 11.48
CA ASP A 123 -0.78 -1.88 12.17
C ASP A 123 0.09 -0.79 12.78
N GLY A 124 -0.55 0.17 13.44
CA GLY A 124 0.18 1.26 14.07
C GLY A 124 -0.79 2.31 14.62
N ASN A 15 -2.27 4.31 16.37
CA ASN A 15 -3.43 3.46 16.65
C ASN A 15 -4.55 3.78 15.69
N VAL A 16 -5.40 2.79 15.41
CA VAL A 16 -6.52 2.98 14.49
C VAL A 16 -6.03 3.05 13.04
N ARG A 17 -4.70 3.13 12.86
CA ARG A 17 -4.13 3.23 11.53
C ARG A 17 -3.48 1.91 11.13
N VAL A 18 -3.83 1.44 9.94
CA VAL A 18 -3.28 0.20 9.42
C VAL A 18 -2.72 0.42 8.03
N VAL A 19 -1.57 -0.18 7.74
CA VAL A 19 -0.95 -0.01 6.43
C VAL A 19 -0.86 -1.35 5.71
N VAL A 20 -1.44 -1.42 4.52
CA VAL A 20 -1.41 -2.65 3.73
C VAL A 20 -0.39 -2.52 2.60
N TYR A 21 0.66 -3.35 2.66
CA TYR A 21 1.70 -3.31 1.64
C TYR A 21 1.24 -4.06 0.39
N ILE A 22 1.44 -3.42 -0.75
CA ILE A 22 1.04 -4.02 -2.02
C ILE A 22 2.27 -4.41 -2.85
N ARG A 23 2.22 -5.60 -3.42
CA ARG A 23 3.33 -6.08 -4.24
C ARG A 23 3.60 -5.15 -5.41
N LYS A 24 4.71 -5.38 -6.09
CA LYS A 24 5.09 -4.53 -7.22
C LYS A 24 4.40 -5.03 -8.48
N ASP A 25 4.26 -4.15 -9.47
CA ASP A 25 3.60 -4.49 -10.73
C ASP A 25 2.10 -4.64 -10.54
N VAL A 26 1.63 -4.57 -9.29
CA VAL A 26 0.22 -4.69 -9.00
C VAL A 26 -0.55 -3.52 -9.57
N GLU A 27 -0.03 -2.31 -9.37
CA GLU A 27 -0.67 -1.11 -9.87
C GLU A 27 -2.15 -1.11 -9.50
N ASP A 28 -2.45 -1.49 -8.26
CA ASP A 28 -3.83 -1.52 -7.80
C ASP A 28 -4.49 -0.17 -7.95
N ASN A 29 -3.79 0.88 -7.57
CA ASN A 29 -4.32 2.24 -7.69
C ASN A 29 -3.42 3.09 -8.58
N SER A 30 -2.47 2.46 -9.25
CA SER A 30 -1.56 3.19 -10.13
C SER A 30 -2.02 3.06 -11.57
N GLN A 31 -2.63 4.12 -12.07
CA GLN A 31 -3.12 4.12 -13.44
C GLN A 31 -2.01 3.73 -14.40
N THR A 32 -2.36 2.95 -15.43
CA THR A 32 -1.39 2.51 -16.42
C THR A 32 -0.27 1.70 -15.74
N ILE A 33 0.46 0.94 -16.55
CA ILE A 33 1.55 0.13 -16.01
C ILE A 33 2.84 0.44 -16.76
N GLU A 34 3.92 0.59 -16.02
CA GLU A 34 5.22 0.90 -16.61
C GLU A 34 6.10 -0.35 -16.62
N LYS A 35 6.51 -0.76 -17.81
CA LYS A 35 7.36 -1.93 -17.97
C LYS A 35 8.53 -1.63 -18.89
N GLU A 36 9.74 -1.96 -18.42
CA GLU A 36 10.95 -1.72 -19.21
C GLU A 36 11.05 -0.24 -19.60
N GLY A 37 10.45 0.13 -20.72
CA GLY A 37 10.49 1.50 -21.19
C GLY A 37 9.20 1.85 -21.94
N GLN A 38 8.12 1.15 -21.62
CA GLN A 38 6.83 1.39 -22.27
C GLN A 38 5.71 1.44 -21.23
N THR A 39 4.68 2.24 -21.51
CA THR A 39 3.56 2.38 -20.60
C THR A 39 2.29 1.84 -21.26
N VAL A 40 1.54 1.04 -20.50
CA VAL A 40 0.30 0.45 -21.00
C VAL A 40 -0.85 0.78 -20.06
N THR A 41 -2.04 0.53 -20.53
CA THR A 41 -3.25 0.80 -19.75
C THR A 41 -3.43 -0.22 -18.63
N ASN A 42 -3.69 0.27 -17.42
CA ASN A 42 -3.88 -0.62 -16.27
C ASN A 42 -5.36 -0.98 -16.13
N ASN A 43 -5.73 -2.18 -16.57
CA ASN A 43 -7.11 -2.62 -16.47
C ASN A 43 -7.46 -3.00 -15.04
N ASP A 44 -6.47 -2.97 -14.15
CA ASP A 44 -6.68 -3.31 -12.76
C ASP A 44 -6.73 -2.04 -11.91
N TYR A 45 -6.83 -0.87 -12.56
CA TYR A 45 -6.88 0.38 -11.84
C TYR A 45 -8.04 0.40 -10.86
N HIS A 46 -7.77 0.84 -9.64
CA HIS A 46 -8.79 0.89 -8.60
C HIS A 46 -9.33 -0.50 -8.29
N LYS A 47 -8.47 -1.36 -7.78
CA LYS A 47 -8.87 -2.71 -7.43
C LYS A 47 -8.79 -2.92 -5.92
N VAL A 48 -7.61 -2.72 -5.37
CA VAL A 48 -7.39 -2.88 -3.94
C VAL A 48 -8.16 -1.81 -3.18
N TYR A 49 -8.22 -0.62 -3.78
CA TYR A 49 -8.91 0.50 -3.15
C TYR A 49 -10.39 0.20 -3.03
N ASP A 50 -10.95 -0.42 -4.07
CA ASP A 50 -12.36 -0.76 -4.06
C ASP A 50 -12.66 -1.84 -3.04
N SER A 51 -11.76 -2.81 -2.94
CA SER A 51 -11.93 -3.91 -2.01
C SER A 51 -11.82 -3.40 -0.58
N LEU A 52 -10.89 -2.49 -0.35
CA LEU A 52 -10.69 -1.91 0.98
C LEU A 52 -11.84 -0.98 1.35
N LYS A 53 -12.33 -0.25 0.36
CA LYS A 53 -13.44 0.68 0.58
C LYS A 53 -14.72 -0.06 0.94
N ASN A 54 -14.85 -1.27 0.42
CA ASN A 54 -16.03 -2.09 0.69
C ASN A 54 -15.85 -2.90 1.97
N MET A 55 -14.74 -2.69 2.66
CA MET A 55 -14.46 -3.41 3.88
C MET A 55 -15.59 -3.22 4.88
N SER A 56 -16.33 -2.12 4.75
CA SER A 56 -17.45 -1.82 5.65
C SER A 56 -16.93 -1.25 6.96
N THR A 57 -15.91 -1.89 7.53
CA THR A 57 -15.32 -1.44 8.78
C THR A 57 -14.20 -0.43 8.50
N VAL A 58 -14.21 0.14 7.30
CA VAL A 58 -13.19 1.10 6.93
C VAL A 58 -13.74 2.53 6.97
N LYS A 59 -12.91 3.46 7.43
CA LYS A 59 -13.31 4.86 7.50
C LYS A 59 -12.71 5.63 6.34
N SER A 60 -11.46 5.33 6.01
CA SER A 60 -10.78 6.01 4.91
C SER A 60 -9.59 5.20 4.43
N VAL A 61 -9.28 5.29 3.15
CA VAL A 61 -8.16 4.56 2.58
C VAL A 61 -7.22 5.51 1.83
N THR A 62 -5.94 5.47 2.18
CA THR A 62 -4.95 6.32 1.53
C THR A 62 -3.91 5.49 0.81
N PHE A 63 -3.72 5.76 -0.47
CA PHE A 63 -2.75 5.02 -1.27
C PHE A 63 -1.41 5.77 -1.22
N SER A 64 -0.37 5.12 -0.70
CA SER A 64 0.93 5.79 -0.63
C SER A 64 1.93 5.15 -1.59
N SER A 65 1.95 5.62 -2.82
CA SER A 65 2.87 5.07 -3.82
C SER A 65 4.23 4.77 -3.19
N LYS A 66 4.81 3.65 -3.59
CA LYS A 66 6.10 3.23 -3.04
C LYS A 66 7.09 4.37 -3.15
N GLU A 67 6.98 5.13 -4.23
CA GLU A 67 7.87 6.27 -4.43
C GLU A 67 7.57 7.36 -3.41
N GLU A 68 6.29 7.56 -3.12
CA GLU A 68 5.87 8.58 -2.15
C GLU A 68 6.20 8.14 -0.73
N GLN A 69 6.08 6.85 -0.48
CA GLN A 69 6.37 6.30 0.83
C GLN A 69 7.87 6.25 1.07
N TYR A 70 8.62 6.01 -0.01
CA TYR A 70 10.07 5.94 0.10
C TYR A 70 10.65 7.30 0.46
N GLU A 71 10.12 8.35 -0.17
CA GLU A 71 10.60 9.70 0.10
C GLU A 71 10.22 10.13 1.50
N LYS A 72 9.04 9.70 1.94
CA LYS A 72 8.56 10.03 3.27
C LYS A 72 9.39 9.33 4.33
N LEU A 73 9.77 8.09 4.05
CA LEU A 73 10.55 7.31 4.98
C LEU A 73 11.94 7.89 5.14
N THR A 74 12.49 8.41 4.04
CA THR A 74 13.82 9.00 4.06
C THR A 74 13.82 10.30 4.85
N GLU A 75 12.71 11.01 4.80
CA GLU A 75 12.59 12.27 5.53
C GLU A 75 12.55 12.02 7.04
N ILE A 76 11.87 10.95 7.43
CA ILE A 76 11.73 10.60 8.84
C ILE A 76 12.95 9.87 9.36
N MET A 77 13.60 9.12 8.49
CA MET A 77 14.79 8.37 8.87
C MET A 77 16.05 9.07 8.37
N GLY A 78 15.89 10.27 7.82
CA GLY A 78 17.01 11.02 7.30
C GLY A 78 17.54 10.39 6.00
N ASP A 79 18.65 10.92 5.50
CA ASP A 79 19.25 10.41 4.28
C ASP A 79 20.35 9.40 4.60
N ASN A 80 20.20 8.73 5.73
CA ASN A 80 21.19 7.75 6.16
C ASN A 80 20.54 6.39 6.43
N TRP A 81 19.63 6.00 5.56
CA TRP A 81 18.95 4.72 5.72
C TRP A 81 18.75 4.04 4.36
N LYS A 82 18.68 4.84 3.31
CA LYS A 82 18.49 4.31 1.97
C LYS A 82 19.60 3.35 1.60
N ILE A 83 19.23 2.25 0.96
CA ILE A 83 20.22 1.26 0.56
C ILE A 83 19.89 0.70 -0.81
N PHE A 84 18.62 0.79 -1.21
CA PHE A 84 18.16 0.29 -2.52
C PHE A 84 18.94 -0.95 -2.92
N GLU A 85 18.91 -1.97 -2.06
CA GLU A 85 19.63 -3.20 -2.32
C GLU A 85 18.67 -4.37 -2.50
N GLY A 86 18.84 -5.09 -3.60
CA GLY A 86 17.98 -6.23 -3.89
C GLY A 86 16.73 -5.79 -4.65
N ASP A 87 15.59 -5.81 -3.97
CA ASP A 87 14.33 -5.42 -4.59
C ASP A 87 14.40 -4.00 -5.10
N ALA A 88 15.25 -3.18 -4.45
CA ALA A 88 15.41 -1.77 -4.83
C ALA A 88 14.23 -0.94 -4.30
N ASN A 89 13.17 -1.62 -3.88
CA ASN A 89 12.00 -0.93 -3.36
C ASN A 89 11.54 -1.57 -2.05
N PRO A 90 12.29 -1.38 -1.00
CA PRO A 90 11.97 -1.96 0.33
C PRO A 90 10.55 -1.60 0.77
N LEU A 91 10.09 -0.43 0.34
CA LEU A 91 8.75 0.02 0.72
C LEU A 91 7.78 -0.20 -0.43
N TYR A 92 6.49 -0.35 -0.10
CA TYR A 92 5.48 -0.58 -1.11
C TYR A 92 4.47 0.56 -1.13
N ASP A 93 3.44 0.41 -1.94
CA ASP A 93 2.42 1.45 -2.05
C ASP A 93 1.78 1.74 -0.70
N ALA A 94 1.72 0.73 0.12
CA ALA A 94 1.15 0.86 1.46
C ALA A 94 -0.25 1.48 1.41
N TYR A 95 -1.22 0.80 1.99
CA TYR A 95 -2.58 1.32 2.00
C TYR A 95 -2.97 1.69 3.41
N ILE A 96 -2.97 2.98 3.70
CA ILE A 96 -3.33 3.45 5.04
C ILE A 96 -4.84 3.45 5.21
N VAL A 97 -5.34 2.52 6.00
CA VAL A 97 -6.76 2.40 6.24
C VAL A 97 -7.13 2.78 7.67
N GLU A 98 -8.18 3.57 7.81
CA GLU A 98 -8.63 3.98 9.13
C GLU A 98 -9.74 3.06 9.63
N ALA A 99 -9.41 2.20 10.58
CA ALA A 99 -10.39 1.28 11.14
C ALA A 99 -11.43 2.03 11.97
N ASN A 100 -12.66 1.52 11.96
CA ASN A 100 -13.74 2.16 12.71
C ASN A 100 -13.31 2.38 14.16
N ALA A 101 -12.54 1.43 14.69
CA ALA A 101 -12.08 1.54 16.07
C ALA A 101 -10.70 0.88 16.22
N PRO A 102 -10.02 1.17 17.30
CA PRO A 102 -8.67 0.59 17.59
C PRO A 102 -8.70 -0.94 17.62
N ASN A 103 -9.84 -1.49 18.00
CA ASN A 103 -9.99 -2.94 18.07
C ASN A 103 -10.34 -3.51 16.70
N ASP A 104 -10.53 -2.63 15.71
CA ASP A 104 -10.86 -3.06 14.37
C ASP A 104 -9.61 -3.08 13.49
N VAL A 105 -8.51 -2.52 14.00
CA VAL A 105 -7.27 -2.48 13.24
C VAL A 105 -6.78 -3.89 12.97
N LYS A 106 -7.13 -4.79 13.87
CA LYS A 106 -6.71 -6.19 13.72
C LYS A 106 -7.64 -6.90 12.74
N THR A 107 -8.90 -6.51 12.76
CA THR A 107 -9.89 -7.11 11.86
C THR A 107 -9.64 -6.63 10.43
N ILE A 108 -9.32 -5.36 10.29
CA ILE A 108 -9.07 -4.78 8.98
C ILE A 108 -7.81 -5.37 8.37
N ALA A 109 -6.81 -5.55 9.19
CA ALA A 109 -5.55 -6.11 8.72
C ALA A 109 -5.76 -7.54 8.24
N GLU A 110 -6.57 -8.28 8.99
CA GLU A 110 -6.84 -9.68 8.63
C GLU A 110 -7.65 -9.75 7.34
N ASP A 111 -8.60 -8.84 7.21
CA ASP A 111 -9.43 -8.79 6.01
C ASP A 111 -8.64 -8.31 4.81
N ALA A 112 -7.72 -7.37 5.07
CA ALA A 112 -6.90 -6.81 4.01
C ALA A 112 -6.02 -7.88 3.38
N LYS A 113 -5.55 -8.80 4.21
CA LYS A 113 -4.70 -9.89 3.73
C LYS A 113 -5.43 -10.75 2.71
N LYS A 114 -6.76 -10.65 2.70
CA LYS A 114 -7.56 -11.42 1.77
C LYS A 114 -7.87 -10.61 0.51
N ILE A 115 -7.23 -9.45 0.37
CA ILE A 115 -7.46 -8.60 -0.78
C ILE A 115 -6.44 -8.90 -1.87
N GLU A 116 -6.95 -9.31 -3.03
CA GLU A 116 -6.08 -9.64 -4.17
C GLU A 116 -4.89 -10.49 -3.71
N GLY A 117 -3.73 -9.84 -3.51
CA GLY A 117 -2.54 -10.54 -3.07
C GLY A 117 -1.56 -9.58 -2.44
N VAL A 118 -2.05 -8.76 -1.51
CA VAL A 118 -1.19 -7.77 -0.84
C VAL A 118 0.05 -8.46 -0.29
N SER A 119 1.18 -7.76 -0.34
CA SER A 119 2.43 -8.31 0.15
C SER A 119 2.35 -8.63 1.63
N GLU A 120 1.86 -7.67 2.41
CA GLU A 120 1.74 -7.86 3.85
C GLU A 120 1.02 -6.68 4.49
N VAL A 121 0.39 -6.92 5.64
CA VAL A 121 -0.32 -5.87 6.33
C VAL A 121 0.32 -5.59 7.68
N GLN A 122 0.56 -4.31 7.98
CA GLN A 122 1.17 -3.92 9.24
C GLN A 122 0.33 -2.85 9.94
N ASP A 123 0.00 -3.10 11.20
CA ASP A 123 -0.80 -2.16 11.97
C ASP A 123 0.06 -1.00 12.45
N GLY A 124 -0.57 -0.01 13.06
CA GLY A 124 0.15 1.15 13.57
C GLY A 124 0.53 0.96 15.03
N ASN A 15 -4.94 6.28 17.09
CA ASN A 15 -4.50 6.34 15.70
C ASN A 15 -5.40 5.48 14.82
N VAL A 16 -5.63 4.24 15.25
CA VAL A 16 -6.49 3.32 14.49
C VAL A 16 -6.12 3.34 13.00
N ARG A 17 -4.83 3.49 12.72
CA ARG A 17 -4.34 3.53 11.35
C ARG A 17 -3.75 2.18 10.95
N VAL A 18 -4.13 1.71 9.78
CA VAL A 18 -3.63 0.44 9.26
C VAL A 18 -2.99 0.64 7.90
N VAL A 19 -1.84 0.02 7.69
CA VAL A 19 -1.14 0.15 6.41
C VAL A 19 -1.06 -1.21 5.70
N VAL A 20 -1.57 -1.28 4.48
CA VAL A 20 -1.54 -2.53 3.72
C VAL A 20 -0.55 -2.40 2.55
N TYR A 21 0.50 -3.21 2.57
CA TYR A 21 1.50 -3.20 1.52
C TYR A 21 1.05 -4.06 0.36
N ILE A 22 1.30 -3.56 -0.83
CA ILE A 22 0.92 -4.25 -2.06
C ILE A 22 2.13 -4.95 -2.67
N ARG A 23 1.89 -6.07 -3.33
CA ARG A 23 2.97 -6.83 -3.96
C ARG A 23 3.89 -5.92 -4.75
N LYS A 24 5.12 -6.36 -4.93
CA LYS A 24 6.12 -5.59 -5.66
C LYS A 24 5.74 -5.44 -7.13
N ASP A 25 5.15 -6.48 -7.70
CA ASP A 25 4.75 -6.46 -9.11
C ASP A 25 3.27 -6.16 -9.26
N VAL A 26 2.90 -4.91 -8.97
CA VAL A 26 1.51 -4.49 -9.09
C VAL A 26 1.34 -3.05 -8.63
N GLU A 27 0.74 -2.22 -9.50
CA GLU A 27 0.51 -0.82 -9.17
C GLU A 27 -0.98 -0.50 -9.26
N ASP A 28 -1.68 -0.67 -8.14
CA ASP A 28 -3.11 -0.42 -8.11
C ASP A 28 -3.44 1.04 -8.42
N ASN A 29 -3.43 1.89 -7.40
CA ASN A 29 -3.75 3.30 -7.60
C ASN A 29 -2.47 4.11 -7.81
N SER A 30 -1.70 3.76 -8.82
CA SER A 30 -0.47 4.48 -9.10
C SER A 30 -0.62 5.32 -10.36
N GLN A 31 -1.47 4.84 -11.28
CA GLN A 31 -1.71 5.54 -12.54
C GLN A 31 -0.49 5.43 -13.45
N THR A 32 -0.53 4.45 -14.35
CA THR A 32 0.57 4.22 -15.28
C THR A 32 1.78 3.65 -14.56
N ILE A 33 2.52 2.78 -15.23
CA ILE A 33 3.71 2.17 -14.64
C ILE A 33 4.92 2.52 -15.48
N GLU A 34 6.07 2.56 -14.82
CA GLU A 34 7.32 2.89 -15.49
C GLU A 34 8.32 1.73 -15.38
N LYS A 35 9.00 1.46 -16.47
CA LYS A 35 9.99 0.38 -16.50
C LYS A 35 11.18 0.78 -17.37
N GLU A 36 12.39 0.50 -16.87
CA GLU A 36 13.61 0.83 -17.62
C GLU A 36 13.66 2.33 -17.92
N GLY A 37 13.05 2.74 -19.04
CA GLY A 37 13.02 4.14 -19.43
C GLY A 37 11.78 4.44 -20.26
N GLN A 38 10.69 3.72 -20.00
CA GLN A 38 9.45 3.90 -20.74
C GLN A 38 8.24 3.89 -19.80
N THR A 39 7.21 4.65 -20.15
CA THR A 39 6.01 4.72 -19.33
C THR A 39 4.83 4.08 -20.06
N VAL A 40 4.14 3.17 -19.38
CA VAL A 40 3.01 2.48 -19.98
C VAL A 40 1.78 2.60 -19.08
N THR A 41 0.65 2.90 -19.67
CA THR A 41 -0.60 3.02 -18.92
C THR A 41 -0.91 1.72 -18.17
N ASN A 42 -1.61 1.84 -17.04
CA ASN A 42 -1.96 0.67 -16.26
C ASN A 42 -3.39 0.22 -16.57
N ASN A 43 -3.78 -0.93 -16.03
CA ASN A 43 -5.12 -1.46 -16.25
C ASN A 43 -5.86 -1.67 -14.93
N ASP A 44 -5.10 -1.75 -13.84
CA ASP A 44 -5.69 -1.96 -12.51
C ASP A 44 -5.59 -0.68 -11.69
N TYR A 45 -6.08 0.42 -12.24
CA TYR A 45 -6.02 1.70 -11.55
C TYR A 45 -6.78 1.64 -10.23
N HIS A 46 -8.00 1.12 -10.27
CA HIS A 46 -8.83 1.00 -9.07
C HIS A 46 -9.33 -0.42 -8.88
N LYS A 47 -8.65 -1.16 -8.00
CA LYS A 47 -9.04 -2.54 -7.71
C LYS A 47 -8.89 -2.81 -6.22
N VAL A 48 -7.66 -2.76 -5.75
CA VAL A 48 -7.37 -2.99 -4.34
C VAL A 48 -8.02 -1.89 -3.51
N TYR A 49 -8.00 -0.68 -4.05
CA TYR A 49 -8.57 0.47 -3.38
C TYR A 49 -10.06 0.27 -3.17
N ASP A 50 -10.71 -0.28 -4.18
CA ASP A 50 -12.14 -0.51 -4.09
C ASP A 50 -12.44 -1.61 -3.09
N SER A 51 -11.61 -2.63 -3.07
CA SER A 51 -11.80 -3.75 -2.16
C SER A 51 -11.58 -3.29 -0.72
N LEU A 52 -10.55 -2.49 -0.53
CA LEU A 52 -10.23 -1.98 0.80
C LEU A 52 -11.24 -0.92 1.25
N LYS A 53 -11.62 -0.08 0.30
CA LYS A 53 -12.56 0.99 0.58
C LYS A 53 -13.95 0.46 0.89
N ASN A 54 -14.37 -0.56 0.15
CA ASN A 54 -15.68 -1.15 0.35
C ASN A 54 -15.60 -2.33 1.33
N MET A 55 -14.41 -2.52 1.91
CA MET A 55 -14.21 -3.61 2.85
C MET A 55 -15.11 -3.47 4.06
N SER A 56 -15.65 -2.24 4.25
CA SER A 56 -16.53 -1.95 5.38
C SER A 56 -15.71 -1.83 6.64
N THR A 57 -16.26 -1.14 7.64
CA THR A 57 -15.57 -0.93 8.91
C THR A 57 -14.39 0.03 8.74
N VAL A 58 -14.24 0.58 7.54
CA VAL A 58 -13.15 1.51 7.27
C VAL A 58 -13.70 2.91 7.02
N LYS A 59 -13.19 3.87 7.79
CA LYS A 59 -13.62 5.25 7.65
C LYS A 59 -13.18 5.83 6.30
N SER A 60 -11.93 5.56 5.94
CA SER A 60 -11.37 6.06 4.68
C SER A 60 -10.12 5.29 4.31
N VAL A 61 -9.74 5.40 3.05
CA VAL A 61 -8.54 4.72 2.57
C VAL A 61 -7.66 5.67 1.74
N THR A 62 -6.38 5.73 2.08
CA THR A 62 -5.46 6.61 1.36
C THR A 62 -4.34 5.77 0.74
N PHE A 63 -4.11 5.98 -0.55
CA PHE A 63 -3.08 5.24 -1.25
C PHE A 63 -1.73 5.94 -1.13
N SER A 64 -0.77 5.24 -0.55
CA SER A 64 0.58 5.78 -0.38
C SER A 64 1.55 5.16 -1.39
N SER A 65 2.09 5.99 -2.27
CA SER A 65 3.03 5.53 -3.28
C SER A 65 4.32 5.01 -2.64
N LYS A 66 4.91 4.00 -3.25
CA LYS A 66 6.15 3.42 -2.73
C LYS A 66 7.28 4.44 -2.78
N GLU A 67 7.26 5.27 -3.81
CA GLU A 67 8.30 6.28 -3.98
C GLU A 67 8.21 7.30 -2.87
N GLU A 68 6.98 7.65 -2.51
CA GLU A 68 6.76 8.63 -1.46
C GLU A 68 7.14 8.05 -0.10
N GLN A 69 6.84 6.76 0.07
CA GLN A 69 7.16 6.08 1.31
C GLN A 69 8.66 5.99 1.50
N TYR A 70 9.37 5.72 0.42
CA TYR A 70 10.83 5.62 0.46
C TYR A 70 11.45 6.98 0.72
N GLU A 71 10.87 8.01 0.12
CA GLU A 71 11.36 9.37 0.28
C GLU A 71 11.25 9.80 1.72
N LYS A 72 10.18 9.38 2.36
CA LYS A 72 9.97 9.73 3.75
C LYS A 72 10.95 9.01 4.65
N LEU A 73 11.22 7.75 4.33
CA LEU A 73 12.17 6.95 5.14
C LEU A 73 13.57 7.50 5.06
N THR A 74 13.96 7.93 3.88
CA THR A 74 15.31 8.47 3.69
C THR A 74 15.44 9.84 4.36
N GLU A 75 14.35 10.59 4.35
CA GLU A 75 14.33 11.91 4.95
C GLU A 75 14.43 11.83 6.46
N ILE A 76 13.76 10.84 7.03
CA ILE A 76 13.76 10.66 8.48
C ILE A 76 15.01 9.92 8.94
N MET A 77 15.51 9.02 8.10
CA MET A 77 16.70 8.26 8.44
C MET A 77 17.96 9.07 8.16
N GLY A 78 17.84 10.09 7.31
CA GLY A 78 18.98 10.93 6.98
C GLY A 78 19.69 10.40 5.74
N ASP A 79 19.46 11.05 4.61
CA ASP A 79 20.08 10.63 3.36
C ASP A 79 19.63 9.22 3.00
N ASN A 80 20.22 8.67 1.95
CA ASN A 80 19.89 7.31 1.49
C ASN A 80 20.40 6.29 2.50
N TRP A 81 19.66 6.14 3.61
CA TRP A 81 20.04 5.19 4.64
C TRP A 81 20.03 3.76 4.09
N LYS A 82 19.13 3.50 3.15
CA LYS A 82 19.01 2.18 2.56
C LYS A 82 19.66 2.14 1.19
N ILE A 83 20.23 0.99 0.83
CA ILE A 83 20.87 0.84 -0.46
C ILE A 83 19.97 0.09 -1.42
N PHE A 84 19.57 0.77 -2.50
CA PHE A 84 18.70 0.18 -3.50
C PHE A 84 18.69 1.02 -4.77
N GLU A 85 19.78 1.76 -5.00
CA GLU A 85 19.87 2.60 -6.18
C GLU A 85 19.62 1.78 -7.45
N GLY A 86 18.57 2.14 -8.18
CA GLY A 86 18.23 1.44 -9.41
C GLY A 86 16.75 1.56 -9.72
N ASP A 87 16.23 0.62 -10.50
CA ASP A 87 14.81 0.63 -10.85
C ASP A 87 13.99 -0.15 -9.82
N ALA A 88 14.66 -0.62 -8.76
CA ALA A 88 13.97 -1.38 -7.71
C ALA A 88 13.92 -0.56 -6.43
N ASN A 89 12.88 -0.78 -5.63
CA ASN A 89 12.72 -0.07 -4.39
C ASN A 89 12.65 -1.05 -3.21
N PRO A 90 13.05 -0.61 -2.04
CA PRO A 90 13.04 -1.46 -0.81
C PRO A 90 11.61 -1.77 -0.35
N LEU A 91 10.68 -0.88 -0.66
CA LEU A 91 9.29 -1.06 -0.27
C LEU A 91 8.37 -0.96 -1.49
N TYR A 92 7.07 -1.15 -1.26
CA TYR A 92 6.10 -1.09 -2.33
C TYR A 92 4.93 -0.17 -1.95
N ASP A 93 3.87 -0.20 -2.76
CA ASP A 93 2.71 0.62 -2.50
C ASP A 93 2.08 0.25 -1.16
N ALA A 94 1.50 1.23 -0.48
CA ALA A 94 0.87 1.01 0.82
C ALA A 94 -0.52 1.61 0.84
N TYR A 95 -1.42 0.95 1.55
CA TYR A 95 -2.79 1.44 1.66
C TYR A 95 -3.10 1.81 3.10
N ILE A 96 -3.33 3.08 3.35
CA ILE A 96 -3.63 3.55 4.69
C ILE A 96 -5.14 3.49 4.94
N VAL A 97 -5.56 2.53 5.73
CA VAL A 97 -6.97 2.34 6.06
C VAL A 97 -7.24 2.70 7.52
N GLU A 98 -8.34 3.41 7.75
CA GLU A 98 -8.71 3.78 9.11
C GLU A 98 -9.76 2.82 9.64
N ALA A 99 -9.34 1.95 10.55
CA ALA A 99 -10.26 0.97 11.13
C ALA A 99 -11.19 1.64 12.13
N ASN A 100 -12.39 1.08 12.27
CA ASN A 100 -13.36 1.62 13.20
C ASN A 100 -13.04 1.16 14.61
N ALA A 101 -12.24 1.95 15.32
CA ALA A 101 -11.85 1.67 16.70
C ALA A 101 -10.52 0.90 16.72
N PRO A 102 -9.72 1.07 17.75
CA PRO A 102 -8.42 0.37 17.88
C PRO A 102 -8.55 -1.15 17.89
N ASN A 103 -9.75 -1.63 18.20
CA ASN A 103 -10.00 -3.06 18.25
C ASN A 103 -10.37 -3.62 16.87
N ASP A 104 -10.52 -2.73 15.89
CA ASP A 104 -10.88 -3.14 14.54
C ASP A 104 -9.65 -3.14 13.64
N VAL A 105 -8.59 -2.46 14.07
CA VAL A 105 -7.37 -2.39 13.27
C VAL A 105 -6.85 -3.79 13.04
N LYS A 106 -7.04 -4.66 14.01
CA LYS A 106 -6.58 -6.03 13.88
C LYS A 106 -7.48 -6.80 12.91
N THR A 107 -8.76 -6.52 12.97
CA THR A 107 -9.72 -7.20 12.11
C THR A 107 -9.52 -6.78 10.67
N ILE A 108 -9.24 -5.50 10.48
CA ILE A 108 -9.04 -4.96 9.15
C ILE A 108 -7.79 -5.53 8.53
N ALA A 109 -6.75 -5.68 9.33
CA ALA A 109 -5.50 -6.21 8.84
C ALA A 109 -5.68 -7.65 8.40
N GLU A 110 -6.45 -8.40 9.18
CA GLU A 110 -6.67 -9.81 8.85
C GLU A 110 -7.50 -9.94 7.58
N ASP A 111 -8.47 -9.07 7.45
CA ASP A 111 -9.34 -9.07 6.27
C ASP A 111 -8.59 -8.55 5.05
N ALA A 112 -7.72 -7.58 5.28
CA ALA A 112 -6.94 -6.97 4.21
C ALA A 112 -6.02 -8.01 3.57
N LYS A 113 -5.52 -8.93 4.39
CA LYS A 113 -4.62 -9.97 3.90
C LYS A 113 -5.35 -10.90 2.94
N LYS A 114 -6.67 -10.82 2.93
CA LYS A 114 -7.48 -11.65 2.04
C LYS A 114 -7.97 -10.85 0.84
N ILE A 115 -7.44 -9.63 0.68
CA ILE A 115 -7.85 -8.78 -0.42
C ILE A 115 -7.57 -9.43 -1.76
N GLU A 116 -6.29 -9.56 -2.10
CA GLU A 116 -5.88 -10.17 -3.36
C GLU A 116 -4.39 -10.00 -3.59
N GLY A 117 -3.99 -8.81 -4.01
CA GLY A 117 -2.58 -8.52 -4.28
C GLY A 117 -1.89 -7.92 -3.07
N VAL A 118 -2.35 -8.32 -1.89
CA VAL A 118 -1.77 -7.80 -0.65
C VAL A 118 -0.52 -8.59 -0.30
N SER A 119 0.55 -7.88 0.03
CA SER A 119 1.81 -8.52 0.38
C SER A 119 1.95 -8.64 1.89
N GLU A 120 1.81 -7.51 2.59
CA GLU A 120 1.94 -7.50 4.04
C GLU A 120 1.13 -6.36 4.65
N VAL A 121 0.72 -6.53 5.89
CA VAL A 121 -0.06 -5.50 6.57
C VAL A 121 0.62 -5.06 7.87
N GLN A 122 0.68 -3.75 8.07
CA GLN A 122 1.30 -3.20 9.26
C GLN A 122 0.28 -2.41 10.08
N ASP A 123 0.00 -2.89 11.28
CA ASP A 123 -0.95 -2.21 12.16
C ASP A 123 -0.27 -1.07 12.92
N GLY A 124 -0.68 0.15 12.63
CA GLY A 124 -0.12 1.31 13.30
C GLY A 124 -0.92 1.69 14.53
N ASN A 15 -2.53 4.78 18.58
CA ASN A 15 -2.98 3.52 17.99
C ASN A 15 -3.84 3.80 16.75
N VAL A 16 -4.81 2.91 16.47
CA VAL A 16 -5.66 3.09 15.29
C VAL A 16 -4.80 3.18 14.04
N ARG A 17 -5.45 3.27 12.88
CA ARG A 17 -4.75 3.38 11.61
C ARG A 17 -4.07 2.05 11.24
N VAL A 18 -4.06 1.75 9.95
CA VAL A 18 -3.45 0.53 9.45
C VAL A 18 -2.87 0.76 8.05
N VAL A 19 -1.79 0.06 7.75
CA VAL A 19 -1.15 0.19 6.44
C VAL A 19 -1.09 -1.17 5.75
N VAL A 20 -1.60 -1.24 4.52
CA VAL A 20 -1.59 -2.49 3.77
C VAL A 20 -0.64 -2.37 2.58
N TYR A 21 0.42 -3.16 2.59
CA TYR A 21 1.40 -3.15 1.52
C TYR A 21 0.94 -4.07 0.41
N ILE A 22 1.18 -3.63 -0.81
CA ILE A 22 0.80 -4.38 -2.01
C ILE A 22 2.03 -4.81 -2.80
N ARG A 23 1.97 -5.98 -3.41
CA ARG A 23 3.09 -6.49 -4.21
C ARG A 23 3.60 -5.38 -5.10
N LYS A 24 4.95 -5.29 -5.20
CA LYS A 24 5.64 -4.27 -6.02
C LYS A 24 4.65 -3.41 -6.80
N ASP A 25 4.32 -3.83 -8.02
CA ASP A 25 3.36 -3.12 -8.84
C ASP A 25 2.48 -4.13 -9.56
N VAL A 26 1.93 -5.08 -8.80
CA VAL A 26 1.09 -6.11 -9.39
C VAL A 26 0.03 -5.49 -10.30
N GLU A 27 -0.71 -4.51 -9.77
CA GLU A 27 -1.74 -3.82 -10.55
C GLU A 27 -2.50 -2.85 -9.65
N ASP A 28 -1.86 -2.40 -8.58
CA ASP A 28 -2.49 -1.51 -7.63
C ASP A 28 -2.87 -0.17 -8.29
N ASN A 29 -2.88 0.90 -7.50
CA ASN A 29 -3.23 2.21 -8.01
C ASN A 29 -2.05 2.81 -8.77
N SER A 30 -1.64 2.11 -9.81
CA SER A 30 -0.53 2.57 -10.65
C SER A 30 -0.94 2.53 -12.11
N GLN A 31 -1.45 3.66 -12.61
CA GLN A 31 -1.89 3.72 -14.00
C GLN A 31 -0.74 3.34 -14.92
N THR A 32 -0.94 2.29 -15.71
CA THR A 32 0.10 1.82 -16.64
C THR A 32 1.36 1.40 -15.89
N ILE A 33 1.76 0.16 -16.09
CA ILE A 33 2.95 -0.37 -15.44
C ILE A 33 3.93 -0.89 -16.47
N GLU A 34 5.19 -0.93 -16.09
CA GLU A 34 6.23 -1.40 -17.00
C GLU A 34 6.37 -2.91 -16.89
N LYS A 35 5.99 -3.60 -17.94
CA LYS A 35 6.04 -5.06 -17.98
C LYS A 35 6.41 -5.54 -19.37
N GLU A 36 7.11 -6.69 -19.42
CA GLU A 36 7.55 -7.29 -20.69
C GLU A 36 6.64 -6.88 -21.84
N GLY A 37 7.10 -5.94 -22.64
CA GLY A 37 6.31 -5.45 -23.76
C GLY A 37 6.07 -3.95 -23.65
N GLN A 38 6.95 -3.27 -22.89
CA GLN A 38 6.86 -1.82 -22.68
C GLN A 38 5.79 -1.50 -21.66
N THR A 39 5.31 -0.26 -21.68
CA THR A 39 4.28 0.17 -20.75
C THR A 39 2.96 -0.50 -21.10
N VAL A 40 2.43 -1.25 -20.15
CA VAL A 40 1.18 -1.95 -20.35
C VAL A 40 0.15 -1.48 -19.35
N THR A 41 -1.05 -1.18 -19.84
CA THR A 41 -2.12 -0.70 -18.97
C THR A 41 -2.56 -1.81 -18.02
N ASN A 42 -3.04 -1.40 -16.84
CA ASN A 42 -3.50 -2.34 -15.83
C ASN A 42 -5.00 -2.60 -15.98
N ASN A 43 -5.49 -3.55 -15.18
CA ASN A 43 -6.91 -3.89 -15.21
C ASN A 43 -7.54 -3.76 -13.81
N ASP A 44 -6.71 -3.45 -12.81
CA ASP A 44 -7.20 -3.29 -11.44
C ASP A 44 -6.70 -1.96 -10.88
N TYR A 45 -7.00 -0.88 -11.59
CA TYR A 45 -6.54 0.44 -11.16
C TYR A 45 -7.06 0.76 -9.75
N HIS A 46 -8.36 0.57 -9.54
CA HIS A 46 -8.96 0.84 -8.23
C HIS A 46 -9.65 -0.41 -7.68
N LYS A 47 -9.17 -1.58 -8.10
CA LYS A 47 -9.77 -2.83 -7.65
C LYS A 47 -9.47 -3.06 -6.18
N VAL A 48 -8.22 -2.86 -5.81
CA VAL A 48 -7.81 -3.06 -4.43
C VAL A 48 -8.41 -1.97 -3.55
N TYR A 49 -8.44 -0.76 -4.09
CA TYR A 49 -8.99 0.38 -3.36
C TYR A 49 -10.46 0.16 -3.09
N ASP A 50 -11.17 -0.32 -4.10
CA ASP A 50 -12.59 -0.56 -3.95
C ASP A 50 -12.85 -1.63 -2.91
N SER A 51 -12.03 -2.67 -2.93
CA SER A 51 -12.20 -3.74 -1.98
C SER A 51 -11.87 -3.26 -0.58
N LEU A 52 -10.82 -2.47 -0.47
CA LEU A 52 -10.40 -1.93 0.83
C LEU A 52 -11.39 -0.89 1.31
N LYS A 53 -12.08 -0.26 0.38
CA LYS A 53 -13.05 0.78 0.73
C LYS A 53 -14.40 0.16 1.07
N ASN A 54 -14.69 -0.98 0.47
CA ASN A 54 -15.96 -1.68 0.72
C ASN A 54 -15.77 -2.87 1.65
N MET A 55 -14.55 -3.07 2.15
CA MET A 55 -14.27 -4.19 3.04
C MET A 55 -15.10 -4.10 4.30
N SER A 56 -15.66 -2.90 4.56
CA SER A 56 -16.47 -2.66 5.75
C SER A 56 -15.57 -2.51 6.96
N THR A 57 -16.04 -1.74 7.95
CA THR A 57 -15.27 -1.47 9.16
C THR A 57 -14.13 -0.48 8.87
N VAL A 58 -14.10 0.04 7.65
CA VAL A 58 -13.07 1.01 7.26
C VAL A 58 -13.66 2.42 7.13
N LYS A 59 -12.96 3.39 7.73
CA LYS A 59 -13.41 4.77 7.69
C LYS A 59 -12.93 5.46 6.43
N SER A 60 -11.64 5.38 6.17
CA SER A 60 -11.06 6.00 4.97
C SER A 60 -9.86 5.20 4.49
N VAL A 61 -9.56 5.31 3.20
CA VAL A 61 -8.43 4.60 2.61
C VAL A 61 -7.59 5.54 1.73
N THR A 62 -6.28 5.57 1.97
CA THR A 62 -5.38 6.40 1.20
C THR A 62 -4.26 5.57 0.59
N PHE A 63 -4.00 5.76 -0.69
CA PHE A 63 -2.95 5.03 -1.37
C PHE A 63 -1.64 5.79 -1.29
N SER A 64 -0.67 5.20 -0.62
CA SER A 64 0.63 5.81 -0.48
C SER A 64 1.66 5.09 -1.34
N SER A 65 2.40 5.84 -2.15
CA SER A 65 3.39 5.23 -3.02
C SER A 65 4.53 4.61 -2.20
N LYS A 66 5.25 3.69 -2.82
CA LYS A 66 6.36 3.01 -2.16
C LYS A 66 7.46 4.01 -1.81
N GLU A 67 7.60 5.01 -2.66
CA GLU A 67 8.62 6.01 -2.45
C GLU A 67 8.31 6.76 -1.16
N GLU A 68 7.02 6.97 -0.92
CA GLU A 68 6.58 7.67 0.28
C GLU A 68 6.87 6.83 1.53
N GLN A 69 6.68 5.53 1.41
CA GLN A 69 6.91 4.63 2.52
C GLN A 69 8.39 4.59 2.88
N TYR A 70 9.22 4.57 1.86
CA TYR A 70 10.66 4.54 2.05
C TYR A 70 11.14 5.83 2.71
N GLU A 71 10.60 6.93 2.24
CA GLU A 71 10.98 8.24 2.76
C GLU A 71 10.58 8.36 4.22
N LYS A 72 9.40 7.85 4.53
CA LYS A 72 8.89 7.90 5.89
C LYS A 72 9.75 7.09 6.81
N LEU A 73 10.17 5.92 6.35
CA LEU A 73 11.00 5.04 7.17
C LEU A 73 12.38 5.64 7.38
N THR A 74 12.90 6.28 6.34
CA THR A 74 14.22 6.86 6.41
C THR A 74 14.19 8.11 7.30
N GLU A 75 13.06 8.81 7.29
CA GLU A 75 12.92 10.01 8.08
C GLU A 75 12.90 9.65 9.57
N ILE A 76 12.23 8.55 9.89
CA ILE A 76 12.12 8.11 11.27
C ILE A 76 13.40 7.39 11.71
N MET A 77 14.01 6.64 10.80
CA MET A 77 15.23 5.92 11.10
C MET A 77 16.45 6.85 11.13
N GLY A 78 16.45 7.82 10.23
CA GLY A 78 17.57 8.75 10.13
C GLY A 78 18.38 8.49 8.85
N ASP A 79 19.70 8.54 8.98
CA ASP A 79 20.59 8.32 7.83
C ASP A 79 21.06 6.86 7.81
N ASN A 80 20.35 5.99 8.53
CA ASN A 80 20.72 4.59 8.58
C ASN A 80 19.55 3.71 8.13
N TRP A 81 19.58 2.44 8.50
CA TRP A 81 18.51 1.52 8.11
C TRP A 81 18.50 1.33 6.60
N LYS A 82 18.08 0.14 6.17
CA LYS A 82 18.03 -0.20 4.77
C LYS A 82 19.43 -0.49 4.23
N ILE A 83 20.24 0.56 4.11
CA ILE A 83 21.60 0.42 3.61
C ILE A 83 21.61 -0.23 2.23
N PHE A 84 21.81 0.57 1.20
CA PHE A 84 21.83 0.06 -0.17
C PHE A 84 22.45 1.08 -1.11
N GLU A 85 21.83 2.25 -1.21
CA GLU A 85 22.33 3.30 -2.10
C GLU A 85 21.53 4.59 -1.91
N GLY A 86 20.26 4.44 -1.54
CA GLY A 86 19.39 5.60 -1.33
C GLY A 86 18.35 5.72 -2.45
N ASP A 87 18.68 5.17 -3.62
CA ASP A 87 17.75 5.21 -4.74
C ASP A 87 17.05 3.85 -4.92
N ALA A 88 17.23 2.97 -3.94
CA ALA A 88 16.62 1.64 -3.98
C ALA A 88 15.17 1.70 -3.49
N ASN A 89 14.37 0.71 -3.88
CA ASN A 89 12.98 0.66 -3.47
C ASN A 89 12.65 -0.72 -2.90
N PRO A 90 13.17 -1.02 -1.74
CA PRO A 90 12.92 -2.33 -1.06
C PRO A 90 11.47 -2.52 -0.66
N LEU A 91 10.77 -1.41 -0.42
CA LEU A 91 9.38 -1.45 -0.03
C LEU A 91 8.48 -1.27 -1.26
N TYR A 92 7.18 -1.42 -1.06
CA TYR A 92 6.23 -1.27 -2.15
C TYR A 92 5.12 -0.29 -1.77
N ASP A 93 4.05 -0.30 -2.56
CA ASP A 93 2.91 0.58 -2.31
C ASP A 93 2.22 0.20 -1.01
N ALA A 94 1.66 1.19 -0.34
CA ALA A 94 0.98 0.96 0.91
C ALA A 94 -0.40 1.61 0.90
N TYR A 95 -1.33 0.98 1.58
CA TYR A 95 -2.70 1.50 1.68
C TYR A 95 -2.97 1.91 3.12
N ILE A 96 -3.05 3.20 3.35
CA ILE A 96 -3.30 3.71 4.68
C ILE A 96 -4.80 3.75 4.94
N VAL A 97 -5.29 2.90 5.82
CA VAL A 97 -6.70 2.87 6.11
C VAL A 97 -6.93 3.18 7.58
N GLU A 98 -8.07 3.77 7.85
CA GLU A 98 -8.41 4.10 9.22
C GLU A 98 -9.49 3.14 9.72
N ALA A 99 -9.09 2.24 10.60
CA ALA A 99 -10.03 1.27 11.15
C ALA A 99 -10.97 1.95 12.14
N ASN A 100 -12.19 1.43 12.24
CA ASN A 100 -13.16 2.01 13.16
C ASN A 100 -12.89 1.53 14.57
N ALA A 101 -12.02 2.26 15.27
CA ALA A 101 -11.60 1.98 16.64
C ALA A 101 -10.30 1.20 16.64
N PRO A 102 -9.50 1.29 17.67
CA PRO A 102 -8.20 0.58 17.75
C PRO A 102 -8.38 -0.94 17.75
N ASN A 103 -9.60 -1.40 18.00
CA ASN A 103 -9.87 -2.83 18.03
C ASN A 103 -10.23 -3.37 16.63
N ASP A 104 -10.45 -2.46 15.68
CA ASP A 104 -10.81 -2.86 14.31
C ASP A 104 -9.58 -2.88 13.42
N VAL A 105 -8.49 -2.26 13.87
CA VAL A 105 -7.27 -2.24 13.08
C VAL A 105 -6.85 -3.67 12.77
N LYS A 106 -7.15 -4.56 13.71
CA LYS A 106 -6.82 -5.97 13.54
C LYS A 106 -7.78 -6.62 12.55
N THR A 107 -9.02 -6.18 12.57
CA THR A 107 -10.02 -6.74 11.67
C THR A 107 -9.74 -6.30 10.24
N ILE A 108 -9.34 -5.05 10.09
CA ILE A 108 -9.05 -4.51 8.78
C ILE A 108 -7.84 -5.20 8.18
N ALA A 109 -6.84 -5.44 9.01
CA ALA A 109 -5.64 -6.11 8.52
C ALA A 109 -5.94 -7.53 8.11
N GLU A 110 -6.78 -8.19 8.91
CA GLU A 110 -7.13 -9.57 8.61
C GLU A 110 -7.96 -9.64 7.33
N ASP A 111 -8.87 -8.69 7.20
CA ASP A 111 -9.73 -8.64 6.01
C ASP A 111 -8.91 -8.25 4.78
N ALA A 112 -8.01 -7.32 4.97
CA ALA A 112 -7.15 -6.85 3.89
C ALA A 112 -6.24 -7.97 3.39
N LYS A 113 -5.85 -8.84 4.31
CA LYS A 113 -4.97 -9.97 3.97
C LYS A 113 -5.65 -10.88 2.96
N LYS A 114 -6.97 -10.81 2.88
CA LYS A 114 -7.73 -11.63 1.93
C LYS A 114 -7.81 -10.95 0.56
N ILE A 115 -7.26 -9.75 0.46
CA ILE A 115 -7.29 -9.01 -0.79
C ILE A 115 -6.15 -9.46 -1.69
N GLU A 116 -6.47 -9.77 -2.93
CA GLU A 116 -5.46 -10.22 -3.87
C GLU A 116 -4.43 -9.12 -4.10
N GLY A 117 -3.16 -9.52 -4.19
CA GLY A 117 -2.09 -8.57 -4.41
C GLY A 117 -1.49 -8.09 -3.07
N VAL A 118 -2.11 -8.47 -1.95
CA VAL A 118 -1.62 -8.06 -0.64
C VAL A 118 -0.25 -8.70 -0.38
N SER A 119 0.70 -7.90 0.06
CA SER A 119 2.03 -8.41 0.36
C SER A 119 2.25 -8.48 1.86
N GLU A 120 1.93 -7.40 2.56
CA GLU A 120 2.10 -7.38 4.02
C GLU A 120 1.28 -6.27 4.64
N VAL A 121 0.80 -6.49 5.85
CA VAL A 121 -0.01 -5.48 6.53
C VAL A 121 0.49 -5.24 7.94
N GLN A 122 0.45 -3.99 8.36
CA GLN A 122 0.88 -3.62 9.71
C GLN A 122 -0.06 -2.58 10.32
N ASP A 123 -0.41 -2.78 11.58
CA ASP A 123 -1.31 -1.87 12.26
C ASP A 123 -0.53 -0.77 12.97
N GLY A 124 -1.21 0.35 13.20
CA GLY A 124 -0.58 1.50 13.86
C GLY A 124 0.53 2.09 12.99
N ASN A 15 -5.40 3.72 18.91
CA ASN A 15 -4.29 3.73 17.96
C ASN A 15 -4.76 3.34 16.56
N VAL A 16 -5.91 3.86 16.15
CA VAL A 16 -6.44 3.55 14.83
C VAL A 16 -5.42 3.92 13.77
N ARG A 17 -5.16 2.97 12.86
CA ARG A 17 -4.20 3.17 11.76
C ARG A 17 -3.73 1.82 11.23
N VAL A 18 -4.05 1.52 9.98
CA VAL A 18 -3.64 0.26 9.37
C VAL A 18 -2.98 0.52 8.02
N VAL A 19 -1.86 -0.14 7.79
CA VAL A 19 -1.14 0.02 6.53
C VAL A 19 -1.03 -1.34 5.83
N VAL A 20 -1.54 -1.41 4.59
CA VAL A 20 -1.48 -2.65 3.84
C VAL A 20 -0.53 -2.51 2.66
N TYR A 21 0.54 -3.29 2.68
CA TYR A 21 1.53 -3.26 1.63
C TYR A 21 1.12 -4.21 0.51
N ILE A 22 1.29 -3.76 -0.71
CA ILE A 22 0.93 -4.55 -1.88
C ILE A 22 2.17 -5.10 -2.55
N ARG A 23 2.03 -6.29 -3.14
CA ARG A 23 3.15 -6.92 -3.83
C ARG A 23 3.82 -5.92 -4.75
N LYS A 24 5.17 -5.95 -4.76
CA LYS A 24 5.99 -5.05 -5.57
C LYS A 24 5.14 -3.96 -6.22
N ASP A 25 4.79 -4.13 -7.48
CA ASP A 25 3.96 -3.17 -8.17
C ASP A 25 2.93 -3.90 -9.03
N VAL A 26 1.98 -4.56 -8.37
CA VAL A 26 0.95 -5.29 -9.10
C VAL A 26 -0.12 -4.34 -9.62
N GLU A 27 0.30 -3.31 -10.35
CA GLU A 27 -0.61 -2.33 -10.92
C GLU A 27 -1.29 -1.53 -9.80
N ASP A 28 -2.25 -2.16 -9.12
CA ASP A 28 -2.95 -1.50 -8.02
C ASP A 28 -3.49 -0.13 -8.45
N ASN A 29 -3.39 0.87 -7.58
CA ASN A 29 -3.86 2.21 -7.90
C ASN A 29 -2.77 3.01 -8.58
N SER A 30 -2.00 2.35 -9.45
CA SER A 30 -0.93 3.01 -10.18
C SER A 30 -1.43 3.40 -11.57
N GLN A 31 -0.55 3.39 -12.56
CA GLN A 31 -0.94 3.74 -13.92
C GLN A 31 0.20 3.42 -14.89
N THR A 32 -0.14 2.84 -16.04
CA THR A 32 0.88 2.49 -17.04
C THR A 32 1.89 1.49 -16.44
N ILE A 33 1.93 0.29 -17.01
CA ILE A 33 2.84 -0.74 -16.50
C ILE A 33 3.92 -1.04 -17.51
N GLU A 34 5.14 -1.18 -17.03
CA GLU A 34 6.27 -1.46 -17.91
C GLU A 34 6.38 -2.96 -18.14
N LYS A 35 6.33 -3.34 -19.41
CA LYS A 35 6.40 -4.73 -19.81
C LYS A 35 7.40 -4.92 -20.95
N GLU A 36 7.99 -6.12 -21.03
CA GLU A 36 8.97 -6.41 -22.07
C GLU A 36 8.50 -5.87 -23.42
N GLY A 37 7.18 -5.81 -23.60
CA GLY A 37 6.60 -5.30 -24.84
C GLY A 37 6.29 -3.81 -24.72
N GLN A 38 7.24 -3.05 -24.17
CA GLN A 38 7.07 -1.61 -23.99
C GLN A 38 6.05 -1.33 -22.90
N THR A 39 5.63 -0.06 -22.79
CA THR A 39 4.64 0.33 -21.80
C THR A 39 3.27 -0.19 -22.20
N VAL A 40 2.60 -0.84 -21.25
CA VAL A 40 1.29 -1.40 -21.50
C VAL A 40 0.27 -0.84 -20.52
N THR A 41 -0.91 -0.51 -21.02
CA THR A 41 -1.95 0.05 -20.18
C THR A 41 -2.14 -0.79 -18.92
N ASN A 42 -2.30 -0.12 -17.79
CA ASN A 42 -2.48 -0.80 -16.52
C ASN A 42 -3.90 -1.30 -16.37
N ASN A 43 -4.18 -1.91 -15.22
CA ASN A 43 -5.49 -2.44 -14.95
C ASN A 43 -5.77 -2.40 -13.46
N ASP A 44 -6.96 -2.84 -13.07
CA ASP A 44 -7.36 -2.86 -11.66
C ASP A 44 -7.02 -1.52 -10.98
N TYR A 45 -6.94 -0.45 -11.78
CA TYR A 45 -6.63 0.87 -11.26
C TYR A 45 -7.43 1.15 -9.99
N HIS A 46 -8.71 0.76 -9.99
CA HIS A 46 -9.55 0.96 -8.82
C HIS A 46 -10.17 -0.37 -8.36
N LYS A 47 -9.30 -1.32 -8.00
CA LYS A 47 -9.78 -2.62 -7.54
C LYS A 47 -9.42 -2.85 -6.07
N VAL A 48 -8.15 -2.72 -5.76
CA VAL A 48 -7.68 -2.91 -4.39
C VAL A 48 -8.24 -1.80 -3.50
N TYR A 49 -8.33 -0.60 -4.07
CA TYR A 49 -8.86 0.55 -3.34
C TYR A 49 -10.33 0.34 -3.02
N ASP A 50 -11.07 -0.20 -3.99
CA ASP A 50 -12.50 -0.44 -3.81
C ASP A 50 -12.73 -1.45 -2.69
N SER A 51 -11.90 -2.48 -2.67
CA SER A 51 -12.02 -3.52 -1.64
C SER A 51 -11.72 -2.94 -0.26
N LEU A 52 -10.77 -2.02 -0.21
CA LEU A 52 -10.40 -1.39 1.05
C LEU A 52 -11.38 -0.29 1.41
N LYS A 53 -12.17 0.16 0.43
CA LYS A 53 -13.13 1.22 0.68
C LYS A 53 -14.50 0.66 1.04
N ASN A 54 -14.82 -0.49 0.48
CA ASN A 54 -16.10 -1.14 0.75
C ASN A 54 -15.98 -2.15 1.87
N MET A 55 -14.81 -2.19 2.51
CA MET A 55 -14.58 -3.13 3.60
C MET A 55 -15.66 -3.03 4.66
N SER A 56 -16.39 -1.90 4.67
CA SER A 56 -17.46 -1.67 5.65
C SER A 56 -16.89 -1.24 6.99
N THR A 57 -15.91 -1.97 7.50
CA THR A 57 -15.30 -1.65 8.78
C THR A 57 -14.20 -0.59 8.62
N VAL A 58 -14.27 0.17 7.53
CA VAL A 58 -13.28 1.21 7.26
C VAL A 58 -13.93 2.58 7.20
N LYS A 59 -13.16 3.59 7.58
CA LYS A 59 -13.65 4.96 7.57
C LYS A 59 -13.06 5.75 6.42
N SER A 60 -11.81 5.41 6.07
CA SER A 60 -11.13 6.10 4.99
C SER A 60 -9.91 5.31 4.53
N VAL A 61 -9.59 5.41 3.24
CA VAL A 61 -8.44 4.71 2.69
C VAL A 61 -7.59 5.64 1.82
N THR A 62 -6.29 5.67 2.11
CA THR A 62 -5.36 6.50 1.35
C THR A 62 -4.29 5.63 0.72
N PHE A 63 -4.14 5.73 -0.59
CA PHE A 63 -3.14 4.94 -1.29
C PHE A 63 -1.80 5.65 -1.26
N SER A 64 -0.83 5.04 -0.60
CA SER A 64 0.50 5.62 -0.49
C SER A 64 1.43 4.93 -1.48
N SER A 65 1.88 5.67 -2.49
CA SER A 65 2.77 5.11 -3.50
C SER A 65 4.12 4.76 -2.88
N LYS A 66 4.87 3.90 -3.56
CA LYS A 66 6.17 3.48 -3.07
C LYS A 66 7.13 4.67 -3.02
N GLU A 67 6.92 5.60 -3.93
CA GLU A 67 7.75 6.79 -3.98
C GLU A 67 7.52 7.63 -2.73
N GLU A 68 6.26 7.69 -2.30
CA GLU A 68 5.91 8.45 -1.11
C GLU A 68 6.50 7.81 0.13
N GLN A 69 6.44 6.48 0.18
CA GLN A 69 6.97 5.74 1.31
C GLN A 69 8.49 5.87 1.39
N TYR A 70 9.12 5.86 0.22
CA TYR A 70 10.58 5.97 0.15
C TYR A 70 11.01 7.36 0.60
N GLU A 71 10.21 8.36 0.25
CA GLU A 71 10.52 9.74 0.62
C GLU A 71 10.50 9.88 2.13
N LYS A 72 9.55 9.21 2.77
CA LYS A 72 9.43 9.27 4.22
C LYS A 72 10.65 8.61 4.88
N LEU A 73 11.11 7.52 4.28
CA LEU A 73 12.27 6.80 4.81
C LEU A 73 13.53 7.64 4.65
N THR A 74 13.62 8.35 3.53
CA THR A 74 14.78 9.19 3.26
C THR A 74 14.82 10.37 4.20
N GLU A 75 13.64 10.86 4.56
CA GLU A 75 13.55 12.01 5.47
C GLU A 75 14.02 11.61 6.86
N ILE A 76 13.67 10.39 7.26
CA ILE A 76 14.04 9.89 8.59
C ILE A 76 15.46 9.29 8.57
N MET A 77 15.87 8.75 7.44
CA MET A 77 17.20 8.16 7.30
C MET A 77 18.18 9.19 6.74
N GLY A 78 17.98 9.56 5.48
CA GLY A 78 18.83 10.55 4.84
C GLY A 78 18.42 10.76 3.39
N ASP A 79 18.94 11.83 2.79
CA ASP A 79 18.63 12.13 1.39
C ASP A 79 19.62 11.45 0.46
N ASN A 80 20.46 10.58 1.02
CA ASN A 80 21.45 9.87 0.22
C ASN A 80 21.60 8.43 0.72
N TRP A 81 20.51 7.87 1.22
CA TRP A 81 20.55 6.50 1.73
C TRP A 81 19.90 5.54 0.73
N LYS A 82 19.22 6.10 -0.27
CA LYS A 82 18.56 5.28 -1.29
C LYS A 82 19.52 4.95 -2.43
N ILE A 83 19.43 3.73 -2.93
CA ILE A 83 20.29 3.30 -4.02
C ILE A 83 19.66 2.14 -4.78
N PHE A 84 19.70 2.21 -6.10
CA PHE A 84 19.13 1.16 -6.94
C PHE A 84 19.28 1.49 -8.43
N GLU A 85 20.30 2.29 -8.76
CA GLU A 85 20.55 2.69 -10.14
C GLU A 85 19.39 3.56 -10.65
N GLY A 86 18.31 2.92 -11.07
CA GLY A 86 17.14 3.65 -11.58
C GLY A 86 15.89 3.28 -10.78
N ASP A 87 15.16 2.30 -11.28
CA ASP A 87 13.94 1.84 -10.62
C ASP A 87 14.27 0.74 -9.61
N ALA A 88 13.24 0.02 -9.17
CA ALA A 88 13.42 -1.06 -8.21
C ALA A 88 13.74 -0.51 -6.83
N ASN A 89 13.04 -1.01 -5.83
CA ASN A 89 13.24 -0.56 -4.47
C ASN A 89 12.68 -1.58 -3.47
N PRO A 90 13.21 -1.60 -2.27
CA PRO A 90 12.74 -2.53 -1.20
C PRO A 90 11.33 -2.21 -0.73
N LEU A 91 10.83 -1.03 -1.09
CA LEU A 91 9.50 -0.61 -0.69
C LEU A 91 8.52 -0.76 -1.84
N TYR A 92 7.24 -0.95 -1.51
CA TYR A 92 6.21 -1.10 -2.52
C TYR A 92 5.00 -0.24 -2.17
N ASP A 93 3.92 -0.43 -2.92
CA ASP A 93 2.70 0.32 -2.68
C ASP A 93 2.13 0.03 -1.29
N ALA A 94 1.56 1.05 -0.65
CA ALA A 94 0.99 0.90 0.68
C ALA A 94 -0.42 1.47 0.72
N TYR A 95 -1.26 0.89 1.54
CA TYR A 95 -2.64 1.32 1.69
C TYR A 95 -2.93 1.73 3.12
N ILE A 96 -3.14 3.01 3.35
CA ILE A 96 -3.43 3.49 4.68
C ILE A 96 -4.94 3.46 4.91
N VAL A 97 -5.38 2.55 5.77
CA VAL A 97 -6.81 2.40 6.04
C VAL A 97 -7.12 2.73 7.48
N GLU A 98 -8.24 3.41 7.69
CA GLU A 98 -8.66 3.77 9.03
C GLU A 98 -9.73 2.81 9.50
N ALA A 99 -9.36 1.91 10.41
CA ALA A 99 -10.29 0.93 10.92
C ALA A 99 -11.25 1.57 11.92
N ASN A 100 -12.44 1.01 12.02
CA ASN A 100 -13.44 1.53 12.94
C ASN A 100 -13.13 1.07 14.36
N ALA A 101 -12.34 1.87 15.06
CA ALA A 101 -11.94 1.60 16.45
C ALA A 101 -10.60 0.87 16.46
N PRO A 102 -9.83 1.02 17.52
CA PRO A 102 -8.50 0.36 17.64
C PRO A 102 -8.59 -1.15 17.59
N ASN A 103 -9.78 -1.68 17.87
CA ASN A 103 -9.97 -3.12 17.87
C ASN A 103 -10.29 -3.66 16.48
N ASP A 104 -10.48 -2.75 15.52
CA ASP A 104 -10.78 -3.15 14.15
C ASP A 104 -9.55 -3.07 13.28
N VAL A 105 -8.52 -2.37 13.74
CA VAL A 105 -7.29 -2.23 12.98
C VAL A 105 -6.71 -3.59 12.67
N LYS A 106 -6.87 -4.51 13.60
CA LYS A 106 -6.36 -5.87 13.41
C LYS A 106 -7.23 -6.65 12.44
N THR A 107 -8.53 -6.34 12.45
CA THR A 107 -9.47 -7.01 11.57
C THR A 107 -9.27 -6.56 10.14
N ILE A 108 -9.01 -5.27 9.96
CA ILE A 108 -8.81 -4.71 8.64
C ILE A 108 -7.57 -5.28 8.01
N ALA A 109 -6.51 -5.43 8.80
CA ALA A 109 -5.27 -5.97 8.29
C ALA A 109 -5.47 -7.40 7.82
N GLU A 110 -6.23 -8.16 8.61
CA GLU A 110 -6.50 -9.56 8.28
C GLU A 110 -7.39 -9.67 7.05
N ASP A 111 -8.35 -8.77 6.95
CA ASP A 111 -9.27 -8.76 5.82
C ASP A 111 -8.54 -8.34 4.54
N ALA A 112 -7.62 -7.39 4.69
CA ALA A 112 -6.87 -6.89 3.55
C ALA A 112 -6.04 -8.01 2.93
N LYS A 113 -5.53 -8.89 3.78
CA LYS A 113 -4.71 -10.00 3.30
C LYS A 113 -5.54 -10.92 2.39
N LYS A 114 -6.86 -10.80 2.48
CA LYS A 114 -7.75 -11.63 1.69
C LYS A 114 -8.30 -10.86 0.48
N ILE A 115 -7.79 -9.65 0.25
CA ILE A 115 -8.26 -8.83 -0.87
C ILE A 115 -7.63 -9.28 -2.18
N GLU A 116 -6.31 -9.13 -2.28
CA GLU A 116 -5.61 -9.50 -3.49
C GLU A 116 -4.24 -10.11 -3.17
N GLY A 117 -3.22 -9.25 -3.08
CA GLY A 117 -1.87 -9.72 -2.77
C GLY A 117 -1.16 -8.76 -1.84
N VAL A 118 -1.48 -8.83 -0.56
CA VAL A 118 -0.87 -7.96 0.42
C VAL A 118 0.49 -8.51 0.83
N SER A 119 1.55 -7.83 0.40
CA SER A 119 2.91 -8.27 0.73
C SER A 119 3.15 -8.17 2.23
N GLU A 120 2.65 -7.11 2.85
CA GLU A 120 2.83 -6.92 4.28
C GLU A 120 1.67 -6.14 4.87
N VAL A 121 1.45 -6.31 6.16
CA VAL A 121 0.36 -5.59 6.82
C VAL A 121 0.82 -5.15 8.22
N GLN A 122 0.73 -3.85 8.47
CA GLN A 122 1.13 -3.31 9.76
C GLN A 122 -0.02 -2.54 10.42
N ASP A 123 -0.32 -2.89 11.66
CA ASP A 123 -1.41 -2.23 12.38
C ASP A 123 -0.84 -1.24 13.40
N GLY A 124 -0.90 0.04 13.06
CA GLY A 124 -0.39 1.09 13.95
C GLY A 124 1.13 1.19 13.85
N ASN A 15 -4.97 5.28 17.92
CA ASN A 15 -6.30 4.70 17.83
C ASN A 15 -6.36 3.66 16.71
N VAL A 16 -6.16 4.11 15.48
CA VAL A 16 -6.20 3.21 14.34
C VAL A 16 -4.97 3.45 13.45
N ARG A 17 -4.66 2.47 12.61
CA ARG A 17 -3.51 2.58 11.70
C ARG A 17 -3.21 1.23 11.06
N VAL A 18 -3.72 1.02 9.85
CA VAL A 18 -3.47 -0.22 9.13
C VAL A 18 -2.79 0.07 7.81
N VAL A 19 -1.66 -0.57 7.58
CA VAL A 19 -0.92 -0.36 6.34
C VAL A 19 -0.93 -1.63 5.49
N VAL A 20 -1.47 -1.54 4.29
CA VAL A 20 -1.52 -2.70 3.41
C VAL A 20 -0.54 -2.51 2.25
N TYR A 21 0.50 -3.32 2.23
CA TYR A 21 1.51 -3.26 1.19
C TYR A 21 1.07 -4.08 -0.01
N ILE A 22 1.22 -3.49 -1.17
CA ILE A 22 0.84 -4.13 -2.44
C ILE A 22 2.08 -4.49 -3.24
N ARG A 23 2.03 -5.65 -3.89
CA ARG A 23 3.15 -6.12 -4.70
C ARG A 23 3.65 -5.01 -5.63
N LYS A 24 4.85 -5.19 -6.15
CA LYS A 24 5.45 -4.21 -7.05
C LYS A 24 5.13 -4.52 -8.51
N ASP A 25 4.62 -5.71 -8.76
CA ASP A 25 4.27 -6.10 -10.12
C ASP A 25 2.88 -5.58 -10.50
N VAL A 26 2.29 -4.76 -9.62
CA VAL A 26 0.98 -4.20 -9.88
C VAL A 26 0.93 -2.73 -9.47
N GLU A 27 0.35 -1.90 -10.33
CA GLU A 27 0.26 -0.48 -10.04
C GLU A 27 -1.20 -0.07 -9.82
N ASP A 28 -1.63 -0.11 -8.56
CA ASP A 28 -2.99 0.25 -8.23
C ASP A 28 -3.28 1.71 -8.59
N ASN A 29 -2.66 2.64 -7.86
CA ASN A 29 -2.87 4.06 -8.12
C ASN A 29 -1.75 4.62 -8.98
N SER A 30 -1.68 4.19 -10.22
CA SER A 30 -0.67 4.67 -11.14
C SER A 30 -1.07 4.41 -12.58
N GLN A 31 -1.68 3.24 -12.81
CA GLN A 31 -2.13 2.88 -14.15
C GLN A 31 -0.93 2.76 -15.10
N THR A 32 -1.03 1.82 -16.04
CA THR A 32 0.05 1.61 -17.00
C THR A 32 1.34 1.15 -16.29
N ILE A 33 1.87 0.02 -16.76
CA ILE A 33 3.08 -0.54 -16.18
C ILE A 33 4.14 -0.73 -17.25
N GLU A 34 5.39 -0.44 -16.90
CA GLU A 34 6.50 -0.58 -17.84
C GLU A 34 7.02 -2.01 -17.82
N LYS A 35 6.84 -2.69 -18.94
CA LYS A 35 7.29 -4.08 -19.08
C LYS A 35 8.04 -4.29 -20.39
N GLU A 36 9.14 -5.01 -20.31
CA GLU A 36 9.95 -5.30 -21.49
C GLU A 36 10.40 -4.00 -22.16
N GLY A 37 10.53 -2.95 -21.36
CA GLY A 37 10.95 -1.65 -21.89
C GLY A 37 9.83 -0.99 -22.69
N GLN A 38 8.60 -1.47 -22.50
CA GLN A 38 7.46 -0.92 -23.21
C GLN A 38 6.32 -0.59 -22.23
N THR A 39 5.66 0.53 -22.48
CA THR A 39 4.57 0.96 -21.61
C THR A 39 3.25 0.34 -22.06
N VAL A 40 2.63 -0.41 -21.17
CA VAL A 40 1.37 -1.07 -21.45
C VAL A 40 0.40 -0.86 -20.31
N THR A 41 -0.88 -0.99 -20.60
CA THR A 41 -1.91 -0.81 -19.59
C THR A 41 -1.72 -1.78 -18.43
N ASN A 42 -2.09 -1.33 -17.23
CA ASN A 42 -1.95 -2.15 -16.04
C ASN A 42 -3.12 -3.13 -15.88
N ASN A 43 -4.31 -2.66 -16.24
CA ASN A 43 -5.53 -3.48 -16.12
C ASN A 43 -5.87 -3.72 -14.65
N ASP A 44 -5.10 -3.12 -13.74
CA ASP A 44 -5.34 -3.29 -12.32
C ASP A 44 -5.11 -1.95 -11.60
N TYR A 45 -6.04 -1.02 -11.79
CA TYR A 45 -5.91 0.30 -11.18
C TYR A 45 -6.54 0.36 -9.80
N HIS A 46 -7.87 0.27 -9.74
CA HIS A 46 -8.58 0.34 -8.47
C HIS A 46 -9.18 -1.02 -8.10
N LYS A 47 -8.39 -1.84 -7.43
CA LYS A 47 -8.87 -3.15 -7.01
C LYS A 47 -8.73 -3.30 -5.50
N VAL A 48 -7.56 -2.97 -5.00
CA VAL A 48 -7.30 -3.04 -3.57
C VAL A 48 -8.06 -1.93 -2.87
N TYR A 49 -8.10 -0.78 -3.51
CA TYR A 49 -8.78 0.37 -2.93
C TYR A 49 -10.26 0.09 -2.81
N ASP A 50 -10.82 -0.55 -3.81
CA ASP A 50 -12.24 -0.86 -3.81
C ASP A 50 -12.56 -1.85 -2.69
N SER A 51 -11.69 -2.84 -2.54
CA SER A 51 -11.90 -3.84 -1.50
C SER A 51 -11.77 -3.21 -0.12
N LEU A 52 -10.77 -2.35 0.01
CA LEU A 52 -10.53 -1.68 1.29
C LEU A 52 -11.64 -0.68 1.58
N LYS A 53 -12.33 -0.23 0.53
CA LYS A 53 -13.43 0.72 0.68
C LYS A 53 -14.74 0.02 0.97
N ASN A 54 -14.89 -1.18 0.42
CA ASN A 54 -16.12 -1.95 0.62
C ASN A 54 -16.02 -2.82 1.87
N MET A 55 -14.86 -2.83 2.51
CA MET A 55 -14.68 -3.62 3.73
C MET A 55 -15.79 -3.35 4.75
N SER A 56 -16.48 -2.22 4.61
CA SER A 56 -17.57 -1.83 5.54
C SER A 56 -17.00 -1.26 6.84
N THR A 57 -16.06 -1.97 7.43
CA THR A 57 -15.45 -1.54 8.68
C THR A 57 -14.34 -0.50 8.41
N VAL A 58 -14.28 0.00 7.19
CA VAL A 58 -13.27 0.98 6.82
C VAL A 58 -13.82 2.40 6.88
N LYS A 59 -12.98 3.32 7.35
CA LYS A 59 -13.40 4.71 7.44
C LYS A 59 -12.77 5.53 6.32
N SER A 60 -11.51 5.24 6.02
CA SER A 60 -10.79 5.96 4.97
C SER A 60 -9.58 5.16 4.51
N VAL A 61 -9.23 5.30 3.23
CA VAL A 61 -8.09 4.60 2.69
C VAL A 61 -7.16 5.59 1.97
N THR A 62 -5.89 5.58 2.35
CA THR A 62 -4.90 6.48 1.78
C THR A 62 -3.83 5.67 1.04
N PHE A 63 -3.54 6.08 -0.18
CA PHE A 63 -2.56 5.42 -1.00
C PHE A 63 -1.19 6.04 -0.74
N SER A 64 -0.23 5.22 -0.37
CA SER A 64 1.12 5.74 -0.10
C SER A 64 2.11 5.21 -1.13
N SER A 65 2.29 5.94 -2.22
CA SER A 65 3.21 5.52 -3.28
C SER A 65 4.54 5.10 -2.69
N LYS A 66 5.12 4.06 -3.28
CA LYS A 66 6.39 3.53 -2.82
C LYS A 66 7.48 4.58 -2.91
N GLU A 67 7.43 5.34 -3.97
CA GLU A 67 8.41 6.40 -4.18
C GLU A 67 8.21 7.49 -3.13
N GLU A 68 6.95 7.83 -2.89
CA GLU A 68 6.63 8.86 -1.91
C GLU A 68 6.95 8.39 -0.50
N GLN A 69 6.68 7.11 -0.26
CA GLN A 69 6.92 6.50 1.04
C GLN A 69 8.41 6.50 1.34
N TYR A 70 9.19 6.21 0.31
CA TYR A 70 10.64 6.18 0.48
C TYR A 70 11.14 7.55 0.88
N GLU A 71 10.60 8.58 0.24
CA GLU A 71 11.00 9.94 0.54
C GLU A 71 10.61 10.31 1.96
N LYS A 72 9.44 9.86 2.37
CA LYS A 72 8.95 10.13 3.71
C LYS A 72 9.82 9.44 4.75
N LEU A 73 10.24 8.23 4.43
CA LEU A 73 11.08 7.46 5.35
C LEU A 73 12.45 8.11 5.50
N THR A 74 12.95 8.68 4.42
CA THR A 74 14.25 9.32 4.44
C THR A 74 14.20 10.61 5.26
N GLU A 75 13.05 11.29 5.19
CA GLU A 75 12.88 12.53 5.93
C GLU A 75 12.83 12.28 7.43
N ILE A 76 12.16 11.19 7.81
CA ILE A 76 12.05 10.84 9.22
C ILE A 76 13.33 10.21 9.75
N MET A 77 14.09 9.58 8.87
CA MET A 77 15.34 8.94 9.29
C MET A 77 16.51 9.89 9.05
N GLY A 78 16.88 10.07 7.79
CA GLY A 78 17.98 10.95 7.44
C GLY A 78 18.41 10.74 5.98
N ASP A 79 19.54 11.34 5.62
CA ASP A 79 20.05 11.23 4.26
C ASP A 79 20.71 9.87 4.04
N ASN A 80 20.27 9.16 2.99
CA ASN A 80 20.84 7.85 2.69
C ASN A 80 20.73 6.91 3.89
N TRP A 81 19.50 6.71 4.36
CA TRP A 81 19.27 5.82 5.50
C TRP A 81 19.01 4.38 5.03
N LYS A 82 18.67 4.23 3.75
CA LYS A 82 18.40 2.92 3.19
C LYS A 82 19.11 2.73 1.85
N ILE A 83 18.88 1.59 1.21
CA ILE A 83 19.49 1.30 -0.08
C ILE A 83 18.46 0.78 -1.05
N PHE A 84 18.77 0.90 -2.33
CA PHE A 84 17.86 0.45 -3.38
C PHE A 84 18.51 -0.63 -4.24
N GLU A 85 18.81 -1.77 -3.62
CA GLU A 85 19.41 -2.87 -4.34
C GLU A 85 18.37 -3.60 -5.19
N GLY A 86 17.10 -3.39 -4.87
CA GLY A 86 16.01 -4.04 -5.61
C GLY A 86 15.79 -3.35 -6.95
N ASP A 87 14.57 -3.50 -7.49
CA ASP A 87 14.24 -2.90 -8.77
C ASP A 87 14.40 -1.38 -8.72
N ALA A 88 13.98 -0.78 -7.60
CA ALA A 88 14.08 0.66 -7.44
C ALA A 88 13.80 1.06 -6.00
N ASN A 89 12.54 1.00 -5.59
CA ASN A 89 12.16 1.36 -4.24
C ASN A 89 11.72 0.12 -3.44
N PRO A 90 12.21 -0.04 -2.24
CA PRO A 90 11.85 -1.20 -1.37
C PRO A 90 10.41 -1.12 -0.86
N LEU A 91 9.88 0.10 -0.82
CA LEU A 91 8.53 0.31 -0.34
C LEU A 91 7.51 -0.04 -1.44
N TYR A 92 6.25 -0.12 -1.04
CA TYR A 92 5.19 -0.46 -1.98
C TYR A 92 4.12 0.62 -1.99
N ASP A 93 3.03 0.37 -2.71
CA ASP A 93 1.94 1.32 -2.83
C ASP A 93 1.40 1.74 -1.48
N ALA A 94 1.62 0.89 -0.48
CA ALA A 94 1.18 1.09 0.89
C ALA A 94 -0.24 1.65 0.97
N TYR A 95 -1.11 0.98 1.69
CA TYR A 95 -2.48 1.46 1.82
C TYR A 95 -2.79 1.71 3.28
N ILE A 96 -2.87 2.97 3.65
CA ILE A 96 -3.16 3.32 5.03
C ILE A 96 -4.68 3.36 5.22
N VAL A 97 -5.21 2.38 5.92
CA VAL A 97 -6.63 2.30 6.17
C VAL A 97 -6.95 2.67 7.61
N GLU A 98 -8.03 3.42 7.76
CA GLU A 98 -8.47 3.84 9.08
C GLU A 98 -9.66 3.01 9.54
N ALA A 99 -9.42 2.17 10.53
CA ALA A 99 -10.47 1.32 11.06
C ALA A 99 -11.52 2.16 11.77
N ASN A 100 -12.78 1.69 11.73
CA ASN A 100 -13.86 2.42 12.37
C ASN A 100 -13.57 2.61 13.85
N ALA A 101 -13.01 1.59 14.47
CA ALA A 101 -12.68 1.67 15.89
C ALA A 101 -11.26 1.16 16.15
N PRO A 102 -10.68 1.56 17.25
CA PRO A 102 -9.30 1.12 17.63
C PRO A 102 -9.21 -0.39 17.85
N ASN A 103 -10.37 -1.03 17.94
CA ASN A 103 -10.41 -2.48 18.14
C ASN A 103 -10.66 -3.21 16.81
N ASP A 104 -10.88 -2.44 15.73
CA ASP A 104 -11.14 -3.00 14.41
C ASP A 104 -9.87 -3.06 13.58
N VAL A 105 -8.85 -2.33 14.01
CA VAL A 105 -7.57 -2.31 13.29
C VAL A 105 -7.10 -3.72 13.07
N LYS A 106 -7.39 -4.56 14.05
CA LYS A 106 -6.99 -5.96 13.95
C LYS A 106 -7.83 -6.69 12.91
N THR A 107 -9.10 -6.30 12.83
CA THR A 107 -10.01 -6.92 11.89
C THR A 107 -9.69 -6.47 10.46
N ILE A 108 -9.36 -5.20 10.33
CA ILE A 108 -9.05 -4.63 9.03
C ILE A 108 -7.77 -5.24 8.48
N ALA A 109 -6.78 -5.40 9.34
CA ALA A 109 -5.51 -5.97 8.92
C ALA A 109 -5.69 -7.42 8.47
N GLU A 110 -6.53 -8.14 9.20
CA GLU A 110 -6.76 -9.55 8.88
C GLU A 110 -7.56 -9.67 7.59
N ASP A 111 -8.39 -8.68 7.32
CA ASP A 111 -9.21 -8.67 6.11
C ASP A 111 -8.35 -8.33 4.89
N ALA A 112 -7.42 -7.39 5.08
CA ALA A 112 -6.55 -6.96 4.00
C ALA A 112 -5.58 -8.07 3.61
N LYS A 113 -5.28 -8.94 4.56
CA LYS A 113 -4.36 -10.05 4.32
C LYS A 113 -4.93 -10.98 3.25
N LYS A 114 -6.24 -10.95 3.09
CA LYS A 114 -6.90 -11.79 2.08
C LYS A 114 -7.35 -10.98 0.87
N ILE A 115 -6.96 -9.70 0.83
CA ILE A 115 -7.34 -8.83 -0.28
C ILE A 115 -6.38 -9.01 -1.46
N GLU A 116 -6.95 -9.16 -2.65
CA GLU A 116 -6.19 -9.33 -3.88
C GLU A 116 -4.88 -10.11 -3.63
N GLY A 117 -3.74 -9.57 -4.10
CA GLY A 117 -2.46 -10.23 -3.90
C GLY A 117 -1.58 -9.41 -2.96
N VAL A 118 -2.19 -8.85 -1.90
CA VAL A 118 -1.46 -8.03 -0.94
C VAL A 118 -0.11 -8.66 -0.60
N SER A 119 0.93 -7.84 -0.58
CA SER A 119 2.26 -8.32 -0.26
C SER A 119 2.42 -8.55 1.24
N GLU A 120 1.97 -7.57 2.03
CA GLU A 120 2.07 -7.67 3.49
C GLU A 120 1.25 -6.58 4.17
N VAL A 121 0.73 -6.89 5.35
CA VAL A 121 -0.08 -5.93 6.10
C VAL A 121 0.56 -5.64 7.46
N GLN A 122 0.73 -4.36 7.76
CA GLN A 122 1.31 -3.93 9.02
C GLN A 122 0.29 -3.15 9.83
N ASP A 123 -0.04 -3.65 11.01
CA ASP A 123 -0.98 -2.96 11.88
C ASP A 123 -0.22 -2.13 12.93
N GLY A 124 -0.87 -1.11 13.45
CA GLY A 124 -0.24 -0.24 14.45
C GLY A 124 0.11 -1.04 15.70
#